data_3ILI
# 
_entry.id   3ILI 
# 
_audit_conform.dict_name       mmcif_pdbx.dic 
_audit_conform.dict_version    5.378 
_audit_conform.dict_location   http://mmcif.pdb.org/dictionaries/ascii/mmcif_pdbx.dic 
# 
loop_
_database_2.database_id 
_database_2.database_code 
_database_2.pdbx_database_accession 
_database_2.pdbx_DOI 
PDB   3ILI         pdb_00003ili 10.2210/pdb3ili/pdb 
RCSB  RCSB054560   ?            ?                   
WWPDB D_1000054560 ?            ?                   
# 
loop_
_pdbx_database_related.db_name 
_pdbx_database_related.db_id 
_pdbx_database_related.details 
_pdbx_database_related.content_type 
PDB 1HKA 'Crystal structure of E. coli HPPK' unspecified 
PDB 3ILJ .                                   unspecified 
PDB 3ILL .                                   unspecified 
PDB 3ILO .                                   unspecified 
# 
_pdbx_database_status.entry_id                        3ILI 
_pdbx_database_status.status_code                     REL 
_pdbx_database_status.deposit_site                    RCSB 
_pdbx_database_status.process_site                    RCSB 
_pdbx_database_status.recvd_initial_deposition_date   2009-08-07 
_pdbx_database_status.status_code_sf                  REL 
_pdbx_database_status.status_code_mr                  ? 
_pdbx_database_status.SG_entry                        ? 
_pdbx_database_status.pdb_format_compatible           Y 
_pdbx_database_status.status_code_cs                  ? 
_pdbx_database_status.methods_development_category    ? 
_pdbx_database_status.status_code_nmr_data            ? 
# 
loop_
_audit_author.name 
_audit_author.pdbx_ordinal 
_audit_author.identifier_ORCID 
'Blaszczyk, J.' 1 ?                   
'Li, Y.'        2 ?                   
'Yan, H.'       3 ?                   
'Ji, X.'        4 0000-0001-6942-1514 
# 
loop_
_citation.id 
_citation.title 
_citation.journal_abbrev 
_citation.journal_volume 
_citation.page_first 
_citation.page_last 
_citation.year 
_citation.journal_id_ASTM 
_citation.country 
_citation.journal_id_ISSN 
_citation.journal_id_CSD 
_citation.book_publisher 
_citation.pdbx_database_id_PubMed 
_citation.pdbx_database_id_DOI 
primary 'Structural and functional roles of residues D95 and D97 in E. coli HPPK' 'To be Published' ? ?   ?   ?    ?      ?  ? 
0353 ? ?        ? 
1       
;Crystal structure of 6-hydroxymethyl-7,8-dihydropterin pyrophosphokinase, a potential target for the development of novel antimicrobial agents
;
Structure         7 489 496 1999 STRUE6 UK 0969-2126 2005 ? 10378268 ? 
# 
loop_
_citation_author.citation_id 
_citation_author.name 
_citation_author.ordinal 
_citation_author.identifier_ORCID 
primary 'Li, Y.'        1 ?                   
primary 'Blaszczyk, J.' 2 ?                   
primary 'Ji, X.'        3 0000-0001-6942-1514 
primary 'Yan, H.'       4 ?                   
1       'Xiao, B.'      5 ?                   
1       'Shi, G.'       6 ?                   
1       'Chen, X.'      7 ?                   
1       'Yan, H.'       8 ?                   
1       'Ji, X.'        9 ?                   
# 
_cell.length_a           36.21 
_cell.length_b           52.25 
_cell.length_c           41.51 
_cell.angle_alpha        90.00 
_cell.angle_beta         110.77 
_cell.angle_gamma        90.00 
_cell.entry_id           3ILI 
_cell.pdbx_unique_axis   ? 
_cell.Z_PDB              2 
_cell.length_a_esd       ? 
_cell.length_b_esd       ? 
_cell.length_c_esd       ? 
_cell.angle_alpha_esd    ? 
_cell.angle_beta_esd     ? 
_cell.angle_gamma_esd    ? 
# 
_symmetry.space_group_name_H-M             'P 1 21 1' 
_symmetry.entry_id                         3ILI 
_symmetry.Int_Tables_number                4 
_symmetry.pdbx_full_space_group_name_H-M   ? 
_symmetry.cell_setting                     ? 
_symmetry.space_group_name_Hall            ? 
# 
loop_
_entity.id 
_entity.type 
_entity.src_method 
_entity.pdbx_description 
_entity.formula_weight 
_entity.pdbx_number_of_molecules 
_entity.pdbx_ec 
_entity.pdbx_mutation 
_entity.pdbx_fragment 
_entity.details 
1 polymer     man '2-amino-4-hydroxy-6-hydroxymethyldihydropteridine pyrophosphokinase' 17922.523 1   2.7.6.3 D95A ? ? 
2 non-polymer syn 'CHLORIDE ION'                                                        35.453    1   ?       ?    ? ? 
3 non-polymer syn 2-AMINO-2-HYDROXYMETHYL-PROPANE-1,3-DIOL                              122.143   1   ?       ?    ? ? 
4 non-polymer syn 'ACETATE ION'                                                         59.044    1   ?       ?    ? ? 
5 water       nat water                                                                 18.015    293 ?       ?    ? ? 
# 
_entity_name_com.entity_id   1 
_entity_name_com.name        
'7,8-dihydro-6-hydroxymethylpterin-pyrophosphokinase, HPPK, 6-hydroxymethyl-7,8-dihydropterin pyrophosphokinase, PPPK' 
# 
_entity_poly.entity_id                      1 
_entity_poly.type                           'polypeptide(L)' 
_entity_poly.nstd_linkage                   no 
_entity_poly.nstd_monomer                   no 
_entity_poly.pdbx_seq_one_letter_code       
;TVAYIAIGSNLASPLEQVNAALKALGDIPESHILTVSSFYRTPPLGPQDQPDYLNAAVALETSLAPEELLNHTQRIELQQ
GRVRKAERWGPRTLALDIMLFGNEVINTERLTVPHYDMKNRGFMLWPLFEIAPELVFPDGEMLRQILHTRAFDKLNKW
;
_entity_poly.pdbx_seq_one_letter_code_can   
;TVAYIAIGSNLASPLEQVNAALKALGDIPESHILTVSSFYRTPPLGPQDQPDYLNAAVALETSLAPEELLNHTQRIELQQ
GRVRKAERWGPRTLALDIMLFGNEVINTERLTVPHYDMKNRGFMLWPLFEIAPELVFPDGEMLRQILHTRAFDKLNKW
;
_entity_poly.pdbx_strand_id                 A 
_entity_poly.pdbx_target_identifier         ? 
# 
loop_
_entity_poly_seq.entity_id 
_entity_poly_seq.num 
_entity_poly_seq.mon_id 
_entity_poly_seq.hetero 
1 1   THR n 
1 2   VAL n 
1 3   ALA n 
1 4   TYR n 
1 5   ILE n 
1 6   ALA n 
1 7   ILE n 
1 8   GLY n 
1 9   SER n 
1 10  ASN n 
1 11  LEU n 
1 12  ALA n 
1 13  SER n 
1 14  PRO n 
1 15  LEU n 
1 16  GLU n 
1 17  GLN n 
1 18  VAL n 
1 19  ASN n 
1 20  ALA n 
1 21  ALA n 
1 22  LEU n 
1 23  LYS n 
1 24  ALA n 
1 25  LEU n 
1 26  GLY n 
1 27  ASP n 
1 28  ILE n 
1 29  PRO n 
1 30  GLU n 
1 31  SER n 
1 32  HIS n 
1 33  ILE n 
1 34  LEU n 
1 35  THR n 
1 36  VAL n 
1 37  SER n 
1 38  SER n 
1 39  PHE n 
1 40  TYR n 
1 41  ARG n 
1 42  THR n 
1 43  PRO n 
1 44  PRO n 
1 45  LEU n 
1 46  GLY n 
1 47  PRO n 
1 48  GLN n 
1 49  ASP n 
1 50  GLN n 
1 51  PRO n 
1 52  ASP n 
1 53  TYR n 
1 54  LEU n 
1 55  ASN n 
1 56  ALA n 
1 57  ALA n 
1 58  VAL n 
1 59  ALA n 
1 60  LEU n 
1 61  GLU n 
1 62  THR n 
1 63  SER n 
1 64  LEU n 
1 65  ALA n 
1 66  PRO n 
1 67  GLU n 
1 68  GLU n 
1 69  LEU n 
1 70  LEU n 
1 71  ASN n 
1 72  HIS n 
1 73  THR n 
1 74  GLN n 
1 75  ARG n 
1 76  ILE n 
1 77  GLU n 
1 78  LEU n 
1 79  GLN n 
1 80  GLN n 
1 81  GLY n 
1 82  ARG n 
1 83  VAL n 
1 84  ARG n 
1 85  LYS n 
1 86  ALA n 
1 87  GLU n 
1 88  ARG n 
1 89  TRP n 
1 90  GLY n 
1 91  PRO n 
1 92  ARG n 
1 93  THR n 
1 94  LEU n 
1 95  ALA n 
1 96  LEU n 
1 97  ASP n 
1 98  ILE n 
1 99  MET n 
1 100 LEU n 
1 101 PHE n 
1 102 GLY n 
1 103 ASN n 
1 104 GLU n 
1 105 VAL n 
1 106 ILE n 
1 107 ASN n 
1 108 THR n 
1 109 GLU n 
1 110 ARG n 
1 111 LEU n 
1 112 THR n 
1 113 VAL n 
1 114 PRO n 
1 115 HIS n 
1 116 TYR n 
1 117 ASP n 
1 118 MET n 
1 119 LYS n 
1 120 ASN n 
1 121 ARG n 
1 122 GLY n 
1 123 PHE n 
1 124 MET n 
1 125 LEU n 
1 126 TRP n 
1 127 PRO n 
1 128 LEU n 
1 129 PHE n 
1 130 GLU n 
1 131 ILE n 
1 132 ALA n 
1 133 PRO n 
1 134 GLU n 
1 135 LEU n 
1 136 VAL n 
1 137 PHE n 
1 138 PRO n 
1 139 ASP n 
1 140 GLY n 
1 141 GLU n 
1 142 MET n 
1 143 LEU n 
1 144 ARG n 
1 145 GLN n 
1 146 ILE n 
1 147 LEU n 
1 148 HIS n 
1 149 THR n 
1 150 ARG n 
1 151 ALA n 
1 152 PHE n 
1 153 ASP n 
1 154 LYS n 
1 155 LEU n 
1 156 ASN n 
1 157 LYS n 
1 158 TRP n 
# 
_entity_src_gen.entity_id                          1 
_entity_src_gen.pdbx_src_id                        1 
_entity_src_gen.pdbx_alt_source_flag               sample 
_entity_src_gen.pdbx_seq_type                      ? 
_entity_src_gen.pdbx_beg_seq_num                   ? 
_entity_src_gen.pdbx_end_seq_num                   ? 
_entity_src_gen.gene_src_common_name               ? 
_entity_src_gen.gene_src_genus                     ? 
_entity_src_gen.pdbx_gene_src_gene                 'b0142, foIK, folK, JW0138' 
_entity_src_gen.gene_src_species                   ? 
_entity_src_gen.gene_src_strain                    K-12 
_entity_src_gen.gene_src_tissue                    ? 
_entity_src_gen.gene_src_tissue_fraction           ? 
_entity_src_gen.gene_src_details                   ? 
_entity_src_gen.pdbx_gene_src_fragment             ? 
_entity_src_gen.pdbx_gene_src_scientific_name      'Escherichia coli' 
_entity_src_gen.pdbx_gene_src_ncbi_taxonomy_id     83333 
_entity_src_gen.pdbx_gene_src_variant              ? 
_entity_src_gen.pdbx_gene_src_cell_line            ? 
_entity_src_gen.pdbx_gene_src_atcc                 ? 
_entity_src_gen.pdbx_gene_src_organ                ? 
_entity_src_gen.pdbx_gene_src_organelle            ? 
_entity_src_gen.pdbx_gene_src_cell                 ? 
_entity_src_gen.pdbx_gene_src_cellular_location    ? 
_entity_src_gen.host_org_common_name               ? 
_entity_src_gen.pdbx_host_org_scientific_name      'Escherichia coli' 
_entity_src_gen.pdbx_host_org_ncbi_taxonomy_id     562 
_entity_src_gen.host_org_genus                     ? 
_entity_src_gen.pdbx_host_org_gene                 ? 
_entity_src_gen.pdbx_host_org_organ                ? 
_entity_src_gen.host_org_species                   ? 
_entity_src_gen.pdbx_host_org_tissue               ? 
_entity_src_gen.pdbx_host_org_tissue_fraction      ? 
_entity_src_gen.pdbx_host_org_strain               'BL21(DE3)' 
_entity_src_gen.pdbx_host_org_variant              ? 
_entity_src_gen.pdbx_host_org_cell_line            ? 
_entity_src_gen.pdbx_host_org_atcc                 ? 
_entity_src_gen.pdbx_host_org_culture_collection   ? 
_entity_src_gen.pdbx_host_org_cell                 ? 
_entity_src_gen.pdbx_host_org_organelle            ? 
_entity_src_gen.pdbx_host_org_cellular_location    ? 
_entity_src_gen.pdbx_host_org_vector_type          plasmid 
_entity_src_gen.pdbx_host_org_vector               ? 
_entity_src_gen.host_org_details                   ? 
_entity_src_gen.expression_system_id               ? 
_entity_src_gen.plasmid_name                       pET17b 
_entity_src_gen.plasmid_details                    ? 
_entity_src_gen.pdbx_description                   ? 
# 
_struct_ref.id                         1 
_struct_ref.db_name                    UNP 
_struct_ref.db_code                    HPPK_ECOLI 
_struct_ref.pdbx_db_accession          P26281 
_struct_ref.entity_id                  1 
_struct_ref.pdbx_seq_one_letter_code   
;TVAYIAIGSNLASPLEQVNAALKALGDIPESHILTVSSFYRTPPLGPQDQPDYLNAAVALETSLAPEELLNHTQRIELQQ
GRVRKAERWGPRTLDLDIMLFGNEVINTERLTVPHYDMKNRGFMLWPLFEIAPELVFPDGEMLRQILHTRAFDKLNKW
;
_struct_ref.pdbx_align_begin           2 
_struct_ref.pdbx_db_isoform            ? 
# 
_struct_ref_seq.align_id                      1 
_struct_ref_seq.ref_id                        1 
_struct_ref_seq.pdbx_PDB_id_code              3ILI 
_struct_ref_seq.pdbx_strand_id                A 
_struct_ref_seq.seq_align_beg                 1 
_struct_ref_seq.pdbx_seq_align_beg_ins_code   ? 
_struct_ref_seq.seq_align_end                 158 
_struct_ref_seq.pdbx_seq_align_end_ins_code   ? 
_struct_ref_seq.pdbx_db_accession             P26281 
_struct_ref_seq.db_align_beg                  2 
_struct_ref_seq.pdbx_db_align_beg_ins_code    ? 
_struct_ref_seq.db_align_end                  159 
_struct_ref_seq.pdbx_db_align_end_ins_code    ? 
_struct_ref_seq.pdbx_auth_seq_align_beg       1 
_struct_ref_seq.pdbx_auth_seq_align_end       158 
# 
_struct_ref_seq_dif.align_id                     1 
_struct_ref_seq_dif.pdbx_pdb_id_code             3ILI 
_struct_ref_seq_dif.mon_id                       ALA 
_struct_ref_seq_dif.pdbx_pdb_strand_id           A 
_struct_ref_seq_dif.seq_num                      95 
_struct_ref_seq_dif.pdbx_pdb_ins_code            ? 
_struct_ref_seq_dif.pdbx_seq_db_name             UNP 
_struct_ref_seq_dif.pdbx_seq_db_accession_code   P26281 
_struct_ref_seq_dif.db_mon_id                    ASP 
_struct_ref_seq_dif.pdbx_seq_db_seq_num          96 
_struct_ref_seq_dif.details                      'engineered mutation' 
_struct_ref_seq_dif.pdbx_auth_seq_num            95 
_struct_ref_seq_dif.pdbx_ordinal                 1 
# 
loop_
_chem_comp.id 
_chem_comp.type 
_chem_comp.mon_nstd_flag 
_chem_comp.name 
_chem_comp.pdbx_synonyms 
_chem_comp.formula 
_chem_comp.formula_weight 
ACT non-polymer         . 'ACETATE ION'                            ?             'C2 H3 O2 -1'    59.044  
ALA 'L-peptide linking' y ALANINE                                  ?             'C3 H7 N O2'     89.093  
ARG 'L-peptide linking' y ARGININE                                 ?             'C6 H15 N4 O2 1' 175.209 
ASN 'L-peptide linking' y ASPARAGINE                               ?             'C4 H8 N2 O3'    132.118 
ASP 'L-peptide linking' y 'ASPARTIC ACID'                          ?             'C4 H7 N O4'     133.103 
CL  non-polymer         . 'CHLORIDE ION'                           ?             'Cl -1'          35.453  
GLN 'L-peptide linking' y GLUTAMINE                                ?             'C5 H10 N2 O3'   146.144 
GLU 'L-peptide linking' y 'GLUTAMIC ACID'                          ?             'C5 H9 N O4'     147.129 
GLY 'peptide linking'   y GLYCINE                                  ?             'C2 H5 N O2'     75.067  
HIS 'L-peptide linking' y HISTIDINE                                ?             'C6 H10 N3 O2 1' 156.162 
HOH non-polymer         . WATER                                    ?             'H2 O'           18.015  
ILE 'L-peptide linking' y ISOLEUCINE                               ?             'C6 H13 N O2'    131.173 
LEU 'L-peptide linking' y LEUCINE                                  ?             'C6 H13 N O2'    131.173 
LYS 'L-peptide linking' y LYSINE                                   ?             'C6 H15 N2 O2 1' 147.195 
MET 'L-peptide linking' y METHIONINE                               ?             'C5 H11 N O2 S'  149.211 
PHE 'L-peptide linking' y PHENYLALANINE                            ?             'C9 H11 N O2'    165.189 
PRO 'L-peptide linking' y PROLINE                                  ?             'C5 H9 N O2'     115.130 
SER 'L-peptide linking' y SERINE                                   ?             'C3 H7 N O3'     105.093 
THR 'L-peptide linking' y THREONINE                                ?             'C4 H9 N O3'     119.119 
TRP 'L-peptide linking' y TRYPTOPHAN                               ?             'C11 H12 N2 O2'  204.225 
TRS non-polymer         . 2-AMINO-2-HYDROXYMETHYL-PROPANE-1,3-DIOL 'TRIS BUFFER' 'C4 H12 N O3 1'  122.143 
TYR 'L-peptide linking' y TYROSINE                                 ?             'C9 H11 N O3'    181.189 
VAL 'L-peptide linking' y VALINE                                   ?             'C5 H11 N O2'    117.146 
# 
_exptl.crystals_number   1 
_exptl.entry_id          3ILI 
_exptl.method            'X-RAY DIFFRACTION' 
# 
_exptl_crystal.id                    1 
_exptl_crystal.density_Matthews      2.05 
_exptl_crystal.density_meas          ? 
_exptl_crystal.density_percent_sol   39.96 
_exptl_crystal.description           ? 
_exptl_crystal.F_000                 ? 
_exptl_crystal.preparation           ? 
# 
_exptl_crystal_grow.crystal_id      1 
_exptl_crystal_grow.method          'VAPOR DIFFUSION, HANGING DROP' 
_exptl_crystal_grow.pH              8.4 
_exptl_crystal_grow.temp            292 
_exptl_crystal_grow.pdbx_details    
'PEG 4000, Sodium acetate, Magnesium chloride, Tris-HCl, Imidazole., pH 8.4, VAPOR DIFFUSION, HANGING DROP, temperature 292K' 
_exptl_crystal_grow.temp_details    ? 
_exptl_crystal_grow.pdbx_pH_range   ? 
# 
_diffrn.id                     1 
_diffrn.ambient_temp           100 
_diffrn.ambient_temp_details   ? 
_diffrn.crystal_id             1 
# 
_diffrn_detector.diffrn_id              1 
_diffrn_detector.detector               CCD 
_diffrn_detector.type                   'ADSC QUANTUM 4' 
_diffrn_detector.pdbx_collection_date   2000-11-13 
_diffrn_detector.details                mirrors 
# 
_diffrn_radiation.diffrn_id                        1 
_diffrn_radiation.pdbx_diffrn_protocol             'SINGLE WAVELENGTH' 
_diffrn_radiation.monochromator                    'Silicon 111' 
_diffrn_radiation.wavelength_id                    1 
_diffrn_radiation.pdbx_monochromatic_or_laue_m_l   M 
_diffrn_radiation.pdbx_scattering_type             x-ray 
# 
_diffrn_radiation_wavelength.id           1 
_diffrn_radiation_wavelength.wavelength   1.00188 
_diffrn_radiation_wavelength.wt           1.0 
# 
_diffrn_source.diffrn_id                   1 
_diffrn_source.source                      SYNCHROTRON 
_diffrn_source.type                        'NSLS BEAMLINE X9B' 
_diffrn_source.pdbx_wavelength_list        1.00188 
_diffrn_source.pdbx_wavelength             ? 
_diffrn_source.pdbx_synchrotron_site       NSLS 
_diffrn_source.pdbx_synchrotron_beamline   X9B 
# 
_reflns.entry_id                     3ILI 
_reflns.d_resolution_high            1.450 
_reflns.d_resolution_low             30.000 
_reflns.number_obs                   25298 
_reflns.pdbx_Rmerge_I_obs            0.046 
_reflns.pdbx_netI_over_sigmaI        11.800 
_reflns.pdbx_chi_squared             1.009 
_reflns.pdbx_redundancy              3.800 
_reflns.percent_possible_obs         98.100 
_reflns.observed_criterion_sigma_F   -6.0 
_reflns.observed_criterion_sigma_I   -3.0 
_reflns.number_all                   ? 
_reflns.pdbx_Rsym_value              ? 
_reflns.B_iso_Wilson_estimate        15.5 
_reflns.R_free_details               ? 
_reflns.limit_h_max                  ? 
_reflns.limit_h_min                  ? 
_reflns.limit_k_max                  ? 
_reflns.limit_k_min                  ? 
_reflns.limit_l_max                  ? 
_reflns.limit_l_min                  ? 
_reflns.observed_criterion_F_max     ? 
_reflns.observed_criterion_F_min     ? 
_reflns.pdbx_scaling_rejects         ? 
_reflns.pdbx_diffrn_id               1 
_reflns.pdbx_ordinal                 1 
# 
_reflns_shell.d_res_high             1.45 
_reflns_shell.d_res_low              1.50 
_reflns_shell.number_measured_obs    ? 
_reflns_shell.number_measured_all    ? 
_reflns_shell.number_unique_obs      ? 
_reflns_shell.Rmerge_I_obs           0.481 
_reflns_shell.meanI_over_sigI_obs    2.5 
_reflns_shell.pdbx_Rsym_value        ? 
_reflns_shell.pdbx_chi_squared       1.055 
_reflns_shell.pdbx_redundancy        3.50 
_reflns_shell.percent_possible_obs   ? 
_reflns_shell.number_unique_all      2433 
_reflns_shell.percent_possible_all   96.20 
_reflns_shell.pdbx_diffrn_id         ? 
_reflns_shell.pdbx_ordinal           1 
# 
_refine.entry_id                                 3ILI 
_refine.ls_d_res_high                            1.45 
_refine.ls_d_res_low                             26.122 
_refine.pdbx_ls_sigma_F                          1.34 
_refine.pdbx_data_cutoff_high_absF               ? 
_refine.pdbx_data_cutoff_low_absF                ? 
_refine.ls_percent_reflns_obs                    98.070 
_refine.ls_number_reflns_obs                     25281 
_refine.ls_number_reflns_all                     25281 
_refine.pdbx_ls_cross_valid_method               THROUGHOUT 
_refine.pdbx_R_Free_selection_details            Random 
_refine.details                                  
'The structure was refined for a total of 34 cycles, including 6 cycles with CNS, 13 cycles with SHELEX, and 15 cycles with PHENIX.' 
_refine.ls_R_factor_all                          ? 
_refine.ls_R_factor_obs                          0.176 
_refine.ls_R_factor_R_work                       0.175 
_refine.ls_wR_factor_R_work                      ? 
_refine.ls_R_factor_R_free                       0.199 
_refine.ls_wR_factor_R_free                      ? 
_refine.ls_percent_reflns_R_free                 3.980 
_refine.ls_number_reflns_R_free                  1007 
_refine.ls_R_factor_R_free_error                 ? 
_refine.B_iso_mean                               17.890 
_refine.solvent_model_param_bsol                 45.485 
_refine.solvent_model_param_ksol                 0.333 
_refine.pdbx_isotropic_thermal_model             Isotropic 
_refine.aniso_B[1][1]                            0.826 
_refine.aniso_B[2][2]                            -1.009 
_refine.aniso_B[3][3]                            0.183 
_refine.aniso_B[1][2]                            -0.000 
_refine.aniso_B[1][3]                            0.045 
_refine.aniso_B[2][3]                            -0.000 
_refine.correlation_coeff_Fo_to_Fc               ? 
_refine.correlation_coeff_Fo_to_Fc_free          ? 
_refine.overall_SU_R_Cruickshank_DPI             ? 
_refine.overall_SU_R_free                        ? 
_refine.pdbx_overall_ESU_R                       ? 
_refine.pdbx_overall_ESU_R_Free                  ? 
_refine.overall_SU_ML                            0.180 
_refine.overall_SU_B                             ? 
_refine.solvent_model_details                    'FLAT BULK SOLVENT MODEL' 
_refine.pdbx_solvent_vdw_probe_radii             1.110 
_refine.pdbx_solvent_ion_probe_radii             ? 
_refine.pdbx_solvent_shrinkage_radii             0.900 
_refine.ls_number_parameters                     ? 
_refine.ls_number_restraints                     ? 
_refine.pdbx_starting_model                      'PDB entry 1HKA' 
_refine.pdbx_method_to_determine_struct          'FOURIER SYNTHESIS' 
_refine.pdbx_stereochemistry_target_values       ML 
_refine.pdbx_stereochem_target_val_spec_case     ? 
_refine.overall_FOM_work_R_set                   ? 
_refine.B_iso_max                                50.44 
_refine.B_iso_min                                4.90 
_refine.occupancy_max                            1.00 
_refine.occupancy_min                            0.23 
_refine.pdbx_ls_sigma_I                          ? 
_refine.ls_redundancy_reflns_obs                 ? 
_refine.ls_R_factor_R_free_error_details         ? 
_refine.pdbx_data_cutoff_high_rms_absF           ? 
_refine.overall_FOM_free_R_set                   ? 
_refine.pdbx_overall_phase_error                 ? 
_refine.pdbx_refine_id                           'X-RAY DIFFRACTION' 
_refine.pdbx_diffrn_id                           1 
_refine.pdbx_TLS_residual_ADP_flag               ? 
_refine.pdbx_overall_SU_R_free_Cruickshank_DPI   ? 
_refine.pdbx_overall_SU_R_Blow_DPI               ? 
_refine.pdbx_overall_SU_R_free_Blow_DPI          ? 
# 
_refine_analyze.entry_id                        3ILI 
_refine_analyze.Luzzati_coordinate_error_obs    0.18 
_refine_analyze.Luzzati_sigma_a_obs             ? 
_refine_analyze.Luzzati_d_res_low_obs           ? 
_refine_analyze.Luzzati_coordinate_error_free   ? 
_refine_analyze.Luzzati_sigma_a_free            ? 
_refine_analyze.Luzzati_d_res_low_free          ? 
_refine_analyze.number_disordered_residues      ? 
_refine_analyze.occupancy_sum_non_hydrogen      ? 
_refine_analyze.occupancy_sum_hydrogen          ? 
_refine_analyze.pdbx_Luzzati_d_res_high_obs     ? 
_refine_analyze.pdbx_refine_id                  'X-RAY DIFFRACTION' 
# 
_refine_hist.pdbx_refine_id                   'X-RAY DIFFRACTION' 
_refine_hist.cycle_id                         LAST 
_refine_hist.pdbx_number_atoms_protein        1264 
_refine_hist.pdbx_number_atoms_nucleic_acid   0 
_refine_hist.pdbx_number_atoms_ligand         13 
_refine_hist.number_atoms_solvent             293 
_refine_hist.number_atoms_total               1570 
_refine_hist.d_res_high                       1.45 
_refine_hist.d_res_low                        26.122 
# 
loop_
_refine_ls_restr.type 
_refine_ls_restr.number 
_refine_ls_restr.dev_ideal 
_refine_ls_restr.dev_ideal_target 
_refine_ls_restr.weight 
_refine_ls_restr.pdbx_refine_id 
_refine_ls_restr.pdbx_restraint_function 
f_bond_d           1492 0.005  ? ? 'X-RAY DIFFRACTION' ? 
f_angle_d          2039 0.966  ? ? 'X-RAY DIFFRACTION' ? 
f_chiral_restr     222  0.069  ? ? 'X-RAY DIFFRACTION' ? 
f_plane_restr      274  0.004  ? ? 'X-RAY DIFFRACTION' ? 
f_dihedral_angle_d 574  18.633 ? ? 'X-RAY DIFFRACTION' ? 
# 
loop_
_refine_ls_shell.d_res_high 
_refine_ls_shell.d_res_low 
_refine_ls_shell.pdbx_total_number_of_bins_used 
_refine_ls_shell.percent_reflns_obs 
_refine_ls_shell.number_reflns_R_work 
_refine_ls_shell.R_factor_all 
_refine_ls_shell.R_factor_R_work 
_refine_ls_shell.R_factor_R_free 
_refine_ls_shell.percent_reflns_R_free 
_refine_ls_shell.number_reflns_R_free 
_refine_ls_shell.R_factor_R_free_error 
_refine_ls_shell.number_reflns_all 
_refine_ls_shell.number_reflns_obs 
_refine_ls_shell.redundancy_reflns_obs 
_refine_ls_shell.pdbx_refine_id 
1.45  1.525  7 96.000  3357 . 0.225 0.257 . 143 . 3500 3500 . 'X-RAY DIFFRACTION' 
1.525 1.621  7 97.000  3423 . 0.202 0.247 . 146 . 3569 3569 . 'X-RAY DIFFRACTION' 
1.621 1.746  7 97.000  3436 . 0.196 0.230 . 141 . 3577 3577 . 'X-RAY DIFFRACTION' 
1.746 1.922  7 98.000  3459 . 0.183 0.225 . 136 . 3595 3595 . 'X-RAY DIFFRACTION' 
1.922 2.200  7 99.000  3486 . 0.168 0.182 . 145 . 3631 3631 . 'X-RAY DIFFRACTION' 
2.200 2.771  7 99.000  3544 . 0.175 0.190 . 144 . 3688 3688 . 'X-RAY DIFFRACTION' 
2.771 26.127 7 100.000 3569 . 0.154 0.177 . 152 . 3721 3721 . 'X-RAY DIFFRACTION' 
# 
_struct.entry_id                  3ILI 
_struct.title                     'Crystal structure of E. coli HPPK(D95A)' 
_struct.pdbx_model_details        ? 
_struct.pdbx_CASP_flag            ? 
_struct.pdbx_model_type_details   ? 
# 
_struct_keywords.entry_id        3ILI 
_struct_keywords.text            'alpha beta, ATP-binding, Folate biosynthesis, Kinase, Nucleotide-binding, Transferase' 
_struct_keywords.pdbx_keywords   TRANSFERASE 
# 
loop_
_struct_asym.id 
_struct_asym.pdbx_blank_PDB_chainid_flag 
_struct_asym.pdbx_modified 
_struct_asym.entity_id 
_struct_asym.details 
A N N 1 ? 
B N N 2 ? 
C N N 3 ? 
D N N 4 ? 
E N N 5 ? 
# 
_struct_biol.id        1 
_struct_biol.details   ? 
# 
loop_
_struct_conf.conf_type_id 
_struct_conf.id 
_struct_conf.pdbx_PDB_helix_id 
_struct_conf.beg_label_comp_id 
_struct_conf.beg_label_asym_id 
_struct_conf.beg_label_seq_id 
_struct_conf.pdbx_beg_PDB_ins_code 
_struct_conf.end_label_comp_id 
_struct_conf.end_label_asym_id 
_struct_conf.end_label_seq_id 
_struct_conf.pdbx_end_PDB_ins_code 
_struct_conf.beg_auth_comp_id 
_struct_conf.beg_auth_asym_id 
_struct_conf.beg_auth_seq_id 
_struct_conf.end_auth_comp_id 
_struct_conf.end_auth_asym_id 
_struct_conf.end_auth_seq_id 
_struct_conf.pdbx_PDB_helix_class 
_struct_conf.details 
_struct_conf.pdbx_PDB_helix_length 
HELX_P HELX_P1 1 PRO A 14  ? ASP A 27  ? PRO A 14  ASP A 27  1 ? 14 
HELX_P HELX_P2 2 ALA A 65  ? GLY A 81  ? ALA A 65  GLY A 81  1 ? 17 
HELX_P HELX_P3 3 ASP A 117 ? ASN A 120 ? ASP A 117 ASN A 120 5 ? 4  
HELX_P HELX_P4 4 ARG A 121 ? ALA A 132 ? ARG A 121 ALA A 132 1 ? 12 
HELX_P HELX_P5 5 MET A 142 ? ARG A 150 ? MET A 142 ARG A 150 1 ? 9  
# 
_struct_conf_type.id          HELX_P 
_struct_conf_type.criteria    ? 
_struct_conf_type.reference   ? 
# 
_struct_mon_prot_cis.pdbx_id                1 
_struct_mon_prot_cis.label_comp_id          VAL 
_struct_mon_prot_cis.label_seq_id           113 
_struct_mon_prot_cis.label_asym_id          A 
_struct_mon_prot_cis.label_alt_id           . 
_struct_mon_prot_cis.pdbx_PDB_ins_code      ? 
_struct_mon_prot_cis.auth_comp_id           VAL 
_struct_mon_prot_cis.auth_seq_id            113 
_struct_mon_prot_cis.auth_asym_id           A 
_struct_mon_prot_cis.pdbx_label_comp_id_2   PRO 
_struct_mon_prot_cis.pdbx_label_seq_id_2    114 
_struct_mon_prot_cis.pdbx_label_asym_id_2   A 
_struct_mon_prot_cis.pdbx_PDB_ins_code_2    ? 
_struct_mon_prot_cis.pdbx_auth_comp_id_2    PRO 
_struct_mon_prot_cis.pdbx_auth_seq_id_2     114 
_struct_mon_prot_cis.pdbx_auth_asym_id_2    A 
_struct_mon_prot_cis.pdbx_PDB_model_num     1 
_struct_mon_prot_cis.pdbx_omega_angle       -2.85 
# 
loop_
_struct_sheet.id 
_struct_sheet.type 
_struct_sheet.number_strands 
_struct_sheet.details 
A ? 4 ? 
B ? 4 ? 
C ? 2 ? 
# 
loop_
_struct_sheet_order.sheet_id 
_struct_sheet_order.range_id_1 
_struct_sheet_order.range_id_2 
_struct_sheet_order.offset 
_struct_sheet_order.sense 
A 1 2 ? anti-parallel 
A 2 3 ? anti-parallel 
A 3 4 ? anti-parallel 
B 1 2 ? anti-parallel 
B 2 3 ? anti-parallel 
B 3 4 ? anti-parallel 
C 1 2 ? anti-parallel 
# 
loop_
_struct_sheet_range.sheet_id 
_struct_sheet_range.id 
_struct_sheet_range.beg_label_comp_id 
_struct_sheet_range.beg_label_asym_id 
_struct_sheet_range.beg_label_seq_id 
_struct_sheet_range.pdbx_beg_PDB_ins_code 
_struct_sheet_range.end_label_comp_id 
_struct_sheet_range.end_label_asym_id 
_struct_sheet_range.end_label_seq_id 
_struct_sheet_range.pdbx_end_PDB_ins_code 
_struct_sheet_range.beg_auth_comp_id 
_struct_sheet_range.beg_auth_asym_id 
_struct_sheet_range.beg_auth_seq_id 
_struct_sheet_range.end_auth_comp_id 
_struct_sheet_range.end_auth_asym_id 
_struct_sheet_range.end_auth_seq_id 
A 1 SER A 31  ? VAL A 36  ? SER A 31  VAL A 36  
A 2 TYR A 53  ? THR A 62  ? TYR A 53  THR A 62  
A 3 VAL A 2   ? SER A 9   ? VAL A 2   SER A 9   
A 4 LEU A 94  ? PHE A 101 ? LEU A 94  PHE A 101 
B 1 SER A 31  ? VAL A 36  ? SER A 31  VAL A 36  
B 2 TYR A 53  ? THR A 62  ? TYR A 53  THR A 62  
B 3 TYR A 40  ? THR A 42  ? TYR A 40  THR A 42  
B 4 ASN A 156 ? LYS A 157 ? ASN A 156 LYS A 157 
C 1 ILE A 106 ? ASN A 107 ? ILE A 106 ASN A 107 
C 2 THR A 112 ? VAL A 113 ? THR A 112 VAL A 113 
# 
loop_
_pdbx_struct_sheet_hbond.sheet_id 
_pdbx_struct_sheet_hbond.range_id_1 
_pdbx_struct_sheet_hbond.range_id_2 
_pdbx_struct_sheet_hbond.range_1_label_atom_id 
_pdbx_struct_sheet_hbond.range_1_label_comp_id 
_pdbx_struct_sheet_hbond.range_1_label_asym_id 
_pdbx_struct_sheet_hbond.range_1_label_seq_id 
_pdbx_struct_sheet_hbond.range_1_PDB_ins_code 
_pdbx_struct_sheet_hbond.range_1_auth_atom_id 
_pdbx_struct_sheet_hbond.range_1_auth_comp_id 
_pdbx_struct_sheet_hbond.range_1_auth_asym_id 
_pdbx_struct_sheet_hbond.range_1_auth_seq_id 
_pdbx_struct_sheet_hbond.range_2_label_atom_id 
_pdbx_struct_sheet_hbond.range_2_label_comp_id 
_pdbx_struct_sheet_hbond.range_2_label_asym_id 
_pdbx_struct_sheet_hbond.range_2_label_seq_id 
_pdbx_struct_sheet_hbond.range_2_PDB_ins_code 
_pdbx_struct_sheet_hbond.range_2_auth_atom_id 
_pdbx_struct_sheet_hbond.range_2_auth_comp_id 
_pdbx_struct_sheet_hbond.range_2_auth_asym_id 
_pdbx_struct_sheet_hbond.range_2_auth_seq_id 
A 1 2 N LEU A 34  ? N LEU A 34  O ALA A 59  ? O ALA A 59  
A 2 3 O LEU A 60  ? O LEU A 60  N ALA A 3   ? N ALA A 3   
A 3 4 N GLY A 8   ? N GLY A 8   O ALA A 95  ? O ALA A 95  
B 1 2 N LEU A 34  ? N LEU A 34  O ALA A 59  ? O ALA A 59  
B 2 3 O TYR A 53  ? O TYR A 53  N THR A 42  ? N THR A 42  
B 3 4 N ARG A 41  ? N ARG A 41  O ASN A 156 ? O ASN A 156 
C 1 2 N ILE A 106 ? N ILE A 106 O VAL A 113 ? O VAL A 113 
# 
loop_
_struct_site.id 
_struct_site.pdbx_evidence_code 
_struct_site.pdbx_auth_asym_id 
_struct_site.pdbx_auth_comp_id 
_struct_site.pdbx_auth_seq_id 
_struct_site.pdbx_auth_ins_code 
_struct_site.pdbx_num_residues 
_struct_site.details 
AC1 Software A CL  191 ? 6 'BINDING SITE FOR RESIDUE CL A 191'  
AC2 Software A TRS 192 ? 2 'BINDING SITE FOR RESIDUE TRS A 192' 
AC3 Software A ACT 193 ? 8 'BINDING SITE FOR RESIDUE ACT A 193' 
# 
loop_
_struct_site_gen.id 
_struct_site_gen.site_id 
_struct_site_gen.pdbx_num_res 
_struct_site_gen.label_comp_id 
_struct_site_gen.label_asym_id 
_struct_site_gen.label_seq_id 
_struct_site_gen.pdbx_auth_ins_code 
_struct_site_gen.auth_comp_id 
_struct_site_gen.auth_asym_id 
_struct_site_gen.auth_seq_id 
_struct_site_gen.label_atom_id 
_struct_site_gen.label_alt_id 
_struct_site_gen.symmetry 
_struct_site_gen.details 
1  AC1 6 PRO A 114 ? PRO A 114 . ? 1_555 ? 
2  AC1 6 LYS A 119 ? LYS A 119 . ? 1_555 ? 
3  AC1 6 PHE A 137 ? PHE A 137 . ? 1_555 ? 
4  AC1 6 PRO A 138 ? PRO A 138 . ? 1_555 ? 
5  AC1 6 ASP A 139 ? ASP A 139 . ? 1_555 ? 
6  AC1 6 HOH E .   ? HOH A 350 . ? 1_555 ? 
7  AC2 2 GLU A 16  ? GLU A 16  . ? 1_555 ? 
8  AC2 2 HOH E .   ? HOH A 351 . ? 1_555 ? 
9  AC3 8 SER A 9   ? SER A 9   . ? 1_555 ? 
10 AC3 8 LEU A 11  ? LEU A 11  . ? 1_555 ? 
11 AC3 8 GLN A 17  ? GLN A 17  . ? 1_555 ? 
12 AC3 8 GLN A 80  ? GLN A 80  . ? 1_555 ? 
13 AC3 8 GLY A 81  ? GLY A 81  . ? 1_555 ? 
14 AC3 8 THR A 93  ? THR A 93  . ? 1_555 ? 
15 AC3 8 LEU A 94  ? LEU A 94  . ? 1_555 ? 
16 AC3 8 HOH E .   ? HOH A 418 . ? 1_555 ? 
# 
_atom_sites.entry_id                    3ILI 
_atom_sites.fract_transf_matrix[1][1]   0.02286495 
_atom_sites.fract_transf_matrix[1][2]   -0.00015612 
_atom_sites.fract_transf_matrix[1][3]   -0.01870298 
_atom_sites.fract_transf_matrix[2][1]   -0.01211267 
_atom_sites.fract_transf_matrix[2][2]   -0.00075360 
_atom_sites.fract_transf_matrix[2][3]   -0.01480180 
_atom_sites.fract_transf_matrix[3][1]   0.00657100 
_atom_sites.fract_transf_matrix[3][2]   0.02402277 
_atom_sites.fract_transf_matrix[3][3]   -0.00660027 
_atom_sites.fract_transf_vector[1]      0.130997 
_atom_sites.fract_transf_vector[2]      0.314889 
_atom_sites.fract_transf_vector[3]      0.909037 
# 
loop_
_atom_type.symbol 
C  
CL 
N  
O  
S  
# 
loop_
_atom_site.group_PDB 
_atom_site.id 
_atom_site.type_symbol 
_atom_site.label_atom_id 
_atom_site.label_alt_id 
_atom_site.label_comp_id 
_atom_site.label_asym_id 
_atom_site.label_entity_id 
_atom_site.label_seq_id 
_atom_site.pdbx_PDB_ins_code 
_atom_site.Cartn_x 
_atom_site.Cartn_y 
_atom_site.Cartn_z 
_atom_site.occupancy 
_atom_site.B_iso_or_equiv 
_atom_site.pdbx_formal_charge 
_atom_site.auth_seq_id 
_atom_site.auth_comp_id 
_atom_site.auth_asym_id 
_atom_site.auth_atom_id 
_atom_site.pdbx_PDB_model_num 
ATOM   1    N  N   . THR A 1 1   ? -3.022  -17.438 6.144   1.00 14.55 ? 1   THR A N   1 
ATOM   2    C  CA  . THR A 1 1   ? -2.840  -16.934 4.788   1.00 11.35 ? 1   THR A CA  1 
ATOM   3    C  C   . THR A 1 1   ? -1.960  -15.691 4.825   1.00 9.68  ? 1   THR A C   1 
ATOM   4    O  O   . THR A 1 1   ? -2.072  -14.876 5.738   1.00 10.72 ? 1   THR A O   1 
ATOM   5    C  CB  . THR A 1 1   ? -4.191  -16.577 4.155   1.00 16.51 ? 1   THR A CB  1 
ATOM   6    O  OG1 . THR A 1 1   ? -5.055  -17.721 4.190   1.00 20.62 ? 1   THR A OG1 1 
ATOM   7    C  CG2 . THR A 1 1   ? -4.011  -16.148 2.713   1.00 16.91 ? 1   THR A CG2 1 
ATOM   8    N  N   . VAL A 1 2   ? -1.087  -15.545 3.834   1.00 8.34  ? 2   VAL A N   1 
ATOM   9    C  CA  . VAL A 1 2   ? -0.283  -14.332 3.722   1.00 8.70  ? 2   VAL A CA  1 
ATOM   10   C  C   . VAL A 1 2   ? -1.001  -13.306 2.865   1.00 10.22 ? 2   VAL A C   1 
ATOM   11   O  O   . VAL A 1 2   ? -1.280  -13.545 1.683   1.00 10.10 ? 2   VAL A O   1 
ATOM   12   C  CB  . VAL A 1 2   ? 1.121   -14.599 3.134   1.00 11.01 ? 2   VAL A CB  1 
ATOM   13   C  CG1 . VAL A 1 2   ? 1.908   -13.300 3.042   1.00 12.04 ? 2   VAL A CG1 1 
ATOM   14   C  CG2 . VAL A 1 2   ? 1.864   -15.627 3.984   1.00 14.63 ? 2   VAL A CG2 1 
ATOM   15   N  N   . ALA A 1 3   ? -1.336  -12.179 3.478   1.00 7.48  ? 3   ALA A N   1 
ATOM   16   C  CA  . ALA A 1 3   ? -1.877  -11.035 2.760   1.00 8.06  ? 3   ALA A CA  1 
ATOM   17   C  C   . ALA A 1 3   ? -0.764  -10.030 2.549   1.00 7.97  ? 3   ALA A C   1 
ATOM   18   O  O   . ALA A 1 3   ? 0.090   -9.838  3.420   1.00 9.17  ? 3   ALA A O   1 
ATOM   19   C  CB  . ALA A 1 3   ? -3.021  -10.404 3.544   1.00 9.41  ? 3   ALA A CB  1 
ATOM   20   N  N   . TYR A 1 4   ? -0.766  -9.391  1.388   1.00 5.49  ? 4   TYR A N   1 
ATOM   21   C  CA  . TYR A 1 4   ? 0.185   -8.335  1.115   1.00 4.90  ? 4   TYR A CA  1 
ATOM   22   C  C   . TYR A 1 4   ? -0.549  -7.018  1.029   1.00 8.21  ? 4   TYR A C   1 
ATOM   23   O  O   . TYR A 1 4   ? -1.477  -6.867  0.232   1.00 8.21  ? 4   TYR A O   1 
ATOM   24   C  CB  . TYR A 1 4   ? 0.952   -8.611  -0.171  1.00 8.34  ? 4   TYR A CB  1 
ATOM   25   C  CG  . TYR A 1 4   ? 1.886   -9.793  -0.063  1.00 6.70  ? 4   TYR A CG  1 
ATOM   26   C  CD1 . TYR A 1 4   ? 3.144   -9.657  0.521   1.00 8.93  ? 4   TYR A CD1 1 
ATOM   27   C  CD2 . TYR A 1 4   ? 1.513   -11.040 -0.531  1.00 9.34  ? 4   TYR A CD2 1 
ATOM   28   C  CE1 . TYR A 1 4   ? 4.003   -10.732 0.629   1.00 9.77  ? 4   TYR A CE1 1 
ATOM   29   C  CE2 . TYR A 1 4   ? 2.374   -12.132 -0.422  1.00 8.45  ? 4   TYR A CE2 1 
ATOM   30   C  CZ  . TYR A 1 4   ? 3.613   -11.962 0.154   1.00 9.65  ? 4   TYR A CZ  1 
ATOM   31   O  OH  . TYR A 1 4   ? 4.467   -13.046 0.252   1.00 13.82 ? 4   TYR A OH  1 
ATOM   32   N  N   . ILE A 1 5   ? -0.118  -6.070  1.849   1.00 6.90  ? 5   ILE A N   1 
ATOM   33   C  CA  . ILE A 1 5   ? -0.797  -4.797  2.008   1.00 6.37  ? 5   ILE A CA  1 
ATOM   34   C  C   . ILE A 1 5   ? 0.132   -3.661  1.607   1.00 7.86  ? 5   ILE A C   1 
ATOM   35   O  O   . ILE A 1 5   ? 1.264   -3.599  2.083   1.00 9.09  ? 5   ILE A O   1 
ATOM   36   C  CB  . ILE A 1 5   ? -1.231  -4.615  3.470   1.00 8.36  ? 5   ILE A CB  1 
ATOM   37   C  CG1 . ILE A 1 5   ? -2.248  -5.694  3.854   1.00 10.65 ? 5   ILE A CG1 1 
ATOM   38   C  CG2 . ILE A 1 5   ? -1.804  -3.219  3.706   1.00 10.34 ? 5   ILE A CG2 1 
ATOM   39   C  CD1 . ILE A 1 5   ? -2.546  -5.746  5.341   1.00 11.20 ? 5   ILE A CD1 1 
ATOM   40   N  N   . ALA A 1 6   ? -0.327  -2.792  0.709   1.00 7.04  ? 6   ALA A N   1 
ATOM   41   C  CA  . ALA A 1 6   ? 0.425   -1.605  0.332   1.00 5.42  ? 6   ALA A CA  1 
ATOM   42   C  C   . ALA A 1 6   ? 0.071   -0.471  1.284   1.00 7.29  ? 6   ALA A C   1 
ATOM   43   O  O   . ALA A 1 6   ? -1.095  -0.274  1.621   1.00 8.57  ? 6   ALA A O   1 
ATOM   44   C  CB  . ALA A 1 6   ? 0.094   -1.207  -1.093  1.00 7.51  ? 6   ALA A CB  1 
ATOM   45   N  N   . ILE A 1 7   ? 1.086   0.266   1.713   1.00 8.46  ? 7   ILE A N   1 
ATOM   46   C  CA  . ILE A 1 7   ? 0.887   1.481   2.499   1.00 9.90  ? 7   ILE A CA  1 
ATOM   47   C  C   . ILE A 1 7   ? 1.342   2.667   1.681   1.00 8.94  ? 7   ILE A C   1 
ATOM   48   O  O   . ILE A 1 7   ? 2.409   2.633   1.063   1.00 9.63  ? 7   ILE A O   1 
ATOM   49   C  CB  . ILE A 1 7   ? 1.740   1.474   3.769   1.00 10.15 ? 7   ILE A CB  1 
ATOM   50   C  CG1 . ILE A 1 7   ? 1.394   0.288   4.663   1.00 11.56 ? 7   ILE A CG1 1 
ATOM   51   C  CG2 . ILE A 1 7   ? 1.579   2.786   4.536   1.00 13.26 ? 7   ILE A CG2 1 
ATOM   52   C  CD1 . ILE A 1 7   ? 2.279   0.180   5.888   1.00 20.03 ? 7   ILE A CD1 1 
ATOM   53   N  N   A GLY A 1 8   ? 0.506   3.696   1.628   0.65 10.06 ? 8   GLY A N   1 
ATOM   54   N  N   B GLY A 1 8   ? 0.553   3.736   1.707   0.35 10.08 ? 8   GLY A N   1 
ATOM   55   C  CA  A GLY A 1 8   ? 0.839   4.906   0.907   0.65 10.61 ? 8   GLY A CA  1 
ATOM   56   C  CA  B GLY A 1 8   ? 0.954   4.999   1.114   0.35 10.78 ? 8   GLY A CA  1 
ATOM   57   C  C   A GLY A 1 8   ? 0.349   6.110   1.680   0.65 10.15 ? 8   GLY A C   1 
ATOM   58   C  C   B GLY A 1 8   ? 0.654   6.165   2.038   0.35 8.68  ? 8   GLY A C   1 
ATOM   59   O  O   A GLY A 1 8   ? -0.826  6.194   2.030   0.65 10.20 ? 8   GLY A O   1 
ATOM   60   O  O   B GLY A 1 8   ? -0.351  6.158   2.748   0.35 7.31  ? 8   GLY A O   1 
ATOM   61   N  N   A SER A 1 9   ? 1.253   7.035   1.969   0.65 9.48  ? 9   SER A N   1 
ATOM   62   N  N   B SER A 1 9   ? 1.528   7.169   2.039   0.35 9.73  ? 9   SER A N   1 
ATOM   63   C  CA  A SER A 1 9   ? 0.863   8.286   2.603   0.65 8.49  ? 9   SER A CA  1 
ATOM   64   C  CA  B SER A 1 9   ? 1.303   8.379   2.829   0.35 10.94 ? 9   SER A CA  1 
ATOM   65   C  C   A SER A 1 9   ? 1.299   9.456   1.747   0.65 12.07 ? 9   SER A C   1 
ATOM   66   C  C   B SER A 1 9   ? 2.175   9.539   2.366   0.35 10.44 ? 9   SER A C   1 
ATOM   67   O  O   A SER A 1 9   ? 2.382   9.434   1.167   0.65 10.72 ? 9   SER A O   1 
ATOM   68   O  O   B SER A 1 9   ? 3.385   9.400   2.238   0.35 8.41  ? 9   SER A O   1 
ATOM   69   C  CB  A SER A 1 9   ? 1.477   8.405   3.999   0.65 9.27  ? 9   SER A CB  1 
ATOM   70   C  CB  B SER A 1 9   ? 1.558   8.115   4.316   0.35 9.10  ? 9   SER A CB  1 
ATOM   71   O  OG  A SER A 1 9   ? 1.252   9.701   4.535   0.65 9.61  ? 9   SER A OG  1 
ATOM   72   O  OG  B SER A 1 9   ? 1.573   9.332   5.052   0.35 12.67 ? 9   SER A OG  1 
ATOM   73   N  N   A ASN A 1 10  ? 0.447   10.473  1.668   0.65 9.61  ? 10  ASN A N   1 
ATOM   74   N  N   B ASN A 1 10  ? 1.549   10.686  2.128   0.35 8.54  ? 10  ASN A N   1 
ATOM   75   C  CA  A ASN A 1 10  ? 0.778   11.685  0.936   0.65 12.26 ? 10  ASN A CA  1 
ATOM   76   C  CA  B ASN A 1 10  ? 2.271   11.897  1.759   0.35 12.68 ? 10  ASN A CA  1 
ATOM   77   C  C   A ASN A 1 10  ? 0.887   12.906  1.844   0.65 13.71 ? 10  ASN A C   1 
ATOM   78   C  C   B ASN A 1 10  ? 1.997   12.996  2.776   0.35 14.73 ? 10  ASN A C   1 
ATOM   79   O  O   A ASN A 1 10  ? 0.773   14.036  1.385   0.65 13.73 ? 10  ASN A O   1 
ATOM   80   O  O   B ASN A 1 10  ? 2.289   14.171  2.543   0.35 14.78 ? 10  ASN A O   1 
ATOM   81   C  CB  A ASN A 1 10  ? -0.221  11.927  -0.209  0.65 15.31 ? 10  ASN A CB  1 
ATOM   82   C  CB  B ASN A 1 10  ? 1.875   12.357  0.353   0.35 17.19 ? 10  ASN A CB  1 
ATOM   83   C  CG  A ASN A 1 10  ? -1.655  12.067  0.276   0.65 14.84 ? 10  ASN A CG  1 
ATOM   84   C  CG  B ASN A 1 10  ? 0.392   12.666  0.231   0.35 19.41 ? 10  ASN A CG  1 
ATOM   85   O  OD1 A ASN A 1 10  ? -1.905  12.431  1.424   0.65 17.90 ? 10  ASN A OD1 1 
ATOM   86   O  OD1 B ASN A 1 10  ? -0.344  12.643  1.218   0.35 18.22 ? 10  ASN A OD1 1 
ATOM   87   N  ND2 A ASN A 1 10  ? -2.609  11.783  -0.610  0.65 23.21 ? 10  ASN A ND2 1 
ATOM   88   N  ND2 B ASN A 1 10  ? -0.054  12.957  -0.988  0.35 21.20 ? 10  ASN A ND2 1 
ATOM   89   N  N   A LEU A 1 11  ? 1.107   12.671  3.136   0.65 10.77 ? 11  LEU A N   1 
ATOM   90   N  N   B LEU A 1 11  ? 1.443   12.592  3.912   0.35 10.57 ? 11  LEU A N   1 
ATOM   91   C  CA  A LEU A 1 11  ? 1.311   13.766  4.078   0.65 11.32 ? 11  LEU A CA  1 
ATOM   92   C  CA  B LEU A 1 11  ? 0.962   13.533  4.916   0.35 13.91 ? 11  LEU A CA  1 
ATOM   93   C  C   A LEU A 1 11  ? 2.655   14.421  3.848   0.65 10.64 ? 11  LEU A C   1 
ATOM   94   C  C   B LEU A 1 11  ? 2.033   13.983  5.896   0.35 14.13 ? 11  LEU A C   1 
ATOM   95   O  O   A LEU A 1 11  ? 3.613   13.757  3.460   0.65 10.33 ? 11  LEU A O   1 
ATOM   96   O  O   B LEU A 1 11  ? 2.832   13.174  6.377   0.35 14.78 ? 11  LEU A O   1 
ATOM   97   C  CB  A LEU A 1 11  ? 1.257   13.260  5.514   0.65 10.62 ? 11  LEU A CB  1 
ATOM   98   C  CB  B LEU A 1 11  ? -0.185  12.910  5.704   0.35 12.15 ? 11  LEU A CB  1 
ATOM   99   C  CG  A LEU A 1 11  ? -0.120  12.858  6.025   0.65 11.25 ? 11  LEU A CG  1 
ATOM   100  C  CG  B LEU A 1 11  ? -0.564  13.675  6.971   0.35 12.97 ? 11  LEU A CG  1 
ATOM   101  C  CD1 A LEU A 1 11  ? -0.031  12.434  7.465   0.65 14.42 ? 11  LEU A CD1 1 
ATOM   102  C  CD1 B LEU A 1 11  ? -1.290  14.963  6.625   0.35 15.71 ? 11  LEU A CD1 1 
ATOM   103  C  CD2 A LEU A 1 11  ? -1.097  14.014  5.882   0.65 13.96 ? 11  LEU A CD2 1 
ATOM   104  C  CD2 B LEU A 1 11  ? -1.409  12.804  7.876   0.35 16.47 ? 11  LEU A CD2 1 
ATOM   105  N  N   A ALA A 1 12  ? 2.726   15.724  4.102   0.65 10.03 ? 12  ALA A N   1 
ATOM   106  N  N   B ALA A 1 12  ? 2.025   15.277  6.198   0.35 18.30 ? 12  ALA A N   1 
ATOM   107  C  CA  A ALA A 1 12  ? 3.983   16.443  4.002   0.65 11.99 ? 12  ALA A CA  1 
ATOM   108  C  CA  B ALA A 1 12  ? 2.868   15.838  7.244   0.35 18.14 ? 12  ALA A CA  1 
ATOM   109  C  C   A ALA A 1 12  ? 4.985   15.842  4.981   0.65 10.55 ? 12  ALA A C   1 
ATOM   110  C  C   B ALA A 1 12  ? 4.249   15.213  7.205   0.35 15.34 ? 12  ALA A C   1 
ATOM   111  O  O   A ALA A 1 12  ? 6.191   15.853  4.735   0.65 11.70 ? 12  ALA A O   1 
ATOM   112  O  O   B ALA A 1 12  ? 4.960   15.312  6.207   0.35 15.63 ? 12  ALA A O   1 
ATOM   113  C  CB  A ALA A 1 12  ? 3.775   17.921  4.293   0.65 15.51 ? 12  ALA A CB  1 
ATOM   114  C  CB  B ALA A 1 12  ? 2.225   15.612  8.603   0.35 12.59 ? 12  ALA A CB  1 
ATOM   115  N  N   A SER A 1 13  ? 4.470   15.310  6.087   0.65 14.07 ? 13  SER A N   1 
ATOM   116  N  N   B SER A 1 13  ? 4.624   14.563  8.300   0.35 17.73 ? 13  SER A N   1 
ATOM   117  C  CA  A SER A 1 13  ? 5.295   14.693  7.123   0.65 11.37 ? 13  SER A CA  1 
ATOM   118  C  CA  B SER A 1 13  ? 5.852   13.786  8.336   0.35 14.68 ? 13  SER A CA  1 
ATOM   119  C  C   A SER A 1 13  ? 4.715   13.324  7.459   0.65 15.54 ? 13  SER A C   1 
ATOM   120  C  C   B SER A 1 13  ? 5.515   12.318  8.103   0.35 14.98 ? 13  SER A C   1 
ATOM   121  O  O   A SER A 1 13  ? 3.960   13.188  8.421   0.65 16.98 ? 13  SER A O   1 
ATOM   122  O  O   B SER A 1 13  ? 5.168   11.598  9.040   0.35 12.22 ? 13  SER A O   1 
ATOM   123  C  CB  A SER A 1 13  ? 5.300   15.578  8.372   0.65 11.29 ? 13  SER A CB  1 
ATOM   124  C  CB  B SER A 1 13  ? 6.567   13.977  9.673   0.35 12.75 ? 13  SER A CB  1 
ATOM   125  O  OG  A SER A 1 13  ? 6.244   15.124  9.329   0.65 16.23 ? 13  SER A OG  1 
ATOM   126  O  OG  B SER A 1 13  ? 6.968   15.328  9.833   0.35 14.40 ? 13  SER A OG  1 
ATOM   127  N  N   A PRO A 1 14  ? 5.064   12.304  6.660   0.65 11.04 ? 14  PRO A N   1 
ATOM   128  N  N   B PRO A 1 14  ? 5.613   11.871  6.839   0.35 10.14 ? 14  PRO A N   1 
ATOM   129  C  CA  A PRO A 1 14  ? 4.360   11.013  6.679   0.65 11.34 ? 14  PRO A CA  1 
ATOM   130  C  CA  B PRO A 1 14  ? 5.187   10.531  6.417   0.35 12.43 ? 14  PRO A CA  1 
ATOM   131  C  C   A PRO A 1 14  ? 4.932   9.939   7.610   0.65 12.79 ? 14  PRO A C   1 
ATOM   132  C  C   B PRO A 1 14  ? 5.789   9.401   7.239   0.35 13.44 ? 14  PRO A C   1 
ATOM   133  O  O   A PRO A 1 14  ? 4.262   8.932   7.843   0.65 11.35 ? 14  PRO A O   1 
ATOM   134  O  O   B PRO A 1 14  ? 5.111   8.411   7.501   0.35 8.52  ? 14  PRO A O   1 
ATOM   135  C  CB  A PRO A 1 14  ? 4.492   10.542  5.229   0.65 10.28 ? 14  PRO A CB  1 
ATOM   136  C  CB  B PRO A 1 14  ? 5.702   10.445  4.979   0.35 10.01 ? 14  PRO A CB  1 
ATOM   137  C  CG  A PRO A 1 14  ? 5.796   11.117  4.776   0.65 11.30 ? 14  PRO A CG  1 
ATOM   138  C  CG  B PRO A 1 14  ? 5.719   11.849  4.511   0.35 12.00 ? 14  PRO A CG  1 
ATOM   139  C  CD  A PRO A 1 14  ? 6.033   12.391  5.552   0.65 11.98 ? 14  PRO A CD  1 
ATOM   140  C  CD  B PRO A 1 14  ? 6.129   12.661  5.707   0.35 12.45 ? 14  PRO A CD  1 
ATOM   141  N  N   A LEU A 1 15  ? 6.136   10.134  8.134   0.65 13.38 ? 15  LEU A N   1 
ATOM   142  N  N   B LEU A 1 15  ? 7.045   9.543   7.636   0.35 13.28 ? 15  LEU A N   1 
ATOM   143  C  CA  A LEU A 1 15  ? 6.829   9.074   8.867   0.65 15.95 ? 15  LEU A CA  1 
ATOM   144  C  CA  B LEU A 1 15  ? 7.713   8.482   8.376   0.35 16.74 ? 15  LEU A CA  1 
ATOM   145  C  C   A LEU A 1 15  ? 6.036   8.478   10.045  0.65 18.79 ? 15  LEU A C   1 
ATOM   146  C  C   B LEU A 1 15  ? 6.930   8.156   9.644   0.35 17.41 ? 15  LEU A C   1 
ATOM   147  O  O   A LEU A 1 15  ? 5.890   7.257   10.155  0.65 14.75 ? 15  LEU A O   1 
ATOM   148  O  O   B LEU A 1 15  ? 6.853   6.999   10.055  0.35 10.58 ? 15  LEU A O   1 
ATOM   149  C  CB  A LEU A 1 15  ? 8.191   9.581   9.348   0.65 16.93 ? 15  LEU A CB  1 
ATOM   150  C  CB  B LEU A 1 15  ? 9.146   8.890   8.719   0.35 21.89 ? 15  LEU A CB  1 
ATOM   151  C  CG  A LEU A 1 15  ? 9.384   8.685   9.018   0.65 25.64 ? 15  LEU A CG  1 
ATOM   152  C  CG  B LEU A 1 15  ? 10.209  7.794   8.608   0.35 24.82 ? 15  LEU A CG  1 
ATOM   153  C  CD1 A LEU A 1 15  ? 9.357   7.401   9.822   0.65 28.17 ? 15  LEU A CD1 1 
ATOM   154  C  CD1 B LEU A 1 15  ? 9.911   6.638   9.543   0.35 25.39 ? 15  LEU A CD1 1 
ATOM   155  C  CD2 A LEU A 1 15  ? 9.401   8.384   7.533   0.65 21.21 ? 15  LEU A CD2 1 
ATOM   156  C  CD2 B LEU A 1 15  ? 10.308  7.306   7.172   0.35 23.15 ? 15  LEU A CD2 1 
ATOM   157  N  N   A GLU A 1 16  ? 5.528   9.337   10.923  0.65 20.18 ? 16  GLU A N   1 
ATOM   158  N  N   B GLU A 1 16  ? 6.331   9.182   10.242  0.35 17.49 ? 16  GLU A N   1 
ATOM   159  C  CA  A GLU A 1 16  ? 4.811   8.880   12.113  0.65 17.24 ? 16  GLU A CA  1 
ATOM   160  C  CA  B GLU A 1 16  ? 5.577   9.035   11.485  0.35 19.99 ? 16  GLU A CA  1 
ATOM   161  C  C   A GLU A 1 16  ? 3.472   8.278   11.747  0.65 17.35 ? 16  GLU A C   1 
ATOM   162  C  C   B GLU A 1 16  ? 4.222   8.339   11.343  0.35 19.35 ? 16  GLU A C   1 
ATOM   163  O  O   A GLU A 1 16  ? 2.929   7.426   12.446  0.65 16.42 ? 16  GLU A O   1 
ATOM   164  O  O   B GLU A 1 16  ? 3.975   7.339   12.015  0.35 16.78 ? 16  GLU A O   1 
ATOM   165  C  CB  A GLU A 1 16  ? 4.612   10.038  13.080  0.65 19.69 ? 16  GLU A CB  1 
ATOM   166  C  CB  B GLU A 1 16  ? 5.399   10.388  12.177  0.35 20.71 ? 16  GLU A CB  1 
ATOM   167  C  CG  A GLU A 1 16  ? 5.889   10.453  13.751  0.65 15.39 ? 16  GLU A CG  1 
ATOM   168  C  CG  B GLU A 1 16  ? 6.558   10.759  13.075  0.35 21.12 ? 16  GLU A CG  1 
ATOM   169  C  CD  A GLU A 1 16  ? 5.811   11.831  14.357  0.65 20.13 ? 16  GLU A CD  1 
ATOM   170  C  CD  B GLU A 1 16  ? 6.233   11.910  13.999  0.35 18.76 ? 16  GLU A CD  1 
ATOM   171  O  OE1 A GLU A 1 16  ? 5.521   12.796  13.615  0.65 20.20 ? 16  GLU A OE1 1 
ATOM   172  O  OE1 B GLU A 1 16  ? 5.739   12.947  13.507  0.35 19.25 ? 16  GLU A OE1 1 
ATOM   173  O  OE2 A GLU A 1 16  ? 6.055   11.946  15.576  0.65 19.35 ? 16  GLU A OE2 1 
ATOM   174  O  OE2 B GLU A 1 16  ? 6.482   11.777  15.217  0.35 18.73 ? 16  GLU A OE2 1 
ATOM   175  N  N   A GLN A 1 17  ? 2.942   8.737   10.630  0.65 18.60 ? 17  GLN A N   1 
ATOM   176  N  N   B GLN A 1 17  ? 3.343   8.872   10.492  0.35 20.25 ? 17  GLN A N   1 
ATOM   177  C  CA  A GLN A 1 17  ? 1.703   8.214   10.119  0.65 19.68 ? 17  GLN A CA  1 
ATOM   178  C  CA  B GLN A 1 17  ? 2.023   8.270   10.288  0.35 17.76 ? 17  GLN A CA  1 
ATOM   179  C  C   A GLN A 1 17  ? 1.929   6.786   9.635   0.65 18.44 ? 17  GLN A C   1 
ATOM   180  C  C   B GLN A 1 17  ? 2.186   6.807   9.905   0.35 16.81 ? 17  GLN A C   1 
ATOM   181  O  O   A GLN A 1 17  ? 1.146   5.886   9.947   0.65 14.65 ? 17  GLN A O   1 
ATOM   182  O  O   B GLN A 1 17  ? 1.578   5.921   10.497  0.35 17.18 ? 17  GLN A O   1 
ATOM   183  C  CB  A GLN A 1 17  ? 1.228   9.131   9.005   0.65 20.58 ? 17  GLN A CB  1 
ATOM   184  C  CB  B GLN A 1 17  ? 1.225   9.002   9.195   0.35 20.61 ? 17  GLN A CB  1 
ATOM   185  C  CG  A GLN A 1 17  ? 1.354   10.589  9.408   0.65 20.66 ? 17  GLN A CG  1 
ATOM   186  C  CG  B GLN A 1 17  ? -0.183  8.429   8.962   0.35 19.92 ? 17  GLN A CG  1 
ATOM   187  C  CD  A GLN A 1 17  ? 0.701   10.876  10.749  0.65 25.55 ? 17  GLN A CD  1 
ATOM   188  C  CD  B GLN A 1 17  ? -0.885  9.004   7.737   0.35 14.05 ? 17  GLN A CD  1 
ATOM   189  O  OE1 A GLN A 1 17  ? -0.285  10.240  11.119  0.65 29.76 ? 17  GLN A OE1 1 
ATOM   190  O  OE1 B GLN A 1 17  ? -0.337  9.006   6.635   0.35 10.67 ? 17  GLN A OE1 1 
ATOM   191  N  NE2 A GLN A 1 17  ? 1.254   11.836  11.487  0.65 20.90 ? 17  GLN A NE2 1 
ATOM   192  N  NE2 B GLN A 1 17  ? -2.116  9.474   7.926   0.35 14.46 ? 17  GLN A NE2 1 
ATOM   193  N  N   . VAL A 1 18  ? 3.015   6.573   8.897   1.00 15.93 ? 18  VAL A N   1 
ATOM   194  C  CA  . VAL A 1 18  ? 3.324   5.229   8.425   1.00 11.46 ? 18  VAL A CA  1 
ATOM   195  C  C   . VAL A 1 18  ? 3.712   4.315   9.589   1.00 12.32 ? 18  VAL A C   1 
ATOM   196  O  O   . VAL A 1 18  ? 3.247   3.180   9.673   1.00 11.75 ? 18  VAL A O   1 
ATOM   197  C  CB  . VAL A 1 18  ? 4.410   5.252   7.326   1.00 11.61 ? 18  VAL A CB  1 
ATOM   198  C  CG1 . VAL A 1 18  ? 4.916   3.847   7.029   1.00 13.93 ? 18  VAL A CG1 1 
ATOM   199  C  CG2 . VAL A 1 18  ? 3.850   5.915   6.063   1.00 13.94 ? 18  VAL A CG2 1 
ATOM   200  N  N   . ASN A 1 19  ? 4.535   4.808   10.507  1.00 15.61 ? 19  ASN A N   1 
ATOM   201  C  CA  . ASN A 1 19  ? 4.917   3.980   11.646  1.00 15.50 ? 19  ASN A CA  1 
ATOM   202  C  C   . ASN A 1 19  ? 3.725   3.642   12.545  1.00 15.92 ? 19  ASN A C   1 
ATOM   203  O  O   . ASN A 1 19  ? 3.636   2.530   13.063  1.00 14.38 ? 19  ASN A O   1 
ATOM   204  C  CB  . ASN A 1 19  ? 6.079   4.603   12.430  1.00 19.60 ? 19  ASN A CB  1 
ATOM   205  C  CG  . ASN A 1 19  ? 7.423   4.369   11.760  1.00 17.99 ? 19  ASN A CG  1 
ATOM   206  O  OD1 . ASN A 1 19  ? 7.670   3.312   11.171  1.00 20.45 ? 19  ASN A OD1 1 
ATOM   207  N  ND2 . ASN A 1 19  ? 8.309   5.348   11.868  1.00 35.42 ? 19  ASN A ND2 1 
ATOM   208  N  N   . ALA A 1 20  ? 2.799   4.583   12.713  1.00 16.84 ? 20  ALA A N   1 
ATOM   209  C  CA  . ALA A 1 20  ? 1.572   4.312   13.464  1.00 18.80 ? 20  ALA A CA  1 
ATOM   210  C  C   . ALA A 1 20  ? 0.695   3.307   12.726  1.00 16.76 ? 20  ALA A C   1 
ATOM   211  O  O   . ALA A 1 20  ? 0.015   2.483   13.340  1.00 15.19 ? 20  ALA A O   1 
ATOM   212  C  CB  . ALA A 1 20  ? 0.801   5.601   13.720  1.00 18.42 ? 20  ALA A CB  1 
ATOM   213  N  N   . ALA A 1 21  ? 0.691   3.389   11.400  1.00 13.94 ? 21  ALA A N   1 
ATOM   214  C  CA  . ALA A 1 21  ? -0.082  2.451   10.595  1.00 13.77 ? 21  ALA A CA  1 
ATOM   215  C  C   . ALA A 1 21  ? 0.474   1.034   10.739  1.00 9.30  ? 21  ALA A C   1 
ATOM   216  O  O   . ALA A 1 21  ? -0.278  0.067   10.843  1.00 9.66  ? 21  ALA A O   1 
ATOM   217  C  CB  . ALA A 1 21  ? -0.086  2.881   9.135   1.00 12.33 ? 21  ALA A CB  1 
ATOM   218  N  N   . LEU A 1 22  ? 1.797   0.922   10.752  1.00 9.84  ? 22  LEU A N   1 
ATOM   219  C  CA  . LEU A 1 22  ? 2.445   -0.371  10.939  1.00 9.38  ? 22  LEU A CA  1 
ATOM   220  C  C   . LEU A 1 22  ? 2.118   -0.936  12.313  1.00 7.99  ? 22  LEU A C   1 
ATOM   221  O  O   . LEU A 1 22  ? 1.852   -2.128  12.446  1.00 11.70 ? 22  LEU A O   1 
ATOM   222  C  CB  . LEU A 1 22  ? 3.962   -0.250  10.771  1.00 9.57  ? 22  LEU A CB  1 
ATOM   223  C  CG  . LEU A 1 22  ? 4.457   -0.023  9.344   1.00 9.45  ? 22  LEU A CG  1 
ATOM   224  C  CD1 . LEU A 1 22  ? 5.943   0.278   9.317   1.00 12.32 ? 22  LEU A CD1 1 
ATOM   225  C  CD2 . LEU A 1 22  ? 4.145   -1.234  8.476   1.00 11.79 ? 22  LEU A CD2 1 
ATOM   226  N  N   . LYS A 1 23  ? 2.144   -0.084  13.333  1.00 11.95 ? 23  LYS A N   1 
ATOM   227  C  CA  . LYS A 1 23  ? 1.775   -0.520  14.671  1.00 11.82 ? 23  LYS A CA  1 
ATOM   228  C  C   . LYS A 1 23  ? 0.348   -1.052  14.658  1.00 14.07 ? 23  LYS A C   1 
ATOM   229  O  O   . LYS A 1 23  ? 0.074   -2.115  15.199  1.00 17.14 ? 23  LYS A O   1 
ATOM   230  C  CB  . LYS A 1 23  ? 1.908   0.621   15.682  1.00 14.29 ? 23  LYS A CB  1 
ATOM   231  C  CG  . LYS A 1 23  ? 1.475   0.226   17.088  1.00 20.84 ? 23  LYS A CG  1 
ATOM   232  C  CD  . LYS A 1 23  ? 1.333   1.431   17.996  1.00 26.33 ? 23  LYS A CD  1 
ATOM   233  C  CE  . LYS A 1 23  ? 0.607   1.057   19.280  1.00 40.11 ? 23  LYS A CE  1 
ATOM   234  N  NZ  . LYS A 1 23  ? 1.280   -0.068  19.987  1.00 44.52 ? 23  LYS A NZ  1 
ATOM   235  N  N   . ALA A 1 24  ? -0.556  -0.305  14.032  1.00 11.38 ? 24  ALA A N   1 
ATOM   236  C  CA  . ALA A 1 24  ? -1.957  -0.695  13.969  1.00 10.51 ? 24  ALA A CA  1 
ATOM   237  C  C   . ALA A 1 24  ? -2.141  -2.020  13.230  1.00 11.32 ? 24  ALA A C   1 
ATOM   238  O  O   . ALA A 1 24  ? -2.910  -2.877  13.671  1.00 12.90 ? 24  ALA A O   1 
ATOM   239  C  CB  . ALA A 1 24  ? -2.789  0.407   13.331  1.00 11.71 ? 24  ALA A CB  1 
ATOM   240  N  N   . LEU A 1 25  ? -1.442  -2.195  12.109  1.00 10.50 ? 25  LEU A N   1 
ATOM   241  C  CA  . LEU A 1 25  ? -1.501  -3.463  11.381  1.00 11.76 ? 25  LEU A CA  1 
ATOM   242  C  C   . LEU A 1 25  ? -1.072  -4.631  12.262  1.00 11.87 ? 25  LEU A C   1 
ATOM   243  O  O   . LEU A 1 25  ? -1.660  -5.716  12.209  1.00 13.53 ? 25  LEU A O   1 
ATOM   244  C  CB  . LEU A 1 25  ? -0.628  -3.416  10.120  1.00 9.18  ? 25  LEU A CB  1 
ATOM   245  C  CG  . LEU A 1 25  ? -1.122  -2.557  8.955   1.00 10.66 ? 25  LEU A CG  1 
ATOM   246  C  CD1 . LEU A 1 25  ? -0.062  -2.486  7.869   1.00 13.36 ? 25  LEU A CD1 1 
ATOM   247  C  CD2 . LEU A 1 25  ? -2.434  -3.080  8.387   1.00 12.12 ? 25  LEU A CD2 1 
ATOM   248  N  N   . GLY A 1 26  ? -0.039  -4.397  13.064  1.00 13.55 ? 26  GLY A N   1 
ATOM   249  C  CA  . GLY A 1 26  ? 0.465   -5.415  13.966  1.00 17.71 ? 26  GLY A CA  1 
ATOM   250  C  C   . GLY A 1 26  ? -0.466  -5.699  15.128  1.00 17.09 ? 26  GLY A C   1 
ATOM   251  O  O   . GLY A 1 26  ? -0.301  -6.698  15.826  1.00 26.50 ? 26  GLY A O   1 
ATOM   252  N  N   . ASP A 1 27  ? -1.448  -4.830  15.335  1.00 15.55 ? 27  ASP A N   1 
ATOM   253  C  CA  . ASP A 1 27  ? -2.400  -4.998  16.435  1.00 17.79 ? 27  ASP A CA  1 
ATOM   254  C  C   . ASP A 1 27  ? -3.677  -5.701  15.973  1.00 17.38 ? 27  ASP A C   1 
ATOM   255  O  O   . ASP A 1 27  ? -4.554  -6.009  16.775  1.00 17.94 ? 27  ASP A O   1 
ATOM   256  C  CB  . ASP A 1 27  ? -2.746  -3.644  17.066  1.00 17.82 ? 27  ASP A CB  1 
ATOM   257  C  CG  . ASP A 1 27  ? -1.622  -3.092  17.934  1.00 22.68 ? 27  ASP A CG  1 
ATOM   258  O  OD1 . ASP A 1 27  ? -0.754  -3.876  18.372  1.00 21.55 ? 27  ASP A OD1 1 
ATOM   259  O  OD2 . ASP A 1 27  ? -1.615  -1.868  18.184  1.00 24.23 ? 27  ASP A OD2 1 
ATOM   260  N  N   . ILE A 1 28  ? -3.787  -5.942  14.673  1.00 12.80 ? 28  ILE A N   1 
ATOM   261  C  CA  . ILE A 1 28  ? -4.942  -6.647  14.130  1.00 12.92 ? 28  ILE A CA  1 
ATOM   262  C  C   . ILE A 1 28  ? -4.991  -8.062  14.699  1.00 14.29 ? 28  ILE A C   1 
ATOM   263  O  O   . ILE A 1 28  ? -3.986  -8.770  14.696  1.00 14.31 ? 28  ILE A O   1 
ATOM   264  C  CB  . ILE A 1 28  ? -4.875  -6.713  12.587  1.00 11.52 ? 28  ILE A CB  1 
ATOM   265  C  CG1 . ILE A 1 28  ? -5.010  -5.313  11.976  1.00 12.02 ? 28  ILE A CG1 1 
ATOM   266  C  CG2 . ILE A 1 28  ? -5.941  -7.641  12.032  1.00 14.34 ? 28  ILE A CG2 1 
ATOM   267  C  CD1 . ILE A 1 28  ? -4.918  -5.305  10.449  1.00 11.48 ? 28  ILE A CD1 1 
ATOM   268  N  N   . PRO A 1 29  ? -6.160  -8.472  15.210  1.00 14.77 ? 29  PRO A N   1 
ATOM   269  C  CA  . PRO A 1 29  ? -6.299  -9.796  15.827  1.00 14.30 ? 29  PRO A CA  1 
ATOM   270  C  C   . PRO A 1 29  ? -6.115  -10.923 14.813  1.00 15.08 ? 29  PRO A C   1 
ATOM   271  O  O   . PRO A 1 29  ? -6.306  -10.705 13.612  1.00 12.37 ? 29  PRO A O   1 
ATOM   272  C  CB  . PRO A 1 29  ? -7.749  -9.781  16.332  1.00 21.68 ? 29  PRO A CB  1 
ATOM   273  C  CG  . PRO A 1 29  ? -8.435  -8.784  15.442  1.00 22.64 ? 29  PRO A CG  1 
ATOM   274  C  CD  . PRO A 1 29  ? -7.412  -7.703  15.290  1.00 14.98 ? 29  PRO A CD  1 
ATOM   275  N  N   . GLU A 1 30  ? -5.735  -12.108 15.290  1.00 14.24 ? 30  GLU A N   1 
ATOM   276  C  CA  . GLU A 1 30  ? -5.602  -13.291 14.443  1.00 14.74 ? 30  GLU A CA  1 
ATOM   277  C  C   . GLU A 1 30  ? -4.578  -13.090 13.328  1.00 12.26 ? 30  GLU A C   1 
ATOM   278  O  O   . GLU A 1 30  ? -4.603  -13.791 12.319  1.00 14.36 ? 30  GLU A O   1 
ATOM   279  C  CB  . GLU A 1 30  ? -6.949  -13.672 13.822  1.00 20.24 ? 30  GLU A CB  1 
ATOM   280  C  CG  . GLU A 1 30  ? -8.039  -14.053 14.816  1.00 21.51 ? 30  GLU A CG  1 
ATOM   281  C  CD  . GLU A 1 30  ? -9.305  -14.524 14.117  1.00 29.94 ? 30  GLU A CD  1 
ATOM   282  O  OE1 . GLU A 1 30  ? -9.213  -15.425 13.254  1.00 31.86 ? 30  GLU A OE1 1 
ATOM   283  O  OE2 . GLU A 1 30  ? -10.391 -13.990 14.422  1.00 31.83 ? 30  GLU A OE2 1 
ATOM   284  N  N   . SER A 1 31  ? -3.671  -12.146 13.528  1.00 12.51 ? 31  SER A N   1 
ATOM   285  C  CA  . SER A 1 31  ? -2.710  -11.778 12.495  1.00 12.47 ? 31  SER A CA  1 
ATOM   286  C  C   . SER A 1 31  ? -1.368  -11.377 13.105  1.00 12.72 ? 31  SER A C   1 
ATOM   287  O  O   . SER A 1 31  ? -1.297  -11.008 14.278  1.00 14.11 ? 31  SER A O   1 
ATOM   288  C  CB  . SER A 1 31  ? -3.263  -10.612 11.672  1.00 11.65 ? 31  SER A CB  1 
ATOM   289  O  OG  . SER A 1 31  ? -4.614  -10.845 11.294  1.00 13.17 ? 31  SER A OG  1 
ATOM   290  N  N   . HIS A 1 32  ? -0.306  -11.448 12.311  1.00 7.25  ? 32  HIS A N   1 
ATOM   291  C  CA  . HIS A 1 32  ? 0.965   -10.851 12.704  1.00 9.47  ? 32  HIS A CA  1 
ATOM   292  C  C   . HIS A 1 32  ? 1.738   -10.444 11.466  1.00 10.15 ? 32  HIS A C   1 
ATOM   293  O  O   . HIS A 1 32  ? 1.563   -11.033 10.395  1.00 8.66  ? 32  HIS A O   1 
ATOM   294  C  CB  . HIS A 1 32  ? 1.797   -11.801 13.591  1.00 9.90  ? 32  HIS A CB  1 
ATOM   295  C  CG  . HIS A 1 32  ? 2.454   -12.920 12.845  1.00 11.10 ? 32  HIS A CG  1 
ATOM   296  N  ND1 . HIS A 1 32  ? 1.826   -14.119 12.597  1.00 15.36 ? 32  HIS A ND1 1 
ATOM   297  C  CD2 . HIS A 1 32  ? 3.692   -13.023 12.304  1.00 14.88 ? 32  HIS A CD2 1 
ATOM   298  C  CE1 . HIS A 1 32  ? 2.642   -14.912 11.926  1.00 14.84 ? 32  HIS A CE1 1 
ATOM   299  N  NE2 . HIS A 1 32  ? 3.781   -14.271 11.734  1.00 17.20 ? 32  HIS A NE2 1 
ATOM   300  N  N   . ILE A 1 33  ? 2.577   -9.427  11.604  1.00 9.66  ? 33  ILE A N   1 
ATOM   301  C  CA  . ILE A 1 33  ? 3.415   -9.004  10.500  1.00 7.70  ? 33  ILE A CA  1 
ATOM   302  C  C   . ILE A 1 33  ? 4.599   -9.946  10.299  1.00 9.80  ? 33  ILE A C   1 
ATOM   303  O  O   . ILE A 1 33  ? 5.373   -10.215 11.222  1.00 12.40 ? 33  ILE A O   1 
ATOM   304  C  CB  . ILE A 1 33  ? 3.904   -7.554  10.690  1.00 8.88  ? 33  ILE A CB  1 
ATOM   305  C  CG1 . ILE A 1 33  ? 2.717   -6.586  10.646  1.00 11.39 ? 33  ILE A CG1 1 
ATOM   306  C  CG2 . ILE A 1 33  ? 4.941   -7.197  9.634   1.00 11.28 ? 33  ILE A CG2 1 
ATOM   307  C  CD1 . ILE A 1 33  ? 3.072   -5.149  11.025  1.00 13.15 ? 33  ILE A CD1 1 
ATOM   308  N  N   . LEU A 1 34  ? 4.734   -10.441 9.078   1.00 7.90  ? 34  LEU A N   1 
ATOM   309  C  CA  . LEU A 1 34  ? 5.849   -11.295 8.702   1.00 10.37 ? 34  LEU A CA  1 
ATOM   310  C  C   . LEU A 1 34  ? 7.052   -10.448 8.318   1.00 10.70 ? 34  LEU A C   1 
ATOM   311  O  O   . LEU A 1 34  ? 8.175   -10.676 8.789   1.00 13.99 ? 34  LEU A O   1 
ATOM   312  C  CB  . LEU A 1 34  ? 5.452   -12.163 7.516   1.00 10.72 ? 34  LEU A CB  1 
ATOM   313  C  CG  . LEU A 1 34  ? 4.368   -13.198 7.792   1.00 12.84 ? 34  LEU A CG  1 
ATOM   314  C  CD1 . LEU A 1 34  ? 3.783   -13.710 6.488   1.00 13.39 ? 34  LEU A CD1 1 
ATOM   315  C  CD2 . LEU A 1 34  ? 4.943   -14.344 8.603   1.00 15.90 ? 34  LEU A CD2 1 
ATOM   316  N  N   A THR A 1 35  ? 6.823   -9.457  7.474   0.54 10.14 ? 35  THR A N   1 
ATOM   317  N  N   B THR A 1 35  ? 6.802   -9.470  7.448   0.46 10.16 ? 35  THR A N   1 
ATOM   318  C  CA  A THR A 1 35  ? 7.902   -8.569  7.108   0.54 12.01 ? 35  THR A CA  1 
ATOM   319  C  CA  B THR A 1 35  ? 7.846   -8.679  6.806   0.46 11.77 ? 35  THR A CA  1 
ATOM   320  C  C   A THR A 1 35  ? 7.364   -7.299  6.483   0.54 8.69  ? 35  THR A C   1 
ATOM   321  C  C   B THR A 1 35  ? 7.318   -7.275  6.504   0.46 8.72  ? 35  THR A C   1 
ATOM   322  O  O   A THR A 1 35  ? 6.224   -7.245  6.016   0.54 9.47  ? 35  THR A O   1 
ATOM   323  O  O   B THR A 1 35  ? 6.113   -7.102  6.294   0.46 8.97  ? 35  THR A O   1 
ATOM   324  C  CB  A THR A 1 35  ? 8.888   -9.242  6.147   0.54 16.55 ? 35  THR A CB  1 
ATOM   325  C  CB  B THR A 1 35  ? 8.262   -9.325  5.462   0.46 11.40 ? 35  THR A CB  1 
ATOM   326  O  OG1 A THR A 1 35  ? 10.103  -8.485  6.103   0.54 15.63 ? 35  THR A OG1 1 
ATOM   327  O  OG1 B THR A 1 35  ? 8.427   -10.739 5.630   0.46 20.79 ? 35  THR A OG1 1 
ATOM   328  C  CG2 A THR A 1 35  ? 8.289   -9.336  4.755   0.54 10.26 ? 35  THR A CG2 1 
ATOM   329  C  CG2 B THR A 1 35  ? 9.556   -8.723  4.948   0.46 13.28 ? 35  THR A CG2 1 
ATOM   330  N  N   . VAL A 1 36  ? 8.210   -6.282  6.495   1.00 9.04  ? 36  VAL A N   1 
ATOM   331  C  CA  . VAL A 1 36  ? 7.885   -4.961  5.981   1.00 7.20  ? 36  VAL A CA  1 
ATOM   332  C  C   . VAL A 1 36  ? 9.009   -4.583  5.024   1.00 9.58  ? 36  VAL A C   1 
ATOM   333  O  O   . VAL A 1 36  ? 10.190  -4.791  5.328   1.00 10.15 ? 36  VAL A O   1 
ATOM   334  C  CB  . VAL A 1 36  ? 7.775   -3.905  7.114   1.00 9.74  ? 36  VAL A CB  1 
ATOM   335  C  CG1 . VAL A 1 36  ? 7.418   -2.548  6.534   1.00 11.72 ? 36  VAL A CG1 1 
ATOM   336  C  CG2 . VAL A 1 36  ? 6.756   -4.334  8.162   1.00 10.59 ? 36  VAL A CG2 1 
ATOM   337  N  N   . SER A 1 37  ? 8.657   -4.052  3.858   1.00 6.99  ? 37  SER A N   1 
ATOM   338  C  CA  . SER A 1 37  ? 9.646   -3.628  2.891   1.00 6.24  ? 37  SER A CA  1 
ATOM   339  C  C   . SER A 1 37  ? 10.394  -2.400  3.388   1.00 8.75  ? 37  SER A C   1 
ATOM   340  O  O   . SER A 1 37  ? 10.055  -1.831  4.429   1.00 8.76  ? 37  SER A O   1 
ATOM   341  C  CB  . SER A 1 37  ? 8.972   -3.278  1.564   1.00 8.47  ? 37  SER A CB  1 
ATOM   342  O  OG  . SER A 1 37  ? 8.237   -2.061  1.670   1.00 6.74  ? 37  SER A OG  1 
ATOM   343  N  N   . SER A 1 38  ? 11.410  -1.994  2.638   1.00 9.84  ? 38  SER A N   1 
ATOM   344  C  CA  . SER A 1 38  ? 12.004  -0.677  2.832   1.00 10.28 ? 38  SER A CA  1 
ATOM   345  C  C   . SER A 1 38  ? 10.950  0.396   2.549   1.00 9.27  ? 38  SER A C   1 
ATOM   346  O  O   . SER A 1 38  ? 9.920   0.134   1.914   1.00 8.82  ? 38  SER A O   1 
ATOM   347  C  CB  . SER A 1 38  ? 13.189  -0.478  1.888   1.00 9.33  ? 38  SER A CB  1 
ATOM   348  O  OG  . SER A 1 38  ? 14.213  -1.411  2.159   1.00 11.91 ? 38  SER A OG  1 
ATOM   349  N  N   . PHE A 1 39  ? 11.192  1.609   3.021   1.00 9.62  ? 39  PHE A N   1 
ATOM   350  C  CA  . PHE A 1 39  ? 10.315  2.723   2.698   1.00 9.54  ? 39  PHE A CA  1 
ATOM   351  C  C   . PHE A 1 39  ? 10.802  3.364   1.409   1.00 10.48 ? 39  PHE A C   1 
ATOM   352  O  O   . PHE A 1 39  ? 11.998  3.611   1.251   1.00 11.67 ? 39  PHE A O   1 
ATOM   353  C  CB  . PHE A 1 39  ? 10.303  3.767   3.817   1.00 10.87 ? 39  PHE A CB  1 
ATOM   354  C  CG  . PHE A 1 39  ? 9.714   3.273   5.103   1.00 15.07 ? 39  PHE A CG  1 
ATOM   355  C  CD1 . PHE A 1 39  ? 8.888   2.160   5.128   1.00 14.32 ? 39  PHE A CD1 1 
ATOM   356  C  CD2 . PHE A 1 39  ? 9.961   3.945   6.287   1.00 23.46 ? 39  PHE A CD2 1 
ATOM   357  C  CE1 . PHE A 1 39  ? 8.343   1.716   6.326   1.00 14.95 ? 39  PHE A CE1 1 
ATOM   358  C  CE2 . PHE A 1 39  ? 9.416   3.509   7.475   1.00 24.74 ? 39  PHE A CE2 1 
ATOM   359  C  CZ  . PHE A 1 39  ? 8.608   2.395   7.495   1.00 22.85 ? 39  PHE A CZ  1 
ATOM   360  N  N   . TYR A 1 40  ? 9.880   3.614   0.488   1.00 9.96  ? 40  TYR A N   1 
ATOM   361  C  CA  . TYR A 1 40  ? 10.215  4.185   -0.802  1.00 8.12  ? 40  TYR A CA  1 
ATOM   362  C  C   . TYR A 1 40  ? 9.553   5.532   -0.971  1.00 12.32 ? 40  TYR A C   1 
ATOM   363  O  O   . TYR A 1 40  ? 8.582   5.854   -0.281  1.00 15.36 ? 40  TYR A O   1 
ATOM   364  C  CB  . TYR A 1 40  ? 9.811   3.249   -1.948  1.00 9.64  ? 40  TYR A CB  1 
ATOM   365  C  CG  . TYR A 1 40  ? 10.585  1.951   -1.950  1.00 9.18  ? 40  TYR A CG  1 
ATOM   366  C  CD1 . TYR A 1 40  ? 10.143  0.848   -1.224  1.00 8.28  ? 40  TYR A CD1 1 
ATOM   367  C  CD2 . TYR A 1 40  ? 11.771  1.831   -2.665  1.00 12.40 ? 40  TYR A CD2 1 
ATOM   368  C  CE1 . TYR A 1 40  ? 10.856  -0.331  -1.211  1.00 8.70  ? 40  TYR A CE1 1 
ATOM   369  C  CE2 . TYR A 1 40  ? 12.488  0.652   -2.668  1.00 14.38 ? 40  TYR A CE2 1 
ATOM   370  C  CZ  . TYR A 1 40  ? 12.022  -0.429  -1.942  1.00 12.68 ? 40  TYR A CZ  1 
ATOM   371  O  OH  . TYR A 1 40  ? 12.740  -1.597  -1.941  1.00 14.70 ? 40  TYR A OH  1 
ATOM   372  N  N   . ARG A 1 41  ? 10.080  6.297   -1.917  1.00 12.31 ? 41  ARG A N   1 
ATOM   373  C  CA  . ARG A 1 41  ? 9.614   7.637   -2.208  1.00 11.47 ? 41  ARG A CA  1 
ATOM   374  C  C   . ARG A 1 41  ? 9.116   7.671   -3.646  1.00 13.80 ? 41  ARG A C   1 
ATOM   375  O  O   . ARG A 1 41  ? 9.794   7.170   -4.543  1.00 16.14 ? 41  ARG A O   1 
ATOM   376  C  CB  . ARG A 1 41  ? 10.790  8.607   -2.032  1.00 18.03 ? 41  ARG A CB  1 
ATOM   377  C  CG  . ARG A 1 41  ? 10.588  10.012  -2.538  1.00 22.55 ? 41  ARG A CG  1 
ATOM   378  C  CD  . ARG A 1 41  ? 11.882  10.801  -2.345  1.00 16.93 ? 41  ARG A CD  1 
ATOM   379  N  NE  . ARG A 1 41  ? 12.341  10.741  -0.961  1.00 15.93 ? 41  ARG A NE  1 
ATOM   380  C  CZ  . ARG A 1 41  ? 11.891  11.541  0.000   1.00 15.63 ? 41  ARG A CZ  1 
ATOM   381  N  NH1 . ARG A 1 41  ? 10.967  12.450  -0.282  1.00 17.24 ? 41  ARG A NH1 1 
ATOM   382  N  NH2 . ARG A 1 41  ? 12.358  11.427  1.236   1.00 17.17 ? 41  ARG A NH2 1 
ATOM   383  N  N   . THR A 1 42  ? 7.929   8.231   -3.868  1.00 11.46 ? 42  THR A N   1 
ATOM   384  C  CA  . THR A 1 42  ? 7.470   8.503   -5.228  1.00 15.17 ? 42  THR A CA  1 
ATOM   385  C  C   . THR A 1 42  ? 6.950   9.931   -5.332  1.00 16.47 ? 42  THR A C   1 
ATOM   386  O  O   . THR A 1 42  ? 6.486   10.498  -4.345  1.00 14.78 ? 42  THR A O   1 
ATOM   387  C  CB  . THR A 1 42  ? 6.403   7.497   -5.722  1.00 17.90 ? 42  THR A CB  1 
ATOM   388  O  OG1 . THR A 1 42  ? 5.286   7.491   -4.827  1.00 15.80 ? 42  THR A OG1 1 
ATOM   389  C  CG2 . THR A 1 42  ? 6.984   6.097   -5.814  1.00 19.55 ? 42  THR A CG2 1 
ATOM   390  N  N   . PRO A 1 43  ? 7.047   10.528  -6.527  1.00 18.46 ? 43  PRO A N   1 
ATOM   391  C  CA  . PRO A 1 43  ? 6.633   11.919  -6.736  1.00 20.13 ? 43  PRO A CA  1 
ATOM   392  C  C   . PRO A 1 43  ? 5.124   12.072  -6.679  1.00 20.20 ? 43  PRO A C   1 
ATOM   393  O  O   . PRO A 1 43  ? 4.397   11.101  -6.888  1.00 25.17 ? 43  PRO A O   1 
ATOM   394  C  CB  . PRO A 1 43  ? 7.118   12.221  -8.162  1.00 24.81 ? 43  PRO A CB  1 
ATOM   395  C  CG  . PRO A 1 43  ? 8.081   11.122  -8.503  1.00 30.58 ? 43  PRO A CG  1 
ATOM   396  C  CD  . PRO A 1 43  ? 7.610   9.932   -7.748  1.00 28.39 ? 43  PRO A CD  1 
ATOM   397  N  N   . PRO A 1 44  ? 4.649   13.289  -6.397  1.00 19.72 ? 44  PRO A N   1 
ATOM   398  C  CA  . PRO A 1 44  ? 3.214   13.582  -6.409  1.00 29.94 ? 44  PRO A CA  1 
ATOM   399  C  C   . PRO A 1 44  ? 2.651   13.398  -7.814  1.00 29.21 ? 44  PRO A C   1 
ATOM   400  O  O   . PRO A 1 44  ? 3.401   13.414  -8.791  1.00 29.64 ? 44  PRO A O   1 
ATOM   401  C  CB  . PRO A 1 44  ? 3.172   15.067  -6.028  1.00 26.89 ? 44  PRO A CB  1 
ATOM   402  C  CG  . PRO A 1 44  ? 4.525   15.585  -6.442  1.00 25.71 ? 44  PRO A CG  1 
ATOM   403  C  CD  . PRO A 1 44  ? 5.437   14.478  -6.032  1.00 22.62 ? 44  PRO A CD  1 
ATOM   404  N  N   A LEU A 1 45  ? 1.338   13.217  -7.915  0.65 35.61 ? 45  LEU A N   1 
ATOM   405  N  N   B LEU A 1 45  ? 1.336   13.222  -7.906  0.35 35.58 ? 45  LEU A N   1 
ATOM   406  C  CA  A LEU A 1 45  ? 0.692   13.075  -9.215  0.65 38.67 ? 45  LEU A CA  1 
ATOM   407  C  CA  B LEU A 1 45  ? 0.657   13.224  -9.193  0.35 38.53 ? 45  LEU A CA  1 
ATOM   408  C  C   A LEU A 1 45  ? 0.235   14.434  -9.736  0.65 37.04 ? 45  LEU A C   1 
ATOM   409  C  C   B LEU A 1 45  ? 0.086   14.616  -9.431  0.35 37.25 ? 45  LEU A C   1 
ATOM   410  O  O   A LEU A 1 45  ? -0.440  15.182  -9.029  0.65 40.72 ? 45  LEU A O   1 
ATOM   411  O  O   B LEU A 1 45  ? -0.591  15.174  -8.566  0.35 38.09 ? 45  LEU A O   1 
ATOM   412  C  CB  A LEU A 1 45  ? -0.489  12.107  -9.127  0.65 40.31 ? 45  LEU A CB  1 
ATOM   413  C  CB  B LEU A 1 45  ? -0.454  12.173  -9.231  0.35 40.20 ? 45  LEU A CB  1 
ATOM   414  C  CG  A LEU A 1 45  ? -0.150  10.688  -8.667  0.65 41.61 ? 45  LEU A CG  1 
ATOM   415  C  CG  B LEU A 1 45  ? -1.047  11.831  -10.604 0.35 40.00 ? 45  LEU A CG  1 
ATOM   416  C  CD1 A LEU A 1 45  ? -1.401  9.824   -8.615  0.65 38.47 ? 45  LEU A CD1 1 
ATOM   417  C  CD1 B LEU A 1 45  ? -1.957  12.938  -11.121 0.35 40.90 ? 45  LEU A CD1 1 
ATOM   418  C  CD2 A LEU A 1 45  ? 0.900   10.064  -9.576  0.65 36.98 ? 45  LEU A CD2 1 
ATOM   419  C  CD2 B LEU A 1 45  ? 0.056   11.523  -11.609 0.35 41.41 ? 45  LEU A CD2 1 
ATOM   420  N  N   A GLY A 1 46  ? 0.609   14.751  -10.972 0.65 37.06 ? 46  GLY A N   1 
ATOM   421  N  N   B GLY A 1 46  ? 0.367   15.173  -10.602 0.35 37.08 ? 46  GLY A N   1 
ATOM   422  C  CA  A GLY A 1 46  ? 0.275   16.037  -11.560 0.65 34.71 ? 46  GLY A CA  1 
ATOM   423  C  CA  B GLY A 1 46  ? -0.050  16.525  -10.918 0.35 32.95 ? 46  GLY A CA  1 
ATOM   424  C  C   A GLY A 1 46  ? 1.260   17.118  -11.153 0.65 33.15 ? 46  GLY A C   1 
ATOM   425  C  C   B GLY A 1 46  ? 1.124   17.482  -10.882 0.35 32.99 ? 46  GLY A C   1 
ATOM   426  O  O   A GLY A 1 46  ? 2.451   17.013  -11.447 0.65 33.44 ? 46  GLY A O   1 
ATOM   427  O  O   B GLY A 1 46  ? 2.071   17.280  -10.119 0.35 31.05 ? 46  GLY A O   1 
ATOM   428  N  N   A PRO A 1 47  ? 0.766   18.167  -10.475 0.65 34.21 ? 47  PRO A N   1 
ATOM   429  N  N   B PRO A 1 47  ? 1.071   18.533  -11.710 0.35 29.82 ? 47  PRO A N   1 
ATOM   430  C  CA  A PRO A 1 47  ? 1.603   19.272  -9.989  0.65 28.79 ? 47  PRO A CA  1 
ATOM   431  C  CA  B PRO A 1 47  ? 2.149   19.521  -11.822 0.35 29.19 ? 47  PRO A CA  1 
ATOM   432  C  C   A PRO A 1 47  ? 2.724   18.770  -9.081  0.65 32.94 ? 47  PRO A C   1 
ATOM   433  C  C   B PRO A 1 47  ? 2.336   20.332  -10.541 0.35 27.09 ? 47  PRO A C   1 
ATOM   434  O  O   A PRO A 1 47  ? 2.489   17.915  -8.226  0.65 30.17 ? 47  PRO A O   1 
ATOM   435  O  O   B PRO A 1 47  ? 3.368   20.976  -10.370 0.35 27.48 ? 47  PRO A O   1 
ATOM   436  C  CB  A PRO A 1 47  ? 0.613   20.130  -9.188  0.65 29.44 ? 47  PRO A CB  1 
ATOM   437  C  CB  B PRO A 1 47  ? 1.667   20.440  -12.952 0.35 28.73 ? 47  PRO A CB  1 
ATOM   438  C  CG  A PRO A 1 47  ? -0.553  19.212  -8.912  0.65 32.99 ? 47  PRO A CG  1 
ATOM   439  C  CG  B PRO A 1 47  ? 0.627   19.653  -13.685 0.35 26.35 ? 47  PRO A CG  1 
ATOM   440  C  CD  A PRO A 1 47  ? -0.651  18.398  -10.156 0.65 32.30 ? 47  PRO A CD  1 
ATOM   441  C  CD  B PRO A 1 47  ? -0.031  18.813  -12.645 0.35 29.49 ? 47  PRO A CD  1 
ATOM   442  N  N   A GLN A 1 48  ? 3.927   19.302  -9.264  0.65 30.06 ? 48  GLN A N   1 
ATOM   443  N  N   B GLN A 1 48  ? 1.349   20.283  -9.653  0.35 26.65 ? 48  GLN A N   1 
ATOM   444  C  CA  A GLN A 1 48  ? 5.091   18.811  -8.535  0.65 27.13 ? 48  GLN A CA  1 
ATOM   445  C  CA  B GLN A 1 48  ? 1.316   21.141  -8.469  0.35 27.06 ? 48  GLN A CA  1 
ATOM   446  C  C   A GLN A 1 48  ? 5.373   19.573  -7.239  0.65 30.02 ? 48  GLN A C   1 
ATOM   447  C  C   B GLN A 1 48  ? 2.565   21.042  -7.594  0.35 27.47 ? 48  GLN A C   1 
ATOM   448  O  O   A GLN A 1 48  ? 6.270   19.198  -6.482  0.65 27.45 ? 48  GLN A O   1 
ATOM   449  O  O   B GLN A 1 48  ? 2.826   21.924  -6.775  0.35 27.14 ? 48  GLN A O   1 
ATOM   450  C  CB  A GLN A 1 48  ? 6.326   18.800  -9.439  0.65 29.27 ? 48  GLN A CB  1 
ATOM   451  C  CB  B GLN A 1 48  ? 0.075   20.831  -7.629  0.35 24.98 ? 48  GLN A CB  1 
ATOM   452  C  CG  A GLN A 1 48  ? 6.233   17.789  -10.570 0.65 30.77 ? 48  GLN A CG  1 
ATOM   453  C  CG  B GLN A 1 48  ? -1.119  20.361  -8.441  0.35 28.99 ? 48  GLN A CG  1 
ATOM   454  C  CD  A GLN A 1 48  ? 5.989   16.380  -10.062 0.65 33.78 ? 48  GLN A CD  1 
ATOM   455  C  CD  B GLN A 1 48  ? -1.417  21.264  -9.620  0.35 26.41 ? 48  GLN A CD  1 
ATOM   456  O  OE1 A GLN A 1 48  ? 6.817   15.814  -9.347  0.65 32.53 ? 48  GLN A OE1 1 
ATOM   457  O  OE1 B GLN A 1 48  ? -1.836  20.800  -10.680 0.35 30.55 ? 48  GLN A OE1 1 
ATOM   458  N  NE2 A GLN A 1 48  ? 4.845   15.806  -10.426 0.65 26.67 ? 48  GLN A NE2 1 
ATOM   459  N  NE2 B GLN A 1 48  ? -1.198  22.563  -9.444  0.35 23.51 ? 48  GLN A NE2 1 
ATOM   460  N  N   A ASP A 1 49  ? 4.607   20.630  -6.977  0.65 24.92 ? 49  ASP A N   1 
ATOM   461  N  N   B ASP A 1 49  ? 3.329   19.969  -7.765  0.35 27.78 ? 49  ASP A N   1 
ATOM   462  C  CA  A ASP A 1 49  ? 4.764   21.371  -5.729  0.65 22.10 ? 49  ASP A CA  1 
ATOM   463  C  CA  B ASP A 1 49  ? 4.514   19.734  -6.947  0.35 31.00 ? 49  ASP A CA  1 
ATOM   464  C  C   A ASP A 1 49  ? 3.949   20.760  -4.582  0.65 29.20 ? 49  ASP A C   1 
ATOM   465  C  C   B ASP A 1 49  ? 4.139   19.670  -5.470  0.35 27.49 ? 49  ASP A C   1 
ATOM   466  O  O   A ASP A 1 49  ? 3.552   21.459  -3.649  0.65 31.80 ? 49  ASP A O   1 
ATOM   467  O  O   B ASP A 1 49  ? 4.549   20.515  -4.671  0.35 30.97 ? 49  ASP A O   1 
ATOM   468  C  CB  A ASP A 1 49  ? 4.452   22.864  -5.912  0.65 24.05 ? 49  ASP A CB  1 
ATOM   469  C  CB  B ASP A 1 49  ? 5.571   20.813  -7.184  0.35 29.10 ? 49  ASP A CB  1 
ATOM   470  C  CG  A ASP A 1 49  ? 2.989   23.131  -6.223  0.65 26.67 ? 49  ASP A CG  1 
ATOM   471  C  CG  B ASP A 1 49  ? 6.932   20.424  -6.639  0.35 30.98 ? 49  ASP A CG  1 
ATOM   472  O  OD1 A ASP A 1 49  ? 2.233   22.156  -6.412  0.65 29.91 ? 49  ASP A OD1 1 
ATOM   473  O  OD1 B ASP A 1 49  ? 7.127   19.227  -6.339  0.35 31.24 ? 49  ASP A OD1 1 
ATOM   474  O  OD2 A ASP A 1 49  ? 2.596   24.321  -6.278  0.65 13.11 ? 49  ASP A OD2 1 
ATOM   475  O  OD2 B ASP A 1 49  ? 7.806   21.308  -6.513  0.35 30.32 ? 49  ASP A OD2 1 
ATOM   476  N  N   A GLN A 1 50  ? 3.710   19.453  -4.663  0.65 23.61 ? 50  GLN A N   1 
ATOM   477  N  N   B GLN A 1 50  ? 3.348   18.663  -5.120  0.35 27.20 ? 50  GLN A N   1 
ATOM   478  C  CA  A GLN A 1 50  ? 3.053   18.706  -3.592  0.65 26.38 ? 50  GLN A CA  1 
ATOM   479  C  CA  B GLN A 1 50  ? 2.919   18.446  -3.747  0.35 27.53 ? 50  GLN A CA  1 
ATOM   480  C  C   A GLN A 1 50  ? 4.058   17.784  -2.911  0.65 22.24 ? 50  GLN A C   1 
ATOM   481  C  C   B GLN A 1 50  ? 3.942   17.568  -3.029  0.35 22.68 ? 50  GLN A C   1 
ATOM   482  O  O   A GLN A 1 50  ? 5.162   17.586  -3.416  0.65 20.42 ? 50  GLN A O   1 
ATOM   483  O  O   B GLN A 1 50  ? 4.974   17.228  -3.609  0.35 21.50 ? 50  GLN A O   1 
ATOM   484  C  CB  A GLN A 1 50  ? 1.912   17.851  -4.144  0.65 27.85 ? 50  GLN A CB  1 
ATOM   485  C  CB  B GLN A 1 50  ? 1.537   17.789  -3.745  0.35 29.41 ? 50  GLN A CB  1 
ATOM   486  C  CG  A GLN A 1 50  ? 1.069   18.499  -5.220  0.65 32.97 ? 50  GLN A CG  1 
ATOM   487  C  CG  B GLN A 1 50  ? 0.475   18.586  -4.485  0.35 31.12 ? 50  GLN A CG  1 
ATOM   488  C  CD  A GLN A 1 50  ? 0.013   17.548  -5.755  0.65 30.53 ? 50  GLN A CD  1 
ATOM   489  C  CD  B GLN A 1 50  ? 0.214   19.937  -3.852  0.35 28.10 ? 50  GLN A CD  1 
ATOM   490  O  OE1 A GLN A 1 50  ? -0.986  17.270  -5.090  0.65 41.03 ? 50  GLN A OE1 1 
ATOM   491  O  OE1 B GLN A 1 50  ? 0.047   20.939  -4.547  0.35 33.74 ? 50  GLN A OE1 1 
ATOM   492  N  NE2 A GLN A 1 50  ? 0.234   17.038  -6.960  0.65 31.25 ? 50  GLN A NE2 1 
ATOM   493  N  NE2 B GLN A 1 50  ? 0.183   19.973  -2.525  0.35 29.84 ? 50  GLN A NE2 1 
ATOM   494  N  N   . PRO A 1 51  ? 3.674   17.204  -1.763  1.00 21.37 ? 51  PRO A N   1 
ATOM   495  C  CA  . PRO A 1 51  ? 4.578   16.275  -1.073  1.00 20.27 ? 51  PRO A CA  1 
ATOM   496  C  C   . PRO A 1 51  ? 4.747   14.970  -1.846  1.00 17.46 ? 51  PRO A C   1 
ATOM   497  O  O   . PRO A 1 51  ? 3.836   14.551  -2.561  1.00 17.44 ? 51  PRO A O   1 
ATOM   498  C  CB  . PRO A 1 51  ? 3.853   15.998  0.248   1.00 21.76 ? 51  PRO A CB  1 
ATOM   499  C  CG  . PRO A 1 51  ? 2.950   17.175  0.446   1.00 23.01 ? 51  PRO A CG  1 
ATOM   500  C  CD  . PRO A 1 51  ? 2.515   17.571  -0.927  1.00 21.05 ? 51  PRO A CD  1 
ATOM   501  N  N   . ASP A 1 52  ? 5.911   14.347  -1.709  1.00 14.93 ? 52  ASP A N   1 
ATOM   502  C  CA  . ASP A 1 52  ? 6.125   13.009  -2.244  1.00 13.82 ? 52  ASP A CA  1 
ATOM   503  C  C   . ASP A 1 52  ? 5.239   12.021  -1.491  1.00 16.87 ? 52  ASP A C   1 
ATOM   504  O  O   . ASP A 1 52  ? 4.786   12.299  -0.380  1.00 15.77 ? 52  ASP A O   1 
ATOM   505  C  CB  . ASP A 1 52  ? 7.579   12.591  -2.049  1.00 14.37 ? 52  ASP A CB  1 
ATOM   506  C  CG  . ASP A 1 52  ? 8.519   13.225  -3.057  1.00 18.94 ? 52  ASP A CG  1 
ATOM   507  O  OD1 . ASP A 1 52  ? 8.050   13.959  -3.949  1.00 18.94 ? 52  ASP A OD1 1 
ATOM   508  O  OD2 . ASP A 1 52  ? 9.737   12.969  -2.957  1.00 23.06 ? 52  ASP A OD2 1 
ATOM   509  N  N   . TYR A 1 53  ? 4.994   10.864  -2.095  1.00 14.38 ? 53  TYR A N   1 
ATOM   510  C  CA  . TYR A 1 53  ? 4.372   9.760   -1.377  1.00 14.38 ? 53  TYR A CA  1 
ATOM   511  C  C   . TYR A 1 53  ? 5.447   8.911   -0.702  1.00 12.97 ? 53  TYR A C   1 
ATOM   512  O  O   . TYR A 1 53  ? 6.527   8.709   -1.259  1.00 12.97 ? 53  TYR A O   1 
ATOM   513  C  CB  . TYR A 1 53  ? 3.574   8.883   -2.340  1.00 16.70 ? 53  TYR A CB  1 
ATOM   514  C  CG  . TYR A 1 53  ? 2.208   9.409   -2.706  1.00 22.37 ? 53  TYR A CG  1 
ATOM   515  C  CD1 . TYR A 1 53  ? 2.066   10.520  -3.527  1.00 24.65 ? 53  TYR A CD1 1 
ATOM   516  C  CD2 . TYR A 1 53  ? 1.059   8.781   -2.246  1.00 23.50 ? 53  TYR A CD2 1 
ATOM   517  C  CE1 . TYR A 1 53  ? 0.811   10.999  -3.871  1.00 29.24 ? 53  TYR A CE1 1 
ATOM   518  C  CE2 . TYR A 1 53  ? -0.197  9.250   -2.583  1.00 28.84 ? 53  TYR A CE2 1 
ATOM   519  C  CZ  . TYR A 1 53  ? -0.315  10.357  -3.395  1.00 28.89 ? 53  TYR A CZ  1 
ATOM   520  O  OH  . TYR A 1 53  ? -1.570  10.820  -3.725  1.00 39.60 ? 53  TYR A OH  1 
ATOM   521  N  N   . LEU A 1 54  ? 5.155   8.424   0.500   1.00 12.43 ? 54  LEU A N   1 
ATOM   522  C  CA  . LEU A 1 54  ? 5.950   7.360   1.098   1.00 10.64 ? 54  LEU A CA  1 
ATOM   523  C  C   . LEU A 1 54  ? 5.203   6.047   0.841   1.00 10.04 ? 54  LEU A C   1 
ATOM   524  O  O   . LEU A 1 54  ? 4.019   5.933   1.164   1.00 11.03 ? 54  LEU A O   1 
ATOM   525  C  CB  . LEU A 1 54  ? 6.168   7.590   2.602   1.00 12.63 ? 54  LEU A CB  1 
ATOM   526  C  CG  . LEU A 1 54  ? 7.139   6.637   3.315   1.00 14.59 ? 54  LEU A CG  1 
ATOM   527  C  CD1 . LEU A 1 54  ? 7.526   7.155   4.699   1.00 15.52 ? 54  LEU A CD1 1 
ATOM   528  C  CD2 . LEU A 1 54  ? 6.584   5.219   3.415   1.00 15.45 ? 54  LEU A CD2 1 
ATOM   529  N  N   . ASN A 1 55  ? 5.893   5.082   0.235   1.00 9.69  ? 55  ASN A N   1 
ATOM   530  C  CA  . ASN A 1 55  ? 5.301   3.796   -0.158  1.00 8.49  ? 55  ASN A CA  1 
ATOM   531  C  C   . ASN A 1 55  ? 6.006   2.633   0.511   1.00 8.99  ? 55  ASN A C   1 
ATOM   532  O  O   . ASN A 1 55  ? 7.239   2.628   0.620   1.00 10.00 ? 55  ASN A O   1 
ATOM   533  C  CB  . ASN A 1 55  ? 5.427   3.595   -1.672  1.00 9.33  ? 55  ASN A CB  1 
ATOM   534  C  CG  . ASN A 1 55  ? 4.852   4.735   -2.466  1.00 12.81 ? 55  ASN A CG  1 
ATOM   535  O  OD1 . ASN A 1 55  ? 3.651   4.797   -2.697  1.00 17.46 ? 55  ASN A OD1 1 
ATOM   536  N  ND2 . ASN A 1 55  ? 5.716   5.640   -2.910  1.00 13.96 ? 55  ASN A ND2 1 
ATOM   537  N  N   . ALA A 1 56  ? 5.244   1.627   0.928   1.00 8.80  ? 56  ALA A N   1 
ATOM   538  C  CA  . ALA A 1 56  ? 5.835   0.396   1.450   1.00 8.78  ? 56  ALA A CA  1 
ATOM   539  C  C   . ALA A 1 56  ? 4.887   -0.772  1.272   1.00 5.93  ? 56  ALA A C   1 
ATOM   540  O  O   . ALA A 1 56  ? 3.700   -0.586  0.986   1.00 8.75  ? 56  ALA A O   1 
ATOM   541  C  CB  . ALA A 1 56  ? 6.206   0.555   2.924   1.00 10.37 ? 56  ALA A CB  1 
ATOM   542  N  N   . ALA A 1 57  ? 5.410   -1.981  1.442   1.00 7.68  ? 57  ALA A N   1 
ATOM   543  C  CA  . ALA A 1 57  ? 4.588   -3.181  1.390   1.00 7.07  ? 57  ALA A CA  1 
ATOM   544  C  C   . ALA A 1 57  ? 4.771   -3.969  2.675   1.00 7.57  ? 57  ALA A C   1 
ATOM   545  O  O   . ALA A 1 57  ? 5.866   -3.986  3.253   1.00 7.45  ? 57  ALA A O   1 
ATOM   546  C  CB  . ALA A 1 57  ? 4.950   -4.035  0.185   1.00 10.54 ? 57  ALA A CB  1 
ATOM   547  N  N   . VAL A 1 58  ? 3.704   -4.622  3.113   1.00 6.32  ? 58  VAL A N   1 
ATOM   548  C  CA  . VAL A 1 58  ? 3.706   -5.417  4.339   1.00 6.47  ? 58  VAL A CA  1 
ATOM   549  C  C   . VAL A 1 58  ? 3.173   -6.810  4.040   1.00 6.14  ? 58  VAL A C   1 
ATOM   550  O  O   . VAL A 1 58  ? 2.139   -6.948  3.383   1.00 7.67  ? 58  VAL A O   1 
ATOM   551  C  CB  . VAL A 1 58  ? 2.783   -4.788  5.406   1.00 7.23  ? 58  VAL A CB  1 
ATOM   552  C  CG1 . VAL A 1 58  ? 2.805   -5.609  6.701   1.00 10.59 ? 58  VAL A CG1 1 
ATOM   553  C  CG2 . VAL A 1 58  ? 3.167   -3.333  5.679   1.00 11.63 ? 58  VAL A CG2 1 
ATOM   554  N  N   . ALA A 1 59  ? 3.881   -7.842  4.489   1.00 5.91  ? 59  ALA A N   1 
ATOM   555  C  CA  . ALA A 1 59  ? 3.357   -9.196  4.457   1.00 6.81  ? 59  ALA A CA  1 
ATOM   556  C  C   . ALA A 1 59  ? 2.742   -9.499  5.823   1.00 6.86  ? 59  ALA A C   1 
ATOM   557  O  O   . ALA A 1 59  ? 3.432   -9.442  6.854   1.00 7.96  ? 59  ALA A O   1 
ATOM   558  C  CB  . ALA A 1 59  ? 4.456   -10.189 4.128   1.00 8.11  ? 59  ALA A CB  1 
ATOM   559  N  N   . LEU A 1 60  ? 1.448   -9.805  5.832   1.00 7.76  ? 60  LEU A N   1 
ATOM   560  C  CA  . LEU A 1 60  ? 0.711   -10.063 7.066   1.00 7.07  ? 60  LEU A CA  1 
ATOM   561  C  C   . LEU A 1 60  ? 0.155   -11.477 7.055   1.00 8.83  ? 60  LEU A C   1 
ATOM   562  O  O   . LEU A 1 60  ? -0.651  -11.814 6.187   1.00 9.45  ? 60  LEU A O   1 
ATOM   563  C  CB  . LEU A 1 60  ? -0.439  -9.062  7.207   1.00 9.00  ? 60  LEU A CB  1 
ATOM   564  C  CG  . LEU A 1 60  ? -1.260  -9.150  8.500   1.00 9.30  ? 60  LEU A CG  1 
ATOM   565  C  CD1 . LEU A 1 60  ? -0.555  -8.401  9.608   1.00 10.47 ? 60  LEU A CD1 1 
ATOM   566  C  CD2 . LEU A 1 60  ? -2.668  -8.594  8.302   1.00 8.81  ? 60  LEU A CD2 1 
ATOM   567  N  N   . GLU A 1 61  ? 0.583   -12.307 8.002   1.00 7.10  ? 61  GLU A N   1 
ATOM   568  C  CA  . GLU A 1 61  ? -0.002  -13.631 8.164   1.00 7.92  ? 61  GLU A CA  1 
ATOM   569  C  C   . GLU A 1 61  ? -1.316  -13.461 8.918   1.00 7.96  ? 61  GLU A C   1 
ATOM   570  O  O   . GLU A 1 61  ? -1.354  -12.807 9.958   1.00 10.87 ? 61  GLU A O   1 
ATOM   571  C  CB  . GLU A 1 61  ? 0.934   -14.557 8.945   1.00 10.77 ? 61  GLU A CB  1 
ATOM   572  C  CG  . GLU A 1 61  ? 0.330   -15.916 9.277   1.00 12.43 ? 61  GLU A CG  1 
ATOM   573  C  CD  . GLU A 1 61  ? 0.000   -16.742 8.049   1.00 13.62 ? 61  GLU A CD  1 
ATOM   574  O  OE1 . GLU A 1 61  ? 0.776   -16.698 7.074   1.00 15.12 ? 61  GLU A OE1 1 
ATOM   575  O  OE2 . GLU A 1 61  ? -1.035  -17.442 8.061   1.00 15.55 ? 61  GLU A OE2 1 
ATOM   576  N  N   . THR A 1 62  ? -2.394  -14.035 8.399   1.00 9.28  ? 62  THR A N   1 
ATOM   577  C  CA  . THR A 1 62  ? -3.689  -13.865 9.046   1.00 9.76  ? 62  THR A CA  1 
ATOM   578  C  C   . THR A 1 62  ? -4.606  -15.069 8.871   1.00 11.18 ? 62  THR A C   1 
ATOM   579  O  O   . THR A 1 62  ? -4.562  -15.755 7.844   1.00 12.92 ? 62  THR A O   1 
ATOM   580  C  CB  . THR A 1 62  ? -4.410  -12.588 8.542   1.00 9.83  ? 62  THR A CB  1 
ATOM   581  O  OG1 . THR A 1 62  ? -5.583  -12.355 9.331   1.00 12.74 ? 62  THR A OG1 1 
ATOM   582  C  CG2 . THR A 1 62  ? -4.822  -12.734 7.078   1.00 9.33  ? 62  THR A CG2 1 
ATOM   583  N  N   . SER A 1 63  ? -5.437  -15.319 9.880   1.00 10.79 ? 63  SER A N   1 
ATOM   584  C  CA  . SER A 1 63  ? -6.481  -16.339 9.775   1.00 10.89 ? 63  SER A CA  1 
ATOM   585  C  C   . SER A 1 63  ? -7.850  -15.690 9.587   1.00 13.53 ? 63  SER A C   1 
ATOM   586  O  O   . SER A 1 63  ? -8.874  -16.377 9.572   1.00 13.79 ? 63  SER A O   1 
ATOM   587  C  CB  . SER A 1 63  ? -6.488  -17.260 11.005  1.00 10.74 ? 63  SER A CB  1 
ATOM   588  O  OG  . SER A 1 63  ? -6.771  -16.531 12.177  1.00 17.80 ? 63  SER A OG  1 
ATOM   589  N  N   . LEU A 1 64  ? -7.869  -14.365 9.444   1.00 9.71  ? 64  LEU A N   1 
ATOM   590  C  CA  . LEU A 1 64  ? -9.099  -13.645 9.106   1.00 9.86  ? 64  LEU A CA  1 
ATOM   591  C  C   . LEU A 1 64  ? -9.546  -13.943 7.676   1.00 10.99 ? 64  LEU A C   1 
ATOM   592  O  O   . LEU A 1 64  ? -8.733  -14.258 6.814   1.00 12.30 ? 64  LEU A O   1 
ATOM   593  C  CB  . LEU A 1 64  ? -8.898  -12.131 9.262   1.00 11.93 ? 64  LEU A CB  1 
ATOM   594  C  CG  . LEU A 1 64  ? -8.543  -11.584 10.648  1.00 10.71 ? 64  LEU A CG  1 
ATOM   595  C  CD1 . LEU A 1 64  ? -8.394  -10.067 10.600  1.00 15.03 ? 64  LEU A CD1 1 
ATOM   596  C  CD2 . LEU A 1 64  ? -9.613  -11.999 11.652  1.00 15.93 ? 64  LEU A CD2 1 
ATOM   597  N  N   . ALA A 1 65  ? -10.849 -13.847 7.434   1.00 11.06 ? 65  ALA A N   1 
ATOM   598  C  CA  . ALA A 1 65  ? -11.371 -13.878 6.076   1.00 9.85  ? 65  ALA A CA  1 
ATOM   599  C  C   . ALA A 1 65  ? -10.993 -12.555 5.412   1.00 11.49 ? 65  ALA A C   1 
ATOM   600  O  O   . ALA A 1 65  ? -10.787 -11.545 6.091   1.00 10.68 ? 65  ALA A O   1 
ATOM   601  C  CB  . ALA A 1 65  ? -12.879 -14.051 6.099   1.00 15.67 ? 65  ALA A CB  1 
ATOM   602  N  N   . PRO A 1 66  ? -10.896 -12.542 4.078   1.00 10.15 ? 66  PRO A N   1 
ATOM   603  C  CA  . PRO A 1 66  ? -10.476 -11.314 3.401   1.00 9.79  ? 66  PRO A CA  1 
ATOM   604  C  C   . PRO A 1 66  ? -11.294 -10.081 3.789   1.00 10.39 ? 66  PRO A C   1 
ATOM   605  O  O   . PRO A 1 66  ? -10.725 -9.012  4.031   1.00 9.10  ? 66  PRO A O   1 
ATOM   606  C  CB  . PRO A 1 66  ? -10.690 -11.634 1.918   1.00 12.97 ? 66  PRO A CB  1 
ATOM   607  C  CG  . PRO A 1 66  ? -10.627 -13.113 1.836   1.00 17.23 ? 66  PRO A CG  1 
ATOM   608  C  CD  . PRO A 1 66  ? -11.123 -13.653 3.140   1.00 13.16 ? 66  PRO A CD  1 
ATOM   609  N  N   A GLU A 1 67  ? -12.614 -10.227 3.854   0.55 11.98 ? 67  GLU A N   1 
ATOM   610  N  N   B GLU A 1 67  ? -12.614 -10.203 3.850   0.45 12.01 ? 67  GLU A N   1 
ATOM   611  C  CA  A GLU A 1 67  ? -13.465 -9.086  4.164   0.55 12.23 ? 67  GLU A CA  1 
ATOM   612  C  CA  B GLU A 1 67  ? -13.408 -9.021  4.156   0.45 12.19 ? 67  GLU A CA  1 
ATOM   613  C  C   A GLU A 1 67  ? -13.273 -8.621  5.604   0.55 11.83 ? 67  GLU A C   1 
ATOM   614  C  C   B GLU A 1 67  ? -13.331 -8.620  5.631   0.45 11.81 ? 67  GLU A C   1 
ATOM   615  O  O   A GLU A 1 67  ? -13.442 -7.442  5.904   0.55 10.80 ? 67  GLU A O   1 
ATOM   616  O  O   B GLU A 1 67  ? -13.627 -7.480  5.979   0.45 11.27 ? 67  GLU A O   1 
ATOM   617  C  CB  A GLU A 1 67  ? -14.941 -9.384  3.871   0.55 16.77 ? 67  GLU A CB  1 
ATOM   618  C  CB  B GLU A 1 67  ? -14.846 -9.150  3.647   0.45 16.03 ? 67  GLU A CB  1 
ATOM   619  C  CG  A GLU A 1 67  ? -15.598 -10.355 4.834   0.55 14.10 ? 67  GLU A CG  1 
ATOM   620  C  CG  B GLU A 1 67  ? -14.953 -8.898  2.145   0.45 13.80 ? 67  GLU A CG  1 
ATOM   621  C  CD  A GLU A 1 67  ? -15.384 -11.804 4.448   0.55 19.31 ? 67  GLU A CD  1 
ATOM   622  C  CD  B GLU A 1 67  ? -16.378 -8.730  1.664   0.45 22.79 ? 67  GLU A CD  1 
ATOM   623  O  OE1 A GLU A 1 67  ? -14.650 -12.059 3.470   0.55 15.17 ? 67  GLU A OE1 1 
ATOM   624  O  OE1 B GLU A 1 67  ? -17.309 -9.049  2.432   0.45 27.76 ? 67  GLU A OE1 1 
ATOM   625  O  OE2 A GLU A 1 67  ? -15.956 -12.688 5.122   0.55 26.68 ? 67  GLU A OE2 1 
ATOM   626  O  OE2 B GLU A 1 67  ? -16.566 -8.284  0.514   0.45 22.65 ? 67  GLU A OE2 1 
ATOM   627  N  N   . GLU A 1 68  ? -12.904 -9.544  6.488   1.00 10.44 ? 68  GLU A N   1 
ATOM   628  C  CA  . GLU A 1 68  ? -12.617 -9.189  7.876   1.00 12.00 ? 68  GLU A CA  1 
ATOM   629  C  C   . GLU A 1 68  ? -11.327 -8.364  7.946   1.00 10.62 ? 68  GLU A C   1 
ATOM   630  O  O   . GLU A 1 68  ? -11.223 -7.397  8.707   1.00 11.43 ? 68  GLU A O   1 
ATOM   631  C  CB  . GLU A 1 68  ? -12.490 -10.431 8.763   1.00 10.47 ? 68  GLU A CB  1 
ATOM   632  C  CG  . GLU A 1 68  ? -13.793 -11.184 8.980   1.00 15.32 ? 68  GLU A CG  1 
ATOM   633  C  CD  . GLU A 1 68  ? -13.613 -12.401 9.868   1.00 27.62 ? 68  GLU A CD  1 
ATOM   634  O  OE1 . GLU A 1 68  ? -12.781 -13.277 9.540   1.00 20.49 ? 68  GLU A OE1 1 
ATOM   635  O  OE2 . GLU A 1 68  ? -14.311 -12.482 10.900  1.00 40.04 ? 68  GLU A OE2 1 
ATOM   636  N  N   . LEU A 1 69  ? -10.327 -8.761  7.169   1.00 8.38  ? 69  LEU A N   1 
ATOM   637  C  CA  . LEU A 1 69  ? -9.104  -7.978  7.098   1.00 8.11  ? 69  LEU A CA  1 
ATOM   638  C  C   . LEU A 1 69  ? -9.418  -6.581  6.547   1.00 9.19  ? 69  LEU A C   1 
ATOM   639  O  O   . LEU A 1 69  ? -8.900  -5.574  7.035   1.00 8.00  ? 69  LEU A O   1 
ATOM   640  C  CB  . LEU A 1 69  ? -8.059  -8.696  6.239   1.00 8.76  ? 69  LEU A CB  1 
ATOM   641  C  CG  . LEU A 1 69  ? -6.769  -7.902  6.038   1.00 8.37  ? 69  LEU A CG  1 
ATOM   642  C  CD1 . LEU A 1 69  ? -6.107  -7.574  7.363   1.00 10.62 ? 69  LEU A CD1 1 
ATOM   643  C  CD2 . LEU A 1 69  ? -5.803  -8.654  5.111   1.00 8.78  ? 69  LEU A CD2 1 
ATOM   644  N  N   . LEU A 1 70  ? -10.288 -6.508  5.546   1.00 9.25  ? 70  LEU A N   1 
ATOM   645  C  CA  . LEU A 1 70  ? -10.690 -5.220  4.992   1.00 9.11  ? 70  LEU A CA  1 
ATOM   646  C  C   . LEU A 1 70  ? -11.304 -4.339  6.074   1.00 11.32 ? 70  LEU A C   1 
ATOM   647  O  O   . LEU A 1 70  ? -11.040 -3.135  6.130   1.00 10.02 ? 70  LEU A O   1 
ATOM   648  C  CB  . LEU A 1 70  ? -11.686 -5.419  3.847   1.00 10.01 ? 70  LEU A CB  1 
ATOM   649  C  CG  . LEU A 1 70  ? -12.218 -4.127  3.224   1.00 10.20 ? 70  LEU A CG  1 
ATOM   650  C  CD1 . LEU A 1 70  ? -11.077 -3.308  2.628   1.00 11.55 ? 70  LEU A CD1 1 
ATOM   651  C  CD2 . LEU A 1 70  ? -13.254 -4.443  2.165   1.00 14.42 ? 70  LEU A CD2 1 
ATOM   652  N  N   . ASN A 1 71  ? -12.133 -4.927  6.930   1.00 9.99  ? 71  ASN A N   1 
ATOM   653  C  CA  . ASN A 1 71  ? -12.722 -4.162  8.029   1.00 12.71 ? 71  ASN A CA  1 
ATOM   654  C  C   . ASN A 1 71  ? -11.643 -3.440  8.811   1.00 10.81 ? 71  ASN A C   1 
ATOM   655  O  O   . ASN A 1 71  ? -11.778 -2.262  9.157   1.00 11.77 ? 71  ASN A O   1 
ATOM   656  C  CB  . ASN A 1 71  ? -13.497 -5.077  8.981   1.00 12.67 ? 71  ASN A CB  1 
ATOM   657  C  CG  . ASN A 1 71  ? -14.755 -5.639  8.353   1.00 12.81 ? 71  ASN A CG  1 
ATOM   658  O  OD1 . ASN A 1 71  ? -15.238 -5.122  7.354   1.00 11.29 ? 71  ASN A OD1 1 
ATOM   659  N  ND2 . ASN A 1 71  ? -15.287 -6.707  8.938   1.00 16.05 ? 71  ASN A ND2 1 
ATOM   660  N  N   . HIS A 1 72  ? -10.570 -4.161  9.104   1.00 9.61  ? 72  HIS A N   1 
ATOM   661  C  CA  . HIS A 1 72  ? -9.465  -3.605  9.874   1.00 10.98 ? 72  HIS A CA  1 
ATOM   662  C  C   . HIS A 1 72  ? -8.671  -2.562  9.112   1.00 10.47 ? 72  HIS A C   1 
ATOM   663  O  O   . HIS A 1 72  ? -8.351  -1.515  9.662   1.00 9.56  ? 72  HIS A O   1 
ATOM   664  C  CB  . HIS A 1 72  ? -8.560  -4.716  10.399  1.00 11.36 ? 72  HIS A CB  1 
ATOM   665  C  CG  . HIS A 1 72  ? -9.174  -5.496  11.516  1.00 10.60 ? 72  HIS A CG  1 
ATOM   666  N  ND1 . HIS A 1 72  ? -9.234  -5.017  12.807  1.00 11.04 ? 72  HIS A ND1 1 
ATOM   667  C  CD2 . HIS A 1 72  ? -9.787  -6.703  11.533  1.00 15.05 ? 72  HIS A CD2 1 
ATOM   668  C  CE1 . HIS A 1 72  ? -9.836  -5.906  13.575  1.00 13.81 ? 72  HIS A CE1 1 
ATOM   669  N  NE2 . HIS A 1 72  ? -10.182 -6.938  12.827  1.00 14.30 ? 72  HIS A NE2 1 
ATOM   670  N  N   . THR A 1 73  ? -8.357  -2.810  7.846   1.00 9.07  ? 73  THR A N   1 
ATOM   671  C  CA  . THR A 1 73  ? -7.641  -1.777  7.093   1.00 10.38 ? 73  THR A CA  1 
ATOM   672  C  C   . THR A 1 73  ? -8.483  -0.506  6.946   1.00 10.82 ? 73  THR A C   1 
ATOM   673  O  O   . THR A 1 73  ? -7.960  0.603   7.000   1.00 10.00 ? 73  THR A O   1 
ATOM   674  C  CB  . THR A 1 73  ? -7.118  -2.269  5.720   1.00 10.64 ? 73  THR A CB  1 
ATOM   675  O  OG1 . THR A 1 73  ? -8.219  -2.679  4.903   1.00 11.67 ? 73  THR A OG1 1 
ATOM   676  C  CG2 . THR A 1 73  ? -6.153  -3.442  5.915   1.00 11.72 ? 73  THR A CG2 1 
ATOM   677  N  N   A GLN A 1 74  ? -9.788  -0.665  6.753   0.62 8.61  ? 74  GLN A N   1 
ATOM   678  N  N   B GLN A 1 74  ? -9.789  -0.687  6.770   0.38 8.66  ? 74  GLN A N   1 
ATOM   679  C  CA  A GLN A 1 74  ? -10.676 0.491   6.676   0.62 10.66 ? 74  GLN A CA  1 
ATOM   680  C  CA  B GLN A 1 74  ? -10.721 0.431   6.666   0.38 10.68 ? 74  GLN A CA  1 
ATOM   681  C  C   A GLN A 1 74  ? -10.706 1.239   7.995   0.62 7.44  ? 74  GLN A C   1 
ATOM   682  C  C   B GLN A 1 74  ? -10.761 1.218   7.974   0.38 7.48  ? 74  GLN A C   1 
ATOM   683  O  O   A GLN A 1 74  ? -10.642 2.471   8.019   0.62 8.98  ? 74  GLN A O   1 
ATOM   684  O  O   B GLN A 1 74  ? -10.735 2.449   7.966   0.38 9.04  ? 74  GLN A O   1 
ATOM   685  C  CB  A GLN A 1 74  ? -12.094 0.065   6.327   0.62 11.12 ? 74  GLN A CB  1 
ATOM   686  C  CB  B GLN A 1 74  ? -12.122 -0.076  6.305   0.38 11.19 ? 74  GLN A CB  1 
ATOM   687  C  CG  A GLN A 1 74  ? -12.319 -0.215  4.869   0.62 11.68 ? 74  GLN A CG  1 
ATOM   688  C  CG  B GLN A 1 74  ? -13.081 0.996   5.812   0.38 11.78 ? 74  GLN A CG  1 
ATOM   689  C  CD  A GLN A 1 74  ? -13.735 -0.647  4.609   0.62 10.75 ? 74  GLN A CD  1 
ATOM   690  C  CD  B GLN A 1 74  ? -14.330 0.413   5.165   0.38 9.66  ? 74  GLN A CD  1 
ATOM   691  O  OE1 A GLN A 1 74  ? -14.483 -0.956  5.544   0.62 14.99 ? 74  GLN A OE1 1 
ATOM   692  O  OE1 B GLN A 1 74  ? -14.972 -0.479  5.720   0.38 13.53 ? 74  GLN A OE1 1 
ATOM   693  N  NE2 A GLN A 1 74  ? -14.123 -0.669  3.342   0.62 13.55 ? 74  GLN A NE2 1 
ATOM   694  N  NE2 B GLN A 1 74  ? -14.680 0.920   3.987   0.38 16.41 ? 74  GLN A NE2 1 
ATOM   695  N  N   . ARG A 1 75  ? -10.823 0.499   9.092   1.00 7.57  ? 75  ARG A N   1 
ATOM   696  C  CA  . ARG A 1 75  ? -10.806 1.115   10.413  1.00 7.21  ? 75  ARG A CA  1 
ATOM   697  C  C   . ARG A 1 75  ? -9.522  1.905   10.623  1.00 8.84  ? 75  ARG A C   1 
ATOM   698  O  O   . ARG A 1 75  ? -9.559  3.046   11.087  1.00 8.64  ? 75  ARG A O   1 
ATOM   699  C  CB  . ARG A 1 75  ? -10.938 0.065   11.510  1.00 8.57  ? 75  ARG A CB  1 
ATOM   700  C  CG  . ARG A 1 75  ? -10.725 0.628   12.900  1.00 8.98  ? 75  ARG A CG  1 
ATOM   701  C  CD  . ARG A 1 75  ? -10.786 -0.448  13.979  1.00 10.96 ? 75  ARG A CD  1 
ATOM   702  N  NE  . ARG A 1 75  ? -9.890  -1.579  13.734  1.00 8.61  ? 75  ARG A NE  1 
ATOM   703  C  CZ  . ARG A 1 75  ? -8.588  -1.570  13.993  1.00 11.49 ? 75  ARG A CZ  1 
ATOM   704  N  NH1 . ARG A 1 75  ? -8.018  -0.485  14.500  1.00 10.85 ? 75  ARG A NH1 1 
ATOM   705  N  NH2 . ARG A 1 75  ? -7.856  -2.646  13.737  1.00 11.83 ? 75  ARG A NH2 1 
ATOM   706  N  N   . ILE A 1 76  ? -8.385  1.310   10.276  1.00 9.11  ? 76  ILE A N   1 
ATOM   707  C  CA  . ILE A 1 76  ? -7.106  1.977   10.473  1.00 9.88  ? 76  ILE A CA  1 
ATOM   708  C  C   . ILE A 1 76  ? -7.028  3.239   9.611   1.00 9.45  ? 76  ILE A C   1 
ATOM   709  O  O   . ILE A 1 76  ? -6.559  4.271   10.074  1.00 10.45 ? 76  ILE A O   1 
ATOM   710  C  CB  . ILE A 1 76  ? -5.917  1.022   10.233  1.00 10.54 ? 76  ILE A CB  1 
ATOM   711  C  CG1 . ILE A 1 76  ? -5.930  -0.100  11.273  1.00 10.23 ? 76  ILE A CG1 1 
ATOM   712  C  CG2 . ILE A 1 76  ? -4.598  1.778   10.321  1.00 9.11  ? 76  ILE A CG2 1 
ATOM   713  C  CD1 . ILE A 1 76  ? -5.028  -1.273  10.922  1.00 11.44 ? 76  ILE A CD1 1 
ATOM   714  N  N   . GLU A 1 77  ? -7.522  3.165   8.375   1.00 9.22  ? 77  GLU A N   1 
ATOM   715  C  CA  . GLU A 1 77  ? -7.600  4.352   7.521   1.00 7.19  ? 77  GLU A CA  1 
ATOM   716  C  C   . GLU A 1 77  ? -8.431  5.471   8.145   1.00 10.45 ? 77  GLU A C   1 
ATOM   717  O  O   . GLU A 1 77  ? -8.080  6.644   8.016   1.00 9.84  ? 77  GLU A O   1 
ATOM   718  C  CB  . GLU A 1 77  ? -8.137  4.013   6.126   1.00 10.65 ? 77  GLU A CB  1 
ATOM   719  C  CG  A GLU A 1 77  ? -7.083  3.437   5.189   0.50 11.59 ? 77  GLU A CG  1 
ATOM   720  C  CG  B GLU A 1 77  ? -7.167  3.258   5.230   0.50 11.39 ? 77  GLU A CG  1 
ATOM   721  C  CD  A GLU A 1 77  ? -7.654  3.025   3.850   0.50 13.19 ? 77  GLU A CD  1 
ATOM   722  C  CD  B GLU A 1 77  ? -7.617  3.234   3.779   0.50 12.99 ? 77  GLU A CD  1 
ATOM   723  O  OE1 A GLU A 1 77  ? -8.832  2.612   3.810   0.50 14.53 ? 77  GLU A OE1 1 
ATOM   724  O  OE1 B GLU A 1 77  ? -8.524  4.015   3.417   0.50 10.54 ? 77  GLU A OE1 1 
ATOM   725  O  OE2 A GLU A 1 77  ? -6.925  3.107   2.836   0.50 10.67 ? 77  GLU A OE2 1 
ATOM   726  O  OE2 B GLU A 1 77  ? -7.065  2.433   2.993   0.50 11.29 ? 77  GLU A OE2 1 
ATOM   727  N  N   . LEU A 1 78  ? -9.521  5.109   8.815   1.00 8.00  ? 78  LEU A N   1 
ATOM   728  C  CA  . LEU A 1 78  ? -10.365 6.100   9.487   1.00 9.24  ? 78  LEU A CA  1 
ATOM   729  C  C   . LEU A 1 78  ? -9.702  6.676   10.725  1.00 9.52  ? 78  LEU A C   1 
ATOM   730  O  O   . LEU A 1 78  ? -9.790  7.877   10.982  1.00 11.60 ? 78  LEU A O   1 
ATOM   731  C  CB  . LEU A 1 78  ? -11.710 5.491   9.880   1.00 8.73  ? 78  LEU A CB  1 
ATOM   732  C  CG  . LEU A 1 78  ? -12.686 5.170   8.746   1.00 8.61  ? 78  LEU A CG  1 
ATOM   733  C  CD1 . LEU A 1 78  ? -13.885 4.425   9.321   1.00 9.69  ? 78  LEU A CD1 1 
ATOM   734  C  CD2 . LEU A 1 78  ? -13.120 6.418   7.989   1.00 10.65 ? 78  LEU A CD2 1 
ATOM   735  N  N   . GLN A 1 79  ? -9.040  5.820   11.492  1.00 8.66  ? 79  GLN A N   1 
ATOM   736  C  CA  . GLN A 1 79  ? -8.450  6.234   12.757  1.00 9.24  ? 79  GLN A CA  1 
ATOM   737  C  C   . GLN A 1 79  ? -7.132  6.990   12.576  1.00 13.37 ? 79  GLN A C   1 
ATOM   738  O  O   . GLN A 1 79  ? -6.824  7.885   13.363  1.00 16.94 ? 79  GLN A O   1 
ATOM   739  C  CB  . GLN A 1 79  ? -8.248  5.017   13.667  1.00 9.80  ? 79  GLN A CB  1 
ATOM   740  C  CG  . GLN A 1 79  ? -9.558  4.357   14.097  1.00 8.87  ? 79  GLN A CG  1 
ATOM   741  C  CD  . GLN A 1 79  ? -9.356  3.093   14.910  1.00 11.13 ? 79  GLN A CD  1 
ATOM   742  O  OE1 . GLN A 1 79  ? -8.354  2.392   14.751  1.00 10.68 ? 79  GLN A OE1 1 
ATOM   743  N  NE2 . GLN A 1 79  ? -10.308 2.789   15.782  1.00 8.39  ? 79  GLN A NE2 1 
ATOM   744  N  N   . GLN A 1 80  ? -6.374  6.646   11.535  1.00 11.23 ? 80  GLN A N   1 
ATOM   745  C  CA  . GLN A 1 80  ? -5.018  7.184   11.367  1.00 11.49 ? 80  GLN A CA  1 
ATOM   746  C  C   . GLN A 1 80  ? -4.890  8.207   10.241  1.00 13.06 ? 80  GLN A C   1 
ATOM   747  O  O   . GLN A 1 80  ? -3.853  8.862   10.111  1.00 13.36 ? 80  GLN A O   1 
ATOM   748  C  CB  . GLN A 1 80  ? -4.007  6.055   11.124  1.00 13.56 ? 80  GLN A CB  1 
ATOM   749  C  CG  . GLN A 1 80  ? -4.026  4.942   12.155  1.00 17.55 ? 80  GLN A CG  1 
ATOM   750  C  CD  . GLN A 1 80  ? -3.696  5.430   13.543  1.00 20.06 ? 80  GLN A CD  1 
ATOM   751  O  OE1 . GLN A 1 80  ? -4.106  4.830   14.537  1.00 25.28 ? 80  GLN A OE1 1 
ATOM   752  N  NE2 . GLN A 1 80  ? -2.956  6.531   13.625  1.00 17.77 ? 80  GLN A NE2 1 
ATOM   753  N  N   . GLY A 1 81  ? -5.930  8.342   9.422   1.00 11.28 ? 81  GLY A N   1 
ATOM   754  C  CA  . GLY A 1 81  ? -5.887  9.272   8.305   1.00 12.19 ? 81  GLY A CA  1 
ATOM   755  C  C   . GLY A 1 81  ? -7.211  9.972   8.105   1.00 10.82 ? 81  GLY A C   1 
ATOM   756  O  O   . GLY A 1 81  ? -8.148  9.770   8.877   1.00 12.16 ? 81  GLY A O   1 
ATOM   757  N  N   . ARG A 1 82  ? -7.291  10.790  7.059   1.00 10.77 ? 82  ARG A N   1 
ATOM   758  C  CA  . ARG A 1 82  ? -8.470  11.609  6.834   1.00 13.07 ? 82  ARG A CA  1 
ATOM   759  C  C   . ARG A 1 82  ? -8.623  11.948  5.362   1.00 12.30 ? 82  ARG A C   1 
ATOM   760  O  O   . ARG A 1 82  ? -7.715  11.750  4.569   1.00 12.89 ? 82  ARG A O   1 
ATOM   761  C  CB  . ARG A 1 82  ? -8.352  12.913  7.620   1.00 18.29 ? 82  ARG A CB  1 
ATOM   762  C  CG  A ARG A 1 82  ? -7.088  13.704  7.347   0.44 19.15 ? 82  ARG A CG  1 
ATOM   763  C  CG  B ARG A 1 82  ? -7.462  13.939  6.925   0.56 19.31 ? 82  ARG A CG  1 
ATOM   764  C  CD  A ARG A 1 82  ? -6.924  14.801  8.382   0.44 25.02 ? 82  ARG A CD  1 
ATOM   765  C  CD  B ARG A 1 82  ? -7.413  15.267  7.670   0.56 22.45 ? 82  ARG A CD  1 
ATOM   766  N  NE  A ARG A 1 82  ? -8.222  15.302  8.828   0.44 24.17 ? 82  ARG A NE  1 
ATOM   767  N  NE  B ARG A 1 82  ? -6.813  16.325  6.858   0.56 32.14 ? 82  ARG A NE  1 
ATOM   768  C  CZ  A ARG A 1 82  ? -8.386  16.253  9.740   0.44 27.04 ? 82  ARG A CZ  1 
ATOM   769  C  CZ  B ARG A 1 82  ? -5.503  16.531  6.742   0.56 23.51 ? 82  ARG A CZ  1 
ATOM   770  N  NH1 A ARG A 1 82  ? -7.333  16.822  10.312  0.44 30.52 ? 82  ARG A NH1 1 
ATOM   771  N  NH1 B ARG A 1 82  ? -4.644  15.750  7.383   0.56 26.03 ? 82  ARG A NH1 1 
ATOM   772  N  NH2 A ARG A 1 82  ? -9.608  16.637  10.080  0.44 17.94 ? 82  ARG A NH2 1 
ATOM   773  N  NH2 B ARG A 1 82  ? -5.051  17.519  5.982   0.56 28.71 ? 82  ARG A NH2 1 
ATOM   774  N  N   . VAL A 1 83  ? -9.790  12.470  5.002   1.00 14.22 ? 83  VAL A N   1 
ATOM   775  C  CA  . VAL A 1 83  ? -9.996  13.004  3.665   1.00 17.73 ? 83  VAL A CA  1 
ATOM   776  C  C   . VAL A 1 83  ? -9.513  14.448  3.616   1.00 19.67 ? 83  VAL A C   1 
ATOM   777  O  O   . VAL A 1 83  ? -9.404  15.115  4.648   1.00 17.59 ? 83  VAL A O   1 
ATOM   778  C  CB  . VAL A 1 83  ? -11.485 12.961  3.251   1.00 18.46 ? 83  VAL A CB  1 
ATOM   779  C  CG1 . VAL A 1 83  ? -12.025 11.543  3.345   1.00 21.97 ? 83  VAL A CG1 1 
ATOM   780  C  CG2 . VAL A 1 83  ? -12.305 13.903  4.119   1.00 21.46 ? 83  VAL A CG2 1 
ATOM   781  N  N   . ARG A 1 84  ? -9.211  14.925  2.413   1.00 20.94 ? 84  ARG A N   1 
ATOM   782  C  CA  . ARG A 1 84  ? -8.869  16.326  2.210   1.00 25.16 ? 84  ARG A CA  1 
ATOM   783  C  C   . ARG A 1 84  ? -10.171 17.117  2.126   1.00 24.41 ? 84  ARG A C   1 
ATOM   784  O  O   . ARG A 1 84  ? -11.047 16.799  1.322   1.00 24.30 ? 84  ARG A O   1 
ATOM   785  C  CB  . ARG A 1 84  ? -8.055  16.491  0.929   1.00 27.03 ? 84  ARG A CB  1 
ATOM   786  C  CG  . ARG A 1 84  ? -6.781  15.657  0.894   1.00 38.65 ? 84  ARG A CG  1 
ATOM   787  C  CD  . ARG A 1 84  ? -5.687  16.271  1.757   1.00 37.10 ? 84  ARG A CD  1 
ATOM   788  N  NE  . ARG A 1 84  ? -4.458  15.478  1.737   1.00 29.68 ? 84  ARG A NE  1 
ATOM   789  C  CZ  . ARG A 1 84  ? -3.299  15.880  2.249   1.00 33.19 ? 84  ARG A CZ  1 
ATOM   790  N  NH1 . ARG A 1 84  ? -3.201  17.073  2.821   1.00 27.90 ? 84  ARG A NH1 1 
ATOM   791  N  NH2 . ARG A 1 84  ? -2.235  15.089  2.187   1.00 28.55 ? 84  ARG A NH2 1 
ATOM   792  N  N   . LYS A 1 85  ? -10.302 18.142  2.960   1.00 24.53 ? 85  LYS A N   1 
ATOM   793  C  CA  . LYS A 1 85  ? -11.582 18.820  3.133   1.00 28.70 ? 85  LYS A CA  1 
ATOM   794  C  C   . LYS A 1 85  ? -12.121 19.423  1.837   1.00 30.86 ? 85  LYS A C   1 
ATOM   795  O  O   . LYS A 1 85  ? -13.334 19.534  1.653   1.00 30.46 ? 85  LYS A O   1 
ATOM   796  C  CB  . LYS A 1 85  ? -11.491 19.886  4.232   1.00 35.32 ? 85  LYS A CB  1 
ATOM   797  C  CG  A LYS A 1 85  ? -10.310 20.828  4.095   0.56 34.99 ? 85  LYS A CG  1 
ATOM   798  C  CG  B LYS A 1 85  ? -10.616 21.079  3.878   0.44 35.87 ? 85  LYS A CG  1 
ATOM   799  C  CD  A LYS A 1 85  ? -10.268 21.815  5.248   0.56 36.91 ? 85  LYS A CD  1 
ATOM   800  C  CD  B LYS A 1 85  ? -10.632 22.129  4.981   0.44 36.68 ? 85  LYS A CD  1 
ATOM   801  C  CE  A LYS A 1 85  ? -11.590 22.549  5.388   0.56 33.88 ? 85  LYS A CE  1 
ATOM   802  C  CE  B LYS A 1 85  ? -9.688  21.766  6.119   0.44 28.04 ? 85  LYS A CE  1 
ATOM   803  N  NZ  A LYS A 1 85  ? -11.528 23.622  6.417   0.56 26.93 ? 85  LYS A NZ  1 
ATOM   804  N  NZ  B LYS A 1 85  ? -8.257  21.949  5.736   0.44 27.26 ? 85  LYS A NZ  1 
ATOM   805  N  N   . ALA A 1 86  ? -11.217 19.800  0.940   1.00 22.71 ? 86  ALA A N   1 
ATOM   806  C  CA  . ALA A 1 86  ? -11.612 20.440  -0.310  1.00 31.12 ? 86  ALA A CA  1 
ATOM   807  C  C   . ALA A 1 86  ? -11.960 19.413  -1.382  1.00 33.21 ? 86  ALA A C   1 
ATOM   808  O  O   . ALA A 1 86  ? -12.764 19.683  -2.277  1.00 42.68 ? 86  ALA A O   1 
ATOM   809  C  CB  . ALA A 1 86  ? -10.509 21.367  -0.798  1.00 28.77 ? 86  ALA A CB  1 
ATOM   810  N  N   . GLU A 1 87  ? -11.351 18.235  -1.281  1.00 25.95 ? 87  GLU A N   1 
ATOM   811  C  CA  . GLU A 1 87  ? -11.533 17.170  -2.260  1.00 26.69 ? 87  GLU A CA  1 
ATOM   812  C  C   . GLU A 1 87  ? -11.843 15.859  -1.545  1.00 17.43 ? 87  GLU A C   1 
ATOM   813  O  O   . GLU A 1 87  ? -11.054 14.913  -1.593  1.00 19.77 ? 87  GLU A O   1 
ATOM   814  C  CB  . GLU A 1 87  ? -10.272 17.021  -3.113  1.00 31.72 ? 87  GLU A CB  1 
ATOM   815  C  CG  . GLU A 1 87  ? -10.379 15.989  -4.220  1.00 34.92 ? 87  GLU A CG  1 
ATOM   816  C  CD  . GLU A 1 87  ? -9.152  15.963  -5.108  1.00 45.20 ? 87  GLU A CD  1 
ATOM   817  O  OE1 . GLU A 1 87  ? -8.910  16.965  -5.816  1.00 41.33 ? 87  GLU A OE1 1 
ATOM   818  O  OE2 . GLU A 1 87  ? -8.434  14.940  -5.104  1.00 48.39 ? 87  GLU A OE2 1 
ATOM   819  N  N   . ARG A 1 88  ? -13.003 15.813  -0.899  1.00 21.74 ? 88  ARG A N   1 
ATOM   820  C  CA  . ARG A 1 88  ? -13.342 14.705  -0.007  1.00 19.27 ? 88  ARG A CA  1 
ATOM   821  C  C   . ARG A 1 88  ? -13.429 13.356  -0.713  1.00 26.27 ? 88  ARG A C   1 
ATOM   822  O  O   . ARG A 1 88  ? -13.131 12.317  -0.120  1.00 23.96 ? 88  ARG A O   1 
ATOM   823  C  CB  . ARG A 1 88  ? -14.630 15.004  0.770   1.00 27.76 ? 88  ARG A CB  1 
ATOM   824  C  CG  . ARG A 1 88  ? -14.453 16.073  1.844   1.00 29.81 ? 88  ARG A CG  1 
ATOM   825  C  CD  . ARG A 1 88  ? -15.528 16.009  2.929   1.00 33.33 ? 88  ARG A CD  1 
ATOM   826  N  NE  . ARG A 1 88  ? -16.788 16.626  2.520   1.00 43.59 ? 88  ARG A NE  1 
ATOM   827  C  CZ  . ARG A 1 88  ? -17.960 15.998  2.496   1.00 50.07 ? 88  ARG A CZ  1 
ATOM   828  N  NH1 . ARG A 1 88  ? -18.042 14.726  2.866   1.00 39.67 ? 88  ARG A NH1 1 
ATOM   829  N  NH2 . ARG A 1 88  ? -19.053 16.643  2.109   1.00 50.44 ? 88  ARG A NH2 1 
ATOM   830  N  N   . TRP A 1 89  ? -13.824 13.378  -1.982  1.00 29.99 ? 89  TRP A N   1 
ATOM   831  C  CA  . TRP A 1 89  ? -13.919 12.156  -2.773  1.00 31.07 ? 89  TRP A CA  1 
ATOM   832  C  C   . TRP A 1 89  ? -12.527 11.659  -3.149  1.00 30.56 ? 89  TRP A C   1 
ATOM   833  O  O   . TRP A 1 89  ? -12.346 10.491  -3.496  1.00 40.67 ? 89  TRP A O   1 
ATOM   834  C  CB  . TRP A 1 89  ? -14.727 12.418  -4.044  1.00 28.08 ? 89  TRP A CB  1 
ATOM   835  C  CG  . TRP A 1 89  ? -14.124 13.490  -4.882  1.00 20.30 ? 89  TRP A CG  1 
ATOM   836  C  CD1 . TRP A 1 89  ? -13.163 13.338  -5.841  1.00 25.27 ? 89  TRP A CD1 1 
ATOM   837  C  CD2 . TRP A 1 89  ? -14.413 14.889  -4.819  1.00 23.33 ? 89  TRP A CD2 1 
ATOM   838  N  NE1 . TRP A 1 89  ? -12.846 14.557  -6.387  1.00 20.23 ? 89  TRP A NE1 1 
ATOM   839  C  CE2 . TRP A 1 89  ? -13.599 15.526  -5.776  1.00 19.93 ? 89  TRP A CE2 1 
ATOM   840  C  CE3 . TRP A 1 89  ? -15.285 15.665  -4.049  1.00 19.82 ? 89  TRP A CE3 1 
ATOM   841  C  CZ2 . TRP A 1 89  ? -13.629 16.903  -5.982  1.00 22.56 ? 89  TRP A CZ2 1 
ATOM   842  C  CZ3 . TRP A 1 89  ? -15.317 17.032  -4.257  1.00 21.27 ? 89  TRP A CZ3 1 
ATOM   843  C  CH2 . TRP A 1 89  ? -14.494 17.637  -5.215  1.00 25.00 ? 89  TRP A CH2 1 
ATOM   844  N  N   . GLY A 1 90  ? -11.546 12.555  -3.078  1.00 30.44 ? 90  GLY A N   1 
ATOM   845  C  CA  . GLY A 1 90  ? -10.184 12.237  -3.463  1.00 22.80 ? 90  GLY A CA  1 
ATOM   846  C  C   . GLY A 1 90  ? -9.529  11.226  -2.543  1.00 28.44 ? 90  GLY A C   1 
ATOM   847  O  O   . GLY A 1 90  ? -10.173 10.697  -1.639  1.00 31.52 ? 90  GLY A O   1 
ATOM   848  N  N   . PRO A 1 91  ? -8.238  10.950  -2.769  1.00 28.88 ? 91  PRO A N   1 
ATOM   849  C  CA  . PRO A 1 91  ? -7.498  10.003  -1.929  1.00 35.93 ? 91  PRO A CA  1 
ATOM   850  C  C   . PRO A 1 91  ? -7.411  10.486  -0.488  1.00 32.47 ? 91  PRO A C   1 
ATOM   851  O  O   . PRO A 1 91  ? -7.363  11.695  -0.239  1.00 25.78 ? 91  PRO A O   1 
ATOM   852  C  CB  . PRO A 1 91  ? -6.099  9.989   -2.553  1.00 30.94 ? 91  PRO A CB  1 
ATOM   853  C  CG  . PRO A 1 91  ? -6.282  10.517  -3.937  1.00 37.91 ? 91  PRO A CG  1 
ATOM   854  C  CD  . PRO A 1 91  ? -7.403  11.500  -3.848  1.00 34.31 ? 91  PRO A CD  1 
ATOM   855  N  N   . ARG A 1 92  ? -7.402  9.544   0.449   1.00 20.74 ? 92  ARG A N   1 
ATOM   856  C  CA  . ARG A 1 92  ? -7.204  9.860   1.857   1.00 15.56 ? 92  ARG A CA  1 
ATOM   857  C  C   . ARG A 1 92  ? -5.717  10.086  2.116   1.00 14.85 ? 92  ARG A C   1 
ATOM   858  O  O   . ARG A 1 92  ? -4.878  9.808   1.254   1.00 19.37 ? 92  ARG A O   1 
ATOM   859  C  CB  . ARG A 1 92  ? -7.746  8.721   2.727   1.00 16.46 ? 92  ARG A CB  1 
ATOM   860  C  CG  . ARG A 1 92  ? -9.212  8.398   2.433   1.00 16.95 ? 92  ARG A CG  1 
ATOM   861  C  CD  . ARG A 1 92  ? -9.751  7.274   3.321   1.00 15.59 ? 92  ARG A CD  1 
ATOM   862  N  NE  . ARG A 1 92  ? -9.611  7.585   4.737   1.00 13.96 ? 92  ARG A NE  1 
ATOM   863  C  CZ  . ARG A 1 92  ? -10.537 8.191   5.463   1.00 13.81 ? 92  ARG A CZ  1 
ATOM   864  N  NH1 . ARG A 1 92  ? -11.689 8.553   4.905   1.00 15.92 ? 92  ARG A NH1 1 
ATOM   865  N  NH2 . ARG A 1 92  ? -10.314 8.435   6.743   1.00 15.71 ? 92  ARG A NH2 1 
ATOM   866  N  N   . THR A 1 93  ? -5.384  10.607  3.292   1.00 13.72 ? 93  THR A N   1 
ATOM   867  C  CA  . THR A 1 93  ? -3.988  10.876  3.601   1.00 15.06 ? 93  THR A CA  1 
ATOM   868  C  C   . THR A 1 93  ? -3.213  9.568   3.760   1.00 19.13 ? 93  THR A C   1 
ATOM   869  O  O   . THR A 1 93  ? -2.050  9.476   3.361   1.00 18.09 ? 93  THR A O   1 
ATOM   870  C  CB  . THR A 1 93  ? -3.837  11.778  4.841   1.00 13.41 ? 93  THR A CB  1 
ATOM   871  O  OG1 . THR A 1 93  ? -4.494  11.177  5.965   1.00 14.22 ? 93  THR A OG1 1 
ATOM   872  C  CG2 . THR A 1 93  ? -4.454  13.149  4.573   1.00 17.49 ? 93  THR A CG2 1 
ATOM   873  N  N   . LEU A 1 94  ? -3.873  8.559   4.325   1.00 14.17 ? 94  LEU A N   1 
ATOM   874  C  CA  . LEU A 1 94  ? -3.292  7.230   4.472   1.00 12.39 ? 94  LEU A CA  1 
ATOM   875  C  C   . LEU A 1 94  ? -4.090  6.219   3.660   1.00 14.34 ? 94  LEU A C   1 
ATOM   876  O  O   . LEU A 1 94  ? -5.311  6.117   3.802   1.00 13.37 ? 94  LEU A O   1 
ATOM   877  C  CB  . LEU A 1 94  ? -3.306  6.803   5.931   1.00 13.14 ? 94  LEU A CB  1 
ATOM   878  C  CG  . LEU A 1 94  ? -2.861  5.361   6.177   1.00 11.94 ? 94  LEU A CG  1 
ATOM   879  C  CD1 . LEU A 1 94  ? -1.378  5.216   5.829   1.00 14.86 ? 94  LEU A CD1 1 
ATOM   880  C  CD2 . LEU A 1 94  ? -3.121  4.956   7.624   1.00 12.71 ? 94  LEU A CD2 1 
ATOM   881  N  N   . ALA A 1 95  ? -3.394  5.466   2.819   1.00 12.17 ? 95  ALA A N   1 
ATOM   882  C  CA  . ALA A 1 95  ? -4.026  4.419   2.039   1.00 10.73 ? 95  ALA A CA  1 
ATOM   883  C  C   . ALA A 1 95  ? -3.430  3.068   2.398   1.00 8.21  ? 95  ALA A C   1 
ATOM   884  O  O   . ALA A 1 95  ? -2.211  2.885   2.361   1.00 13.20 ? 95  ALA A O   1 
ATOM   885  C  CB  . ALA A 1 95  ? -3.874  4.692   0.549   1.00 15.96 ? 95  ALA A CB  1 
ATOM   886  N  N   . LEU A 1 96  ? -4.303  2.143   2.780   1.00 8.82  ? 96  LEU A N   1 
ATOM   887  C  CA  . LEU A 1 96  ? -3.926  0.758   3.012   1.00 10.80 ? 96  LEU A CA  1 
ATOM   888  C  C   . LEU A 1 96  ? -4.720  -0.069  2.029   1.00 15.48 ? 96  LEU A C   1 
ATOM   889  O  O   . LEU A 1 96  ? -5.951  -0.103  2.091   1.00 19.80 ? 96  LEU A O   1 
ATOM   890  C  CB  . LEU A 1 96  ? -4.285  0.326   4.432   1.00 11.77 ? 96  LEU A CB  1 
ATOM   891  C  CG  . LEU A 1 96  ? -3.601  1.065   5.577   1.00 12.17 ? 96  LEU A CG  1 
ATOM   892  C  CD1 . LEU A 1 96  ? -4.177  0.604   6.910   1.00 15.01 ? 96  LEU A CD1 1 
ATOM   893  C  CD2 . LEU A 1 96  ? -2.099  0.827   5.550   1.00 12.99 ? 96  LEU A CD2 1 
ATOM   894  N  N   . ASP A 1 97  ? -4.032  -0.727  1.107   1.00 8.42  ? 97  ASP A N   1 
ATOM   895  C  CA  . ASP A 1 97  ? -4.698  -1.551  0.116   1.00 8.76  ? 97  ASP A CA  1 
ATOM   896  C  C   . ASP A 1 97  ? -4.270  -2.992  0.234   1.00 8.13  ? 97  ASP A C   1 
ATOM   897  O  O   . ASP A 1 97  ? -3.074  -3.285  0.306   1.00 9.06  ? 97  ASP A O   1 
ATOM   898  C  CB  . ASP A 1 97  ? -4.381  -1.059  -1.288  1.00 9.77  ? 97  ASP A CB  1 
ATOM   899  C  CG  . ASP A 1 97  ? -5.129  0.196   -1.629  1.00 16.34 ? 97  ASP A CG  1 
ATOM   900  O  OD1 . ASP A 1 97  ? -6.319  0.092   -1.986  1.00 19.72 ? 97  ASP A OD1 1 
ATOM   901  O  OD2 . ASP A 1 97  ? -4.520  1.273   -1.531  1.00 16.86 ? 97  ASP A OD2 1 
ATOM   902  N  N   . ILE A 1 98  ? -5.239  -3.899  0.236   1.00 9.45  ? 98  ILE A N   1 
ATOM   903  C  CA  . ILE A 1 98  ? -4.933  -5.320  0.212   1.00 9.56  ? 98  ILE A CA  1 
ATOM   904  C  C   . ILE A 1 98  ? -4.604  -5.672  -1.233  1.00 8.39  ? 98  ILE A C   1 
ATOM   905  O  O   . ILE A 1 98  ? -5.496  -5.743  -2.085  1.00 13.25 ? 98  ILE A O   1 
ATOM   906  C  CB  . ILE A 1 98  ? -6.130  -6.159  0.695   1.00 9.73  ? 98  ILE A CB  1 
ATOM   907  C  CG1 . ILE A 1 98  ? -6.484  -5.790  2.135   1.00 8.45  ? 98  ILE A CG1 1 
ATOM   908  C  CG2 . ILE A 1 98  ? -5.830  -7.641  0.559   1.00 10.34 ? 98  ILE A CG2 1 
ATOM   909  C  CD1 . ILE A 1 98  ? -7.857  -6.293  2.599   1.00 13.50 ? 98  ILE A CD1 1 
ATOM   910  N  N   . MET A 1 99  ? -3.321  -5.863  -1.528  1.00 8.23  ? 99  MET A N   1 
ATOM   911  C  CA  . MET A 1 99  ? -2.899  -6.172  -2.890  1.00 9.31  ? 99  MET A CA  1 
ATOM   912  C  C   . MET A 1 99  ? -3.211  -7.615  -3.237  1.00 9.64  ? 99  MET A C   1 
ATOM   913  O  O   . MET A 1 99  ? -3.717  -7.903  -4.323  1.00 8.08  ? 99  MET A O   1 
ATOM   914  C  CB  . MET A 1 99  ? -1.405  -5.911  -3.071  1.00 8.48  ? 99  MET A CB  1 
ATOM   915  C  CG  . MET A 1 99  ? -1.035  -4.438  -3.020  1.00 9.46  ? 99  MET A CG  1 
ATOM   916  S  SD  . MET A 1 99  ? 0.722   -4.158  -3.332  1.00 9.19  ? 99  MET A SD  1 
ATOM   917  C  CE  . MET A 1 99  ? 1.445   -4.812  -1.827  1.00 6.95  ? 99  MET A CE  1 
ATOM   918  N  N   . LEU A 1 100 ? -2.900  -8.518  -2.312  1.00 8.04  ? 100 LEU A N   1 
ATOM   919  C  CA  . LEU A 1 100 ? -3.070  -9.946  -2.520  1.00 7.37  ? 100 LEU A CA  1 
ATOM   920  C  C   . LEU A 1 100 ? -3.500  -10.583 -1.213  1.00 6.86  ? 100 LEU A C   1 
ATOM   921  O  O   . LEU A 1 100 ? -3.130  -10.118 -0.138  1.00 7.78  ? 100 LEU A O   1 
ATOM   922  C  CB  . LEU A 1 100 ? -1.754  -10.570 -2.984  1.00 8.69  ? 100 LEU A CB  1 
ATOM   923  C  CG  . LEU A 1 100 ? -1.235  -10.025 -4.313  1.00 10.94 ? 100 LEU A CG  1 
ATOM   924  C  CD1 . LEU A 1 100 ? 0.235   -10.358 -4.483  1.00 13.49 ? 100 LEU A CD1 1 
ATOM   925  C  CD2 . LEU A 1 100 ? -2.055  -10.578 -5.464  1.00 12.52 ? 100 LEU A CD2 1 
ATOM   926  N  N   . PHE A 1 101 ? -4.289  -11.644 -1.313  1.00 6.20  ? 101 PHE A N   1 
ATOM   927  C  CA  . PHE A 1 101 ? -4.712  -12.383 -0.139  1.00 5.85  ? 101 PHE A CA  1 
ATOM   928  C  C   . PHE A 1 101 ? -4.509  -13.846 -0.452  1.00 8.70  ? 101 PHE A C   1 
ATOM   929  O  O   . PHE A 1 101 ? -5.341  -14.472 -1.097  1.00 8.55  ? 101 PHE A O   1 
ATOM   930  C  CB  . PHE A 1 101 ? -6.173  -12.094 0.192   1.00 8.65  ? 101 PHE A CB  1 
ATOM   931  C  CG  . PHE A 1 101 ? -6.583  -12.589 1.546   1.00 7.31  ? 101 PHE A CG  1 
ATOM   932  C  CD1 . PHE A 1 101 ? -6.998  -13.896 1.720   1.00 12.05 ? 101 PHE A CD1 1 
ATOM   933  C  CD2 . PHE A 1 101 ? -6.519  -11.758 2.651   1.00 7.34  ? 101 PHE A CD2 1 
ATOM   934  C  CE1 . PHE A 1 101 ? -7.363  -14.358 2.972   1.00 12.96 ? 101 PHE A CE1 1 
ATOM   935  C  CE2 . PHE A 1 101 ? -6.885  -12.219 3.903   1.00 9.48  ? 101 PHE A CE2 1 
ATOM   936  C  CZ  . PHE A 1 101 ? -7.304  -13.520 4.062   1.00 12.54 ? 101 PHE A CZ  1 
ATOM   937  N  N   . GLY A 1 102 ? -3.385  -14.391 -0.009  1.00 10.86 ? 102 GLY A N   1 
ATOM   938  C  CA  . GLY A 1 102 ? -3.007  -15.722 -0.437  1.00 12.77 ? 102 GLY A CA  1 
ATOM   939  C  C   . GLY A 1 102 ? -3.111  -15.789 -1.949  1.00 11.29 ? 102 GLY A C   1 
ATOM   940  O  O   . GLY A 1 102 ? -2.705  -14.863 -2.653  1.00 13.88 ? 102 GLY A O   1 
ATOM   941  N  N   . ASN A 1 103 ? -3.670  -16.886 -2.448  1.00 10.72 ? 103 ASN A N   1 
ATOM   942  C  CA  . ASN A 1 103 ? -3.859  -17.078 -3.875  1.00 12.00 ? 103 ASN A CA  1 
ATOM   943  C  C   . ASN A 1 103 ? -5.314  -16.830 -4.244  1.00 12.98 ? 103 ASN A C   1 
ATOM   944  O  O   . ASN A 1 103 ? -5.782  -17.254 -5.302  1.00 14.82 ? 103 ASN A O   1 
ATOM   945  C  CB  . ASN A 1 103 ? -3.458  -18.509 -4.249  1.00 12.40 ? 103 ASN A CB  1 
ATOM   946  C  CG  . ASN A 1 103 ? -3.186  -18.676 -5.726  1.00 28.17 ? 103 ASN A CG  1 
ATOM   947  O  OD1 . ASN A 1 103 ? -3.561  -19.685 -6.328  1.00 34.18 ? 103 ASN A OD1 1 
ATOM   948  N  ND2 . ASN A 1 103 ? -2.527  -17.689 -6.320  1.00 21.10 ? 103 ASN A ND2 1 
ATOM   949  N  N   . GLU A 1 104 ? -6.032  -16.139 -3.365  1.00 9.76  ? 104 GLU A N   1 
ATOM   950  C  CA  . GLU A 1 104 ? -7.465  -15.934 -3.556  1.00 9.96  ? 104 GLU A CA  1 
ATOM   951  C  C   . GLU A 1 104 ? -7.773  -14.851 -4.588  1.00 11.42 ? 104 GLU A C   1 
ATOM   952  O  O   . GLU A 1 104 ? -7.069  -13.846 -4.697  1.00 11.86 ? 104 GLU A O   1 
ATOM   953  C  CB  . GLU A 1 104 ? -8.156  -15.610 -2.223  1.00 11.33 ? 104 GLU A CB  1 
ATOM   954  C  CG  . GLU A 1 104 ? -8.034  -16.726 -1.194  1.00 13.76 ? 104 GLU A CG  1 
ATOM   955  C  CD  . GLU A 1 104 ? -8.939  -16.540 0.014   1.00 20.09 ? 104 GLU A CD  1 
ATOM   956  O  OE1 . GLU A 1 104 ? -10.088 -16.078 -0.154  1.00 22.50 ? 104 GLU A OE1 1 
ATOM   957  O  OE2 . GLU A 1 104 ? -8.498  -16.866 1.139   1.00 24.47 ? 104 GLU A OE2 1 
ATOM   958  N  N   . VAL A 1 105 ? -8.838  -15.066 -5.349  1.00 11.89 ? 105 VAL A N   1 
ATOM   959  C  CA  . VAL A 1 105 ? -9.365  -14.038 -6.223  1.00 11.19 ? 105 VAL A CA  1 
ATOM   960  C  C   . VAL A 1 105 ? -10.708 -13.633 -5.645  1.00 14.60 ? 105 VAL A C   1 
ATOM   961  O  O   . VAL A 1 105 ? -11.560 -14.486 -5.371  1.00 17.19 ? 105 VAL A O   1 
ATOM   962  C  CB  . VAL A 1 105 ? -9.553  -14.559 -7.651  1.00 14.99 ? 105 VAL A CB  1 
ATOM   963  C  CG1 . VAL A 1 105 ? -10.185 -13.486 -8.532  1.00 15.22 ? 105 VAL A CG1 1 
ATOM   964  C  CG2 . VAL A 1 105 ? -8.219  -15.017 -8.225  1.00 17.11 ? 105 VAL A CG2 1 
ATOM   965  N  N   . ILE A 1 106 ? -10.895 -12.334 -5.448  1.00 13.94 ? 106 ILE A N   1 
ATOM   966  C  CA  . ILE A 1 106 ? -12.106 -11.826 -4.817  1.00 13.95 ? 106 ILE A CA  1 
ATOM   967  C  C   . ILE A 1 106 ? -12.670 -10.679 -5.631  1.00 15.02 ? 106 ILE A C   1 
ATOM   968  O  O   . ILE A 1 106 ? -11.943 -9.777  -6.033  1.00 13.81 ? 106 ILE A O   1 
ATOM   969  C  CB  . ILE A 1 106 ? -11.828 -11.341 -3.395  1.00 13.53 ? 106 ILE A CB  1 
ATOM   970  C  CG1 . ILE A 1 106 ? -11.222 -12.476 -2.572  1.00 17.62 ? 106 ILE A CG1 1 
ATOM   971  C  CG2 . ILE A 1 106 ? -13.109 -10.819 -2.748  1.00 15.17 ? 106 ILE A CG2 1 
ATOM   972  C  CD1 . ILE A 1 106 ? -10.314 -12.006 -1.485  1.00 18.74 ? 106 ILE A CD1 1 
ATOM   973  N  N   . ASN A 1 107 ? -13.971 -10.722 -5.888  1.00 15.84 ? 107 ASN A N   1 
ATOM   974  C  CA  . ASN A 1 107 ? -14.620 -9.665  -6.651  1.00 18.53 ? 107 ASN A CA  1 
ATOM   975  C  C   . ASN A 1 107 ? -16.011 -9.393  -6.107  1.00 18.57 ? 107 ASN A C   1 
ATOM   976  O  O   . ASN A 1 107 ? -17.008 -9.849  -6.666  1.00 26.09 ? 107 ASN A O   1 
ATOM   977  C  CB  . ASN A 1 107 ? -14.706 -10.028 -8.130  1.00 19.16 ? 107 ASN A CB  1 
ATOM   978  C  CG  A ASN A 1 107 ? -13.348 -10.047 -8.810  0.47 19.59 ? 107 ASN A CG  1 
ATOM   979  C  CG  B ASN A 1 107 ? -15.159 -8.864  -8.981  0.53 21.46 ? 107 ASN A CG  1 
ATOM   980  O  OD1 A ASN A 1 107 ? -12.954 -11.049 -9.407  0.47 22.84 ? 107 ASN A OD1 1 
ATOM   981  O  OD1 B ASN A 1 107 ? -15.938 -9.028  -9.918  0.53 24.27 ? 107 ASN A OD1 1 
ATOM   982  N  ND2 A ASN A 1 107 ? -12.623 -8.940  -8.717  0.47 24.89 ? 107 ASN A ND2 1 
ATOM   983  N  ND2 B ASN A 1 107 ? -14.677 -7.673  -8.654  0.53 21.42 ? 107 ASN A ND2 1 
ATOM   984  N  N   . THR A 1 108 ? -16.069 -8.654  -5.010  1.00 19.97 ? 108 THR A N   1 
ATOM   985  C  CA  . THR A 1 108 ? -17.326 -8.351  -4.351  1.00 17.46 ? 108 THR A CA  1 
ATOM   986  C  C   . THR A 1 108 ? -17.567 -6.851  -4.393  1.00 19.94 ? 108 THR A C   1 
ATOM   987  O  O   . THR A 1 108 ? -16.726 -6.086  -4.864  1.00 17.08 ? 108 THR A O   1 
ATOM   988  C  CB  . THR A 1 108 ? -17.297 -8.793  -2.888  1.00 19.14 ? 108 THR A CB  1 
ATOM   989  O  OG1 . THR A 1 108 ? -16.273 -8.061  -2.197  1.00 17.94 ? 108 THR A OG1 1 
ATOM   990  C  CG2 . THR A 1 108 ? -17.007 -10.283 -2.784  1.00 20.88 ? 108 THR A CG2 1 
ATOM   991  N  N   . GLU A 1 109 ? -18.716 -6.424  -3.894  1.00 18.08 ? 109 GLU A N   1 
ATOM   992  C  CA  . GLU A 1 109 ? -19.022 -5.006  -3.872  1.00 20.40 ? 109 GLU A CA  1 
ATOM   993  C  C   . GLU A 1 109 ? -17.982 -4.219  -3.076  1.00 20.66 ? 109 GLU A C   1 
ATOM   994  O  O   . GLU A 1 109 ? -17.660 -3.083  -3.418  1.00 27.54 ? 109 GLU A O   1 
ATOM   995  C  CB  . GLU A 1 109 ? -20.408 -4.780  -3.279  1.00 27.45 ? 109 GLU A CB  1 
ATOM   996  C  CG  . GLU A 1 109 ? -21.300 -3.915  -4.130  1.00 27.32 ? 109 GLU A CG  1 
ATOM   997  C  CD  . GLU A 1 109 ? -22.654 -3.712  -3.498  1.00 19.35 ? 109 GLU A CD  1 
ATOM   998  O  OE1 . GLU A 1 109 ? -22.692 -3.251  -2.339  1.00 17.66 ? 109 GLU A OE1 1 
ATOM   999  O  OE2 . GLU A 1 109 ? -23.672 -4.015  -4.153  1.00 19.64 ? 109 GLU A OE2 1 
ATOM   1000 N  N   . ARG A 1 110 ? -17.457 -4.817  -2.010  1.00 16.11 ? 110 ARG A N   1 
ATOM   1001 C  CA  . ARG A 1 110 ? -16.514 -4.118  -1.141  1.00 14.27 ? 110 ARG A CA  1 
ATOM   1002 C  C   . ARG A 1 110 ? -15.061 -4.304  -1.561  1.00 12.83 ? 110 ARG A C   1 
ATOM   1003 O  O   . ARG A 1 110 ? -14.226 -3.450  -1.277  1.00 17.41 ? 110 ARG A O   1 
ATOM   1004 C  CB  . ARG A 1 110 ? -16.642 -4.582  0.317   1.00 17.19 ? 110 ARG A CB  1 
ATOM   1005 C  CG  . ARG A 1 110 ? -17.908 -4.155  1.034   1.00 22.12 ? 110 ARG A CG  1 
ATOM   1006 C  CD  . ARG A 1 110 ? -17.875 -4.627  2.484   1.00 21.57 ? 110 ARG A CD  1 
ATOM   1007 N  NE  . ARG A 1 110 ? -17.003 -3.803  3.318   1.00 19.04 ? 110 ARG A NE  1 
ATOM   1008 C  CZ  . ARG A 1 110 ? -16.373 -4.240  4.405   1.00 21.82 ? 110 ARG A CZ  1 
ATOM   1009 N  NH1 . ARG A 1 110 ? -16.497 -5.504  4.790   1.00 20.75 ? 110 ARG A NH1 1 
ATOM   1010 N  NH2 . ARG A 1 110 ? -15.607 -3.412  5.101   1.00 17.40 ? 110 ARG A NH2 1 
ATOM   1011 N  N   . LEU A 1 111 ? -14.763 -5.414  -2.230  1.00 11.90 ? 111 LEU A N   1 
ATOM   1012 C  CA  . LEU A 1 111 ? -13.377 -5.870  -2.327  1.00 12.64 ? 111 LEU A CA  1 
ATOM   1013 C  C   . LEU A 1 111 ? -13.024 -6.536  -3.654  1.00 11.35 ? 111 LEU A C   1 
ATOM   1014 O  O   . LEU A 1 111 ? -13.688 -7.470  -4.091  1.00 13.40 ? 111 LEU A O   1 
ATOM   1015 C  CB  . LEU A 1 111 ? -13.094 -6.842  -1.178  1.00 12.39 ? 111 LEU A CB  1 
ATOM   1016 C  CG  . LEU A 1 111 ? -11.667 -7.361  -1.022  1.00 12.76 ? 111 LEU A CG  1 
ATOM   1017 C  CD1 . LEU A 1 111 ? -10.726 -6.198  -0.838  1.00 13.57 ? 111 LEU A CD1 1 
ATOM   1018 C  CD2 . LEU A 1 111 ? -11.598 -8.294  0.167   1.00 15.43 ? 111 LEU A CD2 1 
ATOM   1019 N  N   . THR A 1 112 ? -11.958 -6.054  -4.279  1.00 12.18 ? 112 THR A N   1 
ATOM   1020 C  CA  . THR A 1 112 ? -11.384 -6.697  -5.450  1.00 10.27 ? 112 THR A CA  1 
ATOM   1021 C  C   . THR A 1 112 ? -9.927  -7.011  -5.161  1.00 8.67  ? 112 THR A C   1 
ATOM   1022 O  O   . THR A 1 112 ? -9.132  -6.106  -4.903  1.00 10.74 ? 112 THR A O   1 
ATOM   1023 C  CB  . THR A 1 112 ? -11.477 -5.803  -6.693  1.00 16.36 ? 112 THR A CB  1 
ATOM   1024 O  OG1 . THR A 1 112 ? -12.849 -5.703  -7.091  1.00 16.87 ? 112 THR A OG1 1 
ATOM   1025 C  CG2 . THR A 1 112 ? -10.668 -6.394  -7.849  1.00 12.13 ? 112 THR A CG2 1 
ATOM   1026 N  N   . VAL A 1 113 ? -9.599  -8.297  -5.205  1.00 9.49  ? 113 VAL A N   1 
ATOM   1027 C  CA  . VAL A 1 113 ? -8.246  -8.789  -5.005  1.00 10.07 ? 113 VAL A CA  1 
ATOM   1028 C  C   . VAL A 1 113 ? -7.995  -9.824  -6.094  1.00 8.74  ? 113 VAL A C   1 
ATOM   1029 O  O   . VAL A 1 113 ? -8.860  -10.656 -6.361  1.00 9.98  ? 113 VAL A O   1 
ATOM   1030 C  CB  . VAL A 1 113 ? -8.111  -9.476  -3.629  1.00 8.71  ? 113 VAL A CB  1 
ATOM   1031 C  CG1 . VAL A 1 113 ? -6.733  -10.127 -3.487  1.00 9.65  ? 113 VAL A CG1 1 
ATOM   1032 C  CG2 . VAL A 1 113 ? -8.371  -8.485  -2.516  1.00 11.77 ? 113 VAL A CG2 1 
ATOM   1033 N  N   . PRO A 1 114 ? -6.821  -9.789  -6.741  1.00 8.12  ? 114 PRO A N   1 
ATOM   1034 C  CA  . PRO A 1 114 ? -5.734  -8.819  -6.569  1.00 8.26  ? 114 PRO A CA  1 
ATOM   1035 C  C   . PRO A 1 114 ? -6.160  -7.374  -6.842  1.00 9.27  ? 114 PRO A C   1 
ATOM   1036 O  O   . PRO A 1 114 ? -7.136  -7.124  -7.555  1.00 10.99 ? 114 PRO A O   1 
ATOM   1037 C  CB  . PRO A 1 114 ? -4.700  -9.276  -7.604  1.00 9.65  ? 114 PRO A CB  1 
ATOM   1038 C  CG  . PRO A 1 114 ? -4.924  -10.764 -7.712  1.00 8.33  ? 114 PRO A CG  1 
ATOM   1039 C  CD  . PRO A 1 114 ? -6.426  -10.905 -7.625  1.00 11.18 ? 114 PRO A CD  1 
ATOM   1040 N  N   . HIS A 1 115 ? -5.450  -6.420  -6.259  1.00 9.35  ? 115 HIS A N   1 
ATOM   1041 C  CA  . HIS A 1 115 ? -5.757  -5.027  -6.519  1.00 9.07  ? 115 HIS A CA  1 
ATOM   1042 C  C   . HIS A 1 115 ? -5.823  -4.832  -8.027  1.00 8.69  ? 115 HIS A C   1 
ATOM   1043 O  O   . HIS A 1 115 ? -4.943  -5.279  -8.758  1.00 10.16 ? 115 HIS A O   1 
ATOM   1044 C  CB  . HIS A 1 115 ? -4.696  -4.126  -5.899  1.00 9.42  ? 115 HIS A CB  1 
ATOM   1045 C  CG  . HIS A 1 115 ? -4.963  -2.672  -6.092  1.00 9.13  ? 115 HIS A CG  1 
ATOM   1046 N  ND1 . HIS A 1 115 ? -4.696  -2.022  -7.278  1.00 13.51 ? 115 HIS A ND1 1 
ATOM   1047 C  CD2 . HIS A 1 115 ? -5.473  -1.741  -5.253  1.00 9.98  ? 115 HIS A CD2 1 
ATOM   1048 C  CE1 . HIS A 1 115 ? -5.030  -0.749  -7.158  1.00 14.49 ? 115 HIS A CE1 1 
ATOM   1049 N  NE2 . HIS A 1 115 ? -5.500  -0.552  -5.939  1.00 9.53  ? 115 HIS A NE2 1 
ATOM   1050 N  N   . TYR A 1 116 ? -6.877  -4.162  -8.490  1.00 9.99  ? 116 TYR A N   1 
ATOM   1051 C  CA  . TYR A 1 116 ? -7.201  -4.095  -9.915  1.00 10.71 ? 116 TYR A CA  1 
ATOM   1052 C  C   . TYR A 1 116 ? -6.122  -3.477  -10.799 1.00 11.83 ? 116 TYR A C   1 
ATOM   1053 O  O   . TYR A 1 116 ? -6.064  -3.765  -11.995 1.00 16.54 ? 116 TYR A O   1 
ATOM   1054 C  CB  . TYR A 1 116 ? -8.517  -3.327  -10.118 1.00 14.28 ? 116 TYR A CB  1 
ATOM   1055 C  CG  . TYR A 1 116 ? -8.365  -1.819  -10.088 1.00 16.90 ? 116 TYR A CG  1 
ATOM   1056 C  CD1 . TYR A 1 116 ? -8.251  -1.133  -8.886  1.00 16.35 ? 116 TYR A CD1 1 
ATOM   1057 C  CD2 . TYR A 1 116 ? -8.344  -1.080  -11.266 1.00 19.28 ? 116 TYR A CD2 1 
ATOM   1058 C  CE1 . TYR A 1 116 ? -8.108  0.241   -8.857  1.00 17.71 ? 116 TYR A CE1 1 
ATOM   1059 C  CE2 . TYR A 1 116 ? -8.208  0.296   -11.246 1.00 20.34 ? 116 TYR A CE2 1 
ATOM   1060 C  CZ  . TYR A 1 116 ? -8.091  0.950   -10.042 1.00 21.11 ? 116 TYR A CZ  1 
ATOM   1061 O  OH  . TYR A 1 116 ? -7.954  2.321   -10.022 1.00 25.56 ? 116 TYR A OH  1 
ATOM   1062 N  N   . ASP A 1 117 ? -5.277  -2.623  -10.232 1.00 10.51 ? 117 ASP A N   1 
ATOM   1063 C  CA  . ASP A 1 117 ? -4.319  -1.887  -11.049 1.00 13.09 ? 117 ASP A CA  1 
ATOM   1064 C  C   . ASP A 1 117 ? -2.862  -2.150  -10.668 1.00 11.16 ? 117 ASP A C   1 
ATOM   1065 O  O   . ASP A 1 117 ? -1.961  -1.538  -11.231 1.00 11.49 ? 117 ASP A O   1 
ATOM   1066 C  CB  . ASP A 1 117 ? -4.606  -0.380  -10.959 1.00 16.72 ? 117 ASP A CB  1 
ATOM   1067 C  CG  . ASP A 1 117 ? -4.007  0.401   -12.116 1.00 16.40 ? 117 ASP A CG  1 
ATOM   1068 O  OD1 . ASP A 1 117 ? -4.106  -0.063  -13.268 1.00 17.27 ? 117 ASP A OD1 1 
ATOM   1069 O  OD2 . ASP A 1 117 ? -3.438  1.484   -11.873 1.00 17.50 ? 117 ASP A OD2 1 
ATOM   1070 N  N   . MET A 1 118 ? -2.623  -3.039  -9.708  1.00 11.41 ? 118 MET A N   1 
ATOM   1071 C  CA  . MET A 1 118 ? -1.269  -3.163  -9.162  1.00 9.87  ? 118 MET A CA  1 
ATOM   1072 C  C   . MET A 1 118 ? -0.212  -3.548  -10.203 1.00 9.30  ? 118 MET A C   1 
ATOM   1073 O  O   . MET A 1 118 ? 0.948   -3.160  -10.076 1.00 9.64  ? 118 MET A O   1 
ATOM   1074 C  CB  . MET A 1 118 ? -1.223  -4.116  -7.962  1.00 8.28  ? 118 MET A CB  1 
ATOM   1075 C  CG  . MET A 1 118 ? -1.561  -5.561  -8.293  1.00 8.90  ? 118 MET A CG  1 
ATOM   1076 S  SD  . MET A 1 118 ? -1.528  -6.585  -6.807  1.00 8.37  ? 118 MET A SD  1 
ATOM   1077 C  CE  . MET A 1 118 ? 0.225   -6.597  -6.399  1.00 8.25  ? 118 MET A CE  1 
ATOM   1078 N  N   . LYS A 1 119 ? -0.602  -4.289  -11.239 1.00 9.17  ? 119 LYS A N   1 
ATOM   1079 C  CA  . LYS A 1 119 ? 0.373   -4.745  -12.238 1.00 10.34 ? 119 LYS A CA  1 
ATOM   1080 C  C   . LYS A 1 119 ? 0.865   -3.603  -13.116 1.00 11.54 ? 119 LYS A C   1 
ATOM   1081 O  O   . LYS A 1 119 ? 1.839   -3.766  -13.852 1.00 13.06 ? 119 LYS A O   1 
ATOM   1082 C  CB  . LYS A 1 119 ? -0.175  -5.888  -13.102 1.00 10.80 ? 119 LYS A CB  1 
ATOM   1083 C  CG  . LYS A 1 119 ? -0.431  -7.179  -12.344 1.00 9.02  ? 119 LYS A CG  1 
ATOM   1084 C  CD  . LYS A 1 119 ? -0.898  -8.293  -13.276 1.00 11.94 ? 119 LYS A CD  1 
ATOM   1085 C  CE  . LYS A 1 119 ? -1.252  -9.532  -12.490 1.00 14.03 ? 119 LYS A CE  1 
ATOM   1086 N  NZ  . LYS A 1 119 ? -1.803  -10.594 -13.370 1.00 21.58 ? 119 LYS A NZ  1 
ATOM   1087 N  N   . ASN A 1 120 ? 0.202   -2.454  -13.013 1.00 12.18 ? 120 ASN A N   1 
ATOM   1088 C  CA  . ASN A 1 120 ? 0.606   -1.253  -13.745 1.00 13.40 ? 120 ASN A CA  1 
ATOM   1089 C  C   . ASN A 1 120 ? 1.322   -0.239  -12.866 1.00 13.93 ? 120 ASN A C   1 
ATOM   1090 O  O   . ASN A 1 120 ? 1.679   0.844   -13.328 1.00 17.03 ? 120 ASN A O   1 
ATOM   1091 C  CB  . ASN A 1 120 ? -0.607  -0.571  -14.384 1.00 12.57 ? 120 ASN A CB  1 
ATOM   1092 C  CG  . ASN A 1 120 ? -1.350  -1.480  -15.336 1.00 13.78 ? 120 ASN A CG  1 
ATOM   1093 O  OD1 . ASN A 1 120 ? -0.748  -2.114  -16.201 1.00 19.27 ? 120 ASN A OD1 1 
ATOM   1094 N  ND2 . ASN A 1 120 ? -2.666  -1.563  -15.171 1.00 21.89 ? 120 ASN A ND2 1 
ATOM   1095 N  N   . ARG A 1 121 ? 1.533   -0.583  -11.600 1.00 11.29 ? 121 ARG A N   1 
ATOM   1096 C  CA  . ARG A 1 121 ? 2.049   0.381   -10.632 1.00 14.83 ? 121 ARG A CA  1 
ATOM   1097 C  C   . ARG A 1 121 ? 3.377   -0.038  -10.009 1.00 12.14 ? 121 ARG A C   1 
ATOM   1098 O  O   . ARG A 1 121 ? 3.419   -0.880  -9.115  1.00 12.19 ? 121 ARG A O   1 
ATOM   1099 C  CB  . ARG A 1 121 ? 1.028   0.612   -9.522  1.00 14.62 ? 121 ARG A CB  1 
ATOM   1100 C  CG  . ARG A 1 121 ? -0.302  1.184   -10.005 1.00 12.27 ? 121 ARG A CG  1 
ATOM   1101 C  CD  . ARG A 1 121 ? -1.265  1.355   -8.845  1.00 13.79 ? 121 ARG A CD  1 
ATOM   1102 N  NE  . ARG A 1 121 ? -2.548  1.910   -9.267  1.00 19.96 ? 121 ARG A NE  1 
ATOM   1103 C  CZ  . ARG A 1 121 ? -3.500  2.308   -8.429  1.00 21.72 ? 121 ARG A CZ  1 
ATOM   1104 N  NH1 . ARG A 1 121 ? -3.318  2.213   -7.120  1.00 23.61 ? 121 ARG A NH1 1 
ATOM   1105 N  NH2 . ARG A 1 121 ? -4.638  2.796   -8.899  1.00 20.98 ? 121 ARG A NH2 1 
ATOM   1106 N  N   . GLY A 1 122 ? 4.461   0.569   -10.475 1.00 14.98 ? 122 GLY A N   1 
ATOM   1107 C  CA  . GLY A 1 122 ? 5.771   0.273   -9.932  1.00 12.90 ? 122 GLY A CA  1 
ATOM   1108 C  C   . GLY A 1 122 ? 5.837   0.529   -8.442  1.00 12.86 ? 122 GLY A C   1 
ATOM   1109 O  O   . GLY A 1 122 ? 6.521   -0.177  -7.701  1.00 11.38 ? 122 GLY A O   1 
ATOM   1110 N  N   . PHE A 1 123 ? 5.109   1.538   -7.977  1.00 12.90 ? 123 PHE A N   1 
ATOM   1111 C  CA  . PHE A 1 123 ? 5.183   1.879   -6.565  1.00 13.15 ? 123 PHE A CA  1 
ATOM   1112 C  C   . PHE A 1 123 ? 4.573   0.793   -5.674  1.00 11.05 ? 123 PHE A C   1 
ATOM   1113 O  O   . PHE A 1 123 ? 4.839   0.742   -4.475  1.00 11.80 ? 123 PHE A O   1 
ATOM   1114 C  CB  . PHE A 1 123 ? 4.616   3.278   -6.274  1.00 15.39 ? 123 PHE A CB  1 
ATOM   1115 C  CG  . PHE A 1 123 ? 3.139   3.418   -6.522  1.00 14.60 ? 123 PHE A CG  1 
ATOM   1116 C  CD1 . PHE A 1 123 ? 2.219   3.065   -5.549  1.00 13.29 ? 123 PHE A CD1 1 
ATOM   1117 C  CD2 . PHE A 1 123 ? 2.673   3.936   -7.719  1.00 17.29 ? 123 PHE A CD2 1 
ATOM   1118 C  CE1 . PHE A 1 123 ? 0.859   3.213   -5.774  1.00 14.75 ? 123 PHE A CE1 1 
ATOM   1119 C  CE2 . PHE A 1 123 ? 1.318   4.082   -7.949  1.00 20.81 ? 123 PHE A CE2 1 
ATOM   1120 C  CZ  . PHE A 1 123 ? 0.412   3.718   -6.977  1.00 19.29 ? 123 PHE A CZ  1 
ATOM   1121 N  N   A MET A 1 124 ? 3.746   -0.073  -6.261  0.67 9.81  ? 124 MET A N   1 
ATOM   1122 N  N   B MET A 1 124 ? 3.771   -0.079  -6.285  0.33 9.86  ? 124 MET A N   1 
ATOM   1123 C  CA  A MET A 1 124 ? 3.252   -1.241  -5.536  0.67 10.80 ? 124 MET A CA  1 
ATOM   1124 C  CA  B MET A 1 124 ? 3.198   -1.222  -5.585  0.33 10.74 ? 124 MET A CA  1 
ATOM   1125 C  C   A MET A 1 124 ? 4.142   -2.456  -5.781  0.67 7.10  ? 124 MET A C   1 
ATOM   1126 C  C   B MET A 1 124 ? 4.029   -2.488  -5.812  0.33 7.22  ? 124 MET A C   1 
ATOM   1127 O  O   A MET A 1 124 ? 4.483   -3.180  -4.850  0.67 9.29  ? 124 MET A O   1 
ATOM   1128 O  O   B MET A 1 124 ? 4.225   -3.277  -4.892  0.33 9.19  ? 124 MET A O   1 
ATOM   1129 C  CB  A MET A 1 124 ? 1.813   -1.582  -5.932  0.67 10.10 ? 124 MET A CB  1 
ATOM   1130 C  CB  B MET A 1 124 ? 1.749   -1.456  -6.024  0.33 10.30 ? 124 MET A CB  1 
ATOM   1131 C  CG  A MET A 1 124 ? 0.756   -0.750  -5.223  0.67 8.26  ? 124 MET A CG  1 
ATOM   1132 C  CG  B MET A 1 124 ? 0.877   -0.201  -5.991  0.33 7.36  ? 124 MET A CG  1 
ATOM   1133 S  SD  A MET A 1 124 ? -0.901  -1.320  -5.646  0.67 9.61  ? 124 MET A SD  1 
ATOM   1134 S  SD  B MET A 1 124 ? -0.877  -0.545  -6.253  0.33 10.52 ? 124 MET A SD  1 
ATOM   1135 C  CE  A MET A 1 124 ? -1.900  -0.262  -4.604  0.67 11.72 ? 124 MET A CE  1 
ATOM   1136 C  CE  B MET A 1 124 ? -1.299  -1.342  -4.706  0.33 11.51 ? 124 MET A CE  1 
ATOM   1137 N  N   . LEU A 1 125 ? 4.518   -2.671  -7.038  1.00 7.71  ? 125 LEU A N   1 
ATOM   1138 C  CA  . LEU A 1 125 ? 5.265   -3.873  -7.408  1.00 7.88  ? 125 LEU A CA  1 
ATOM   1139 C  C   . LEU A 1 125 ? 6.672   -3.958  -6.808  1.00 7.35  ? 125 LEU A C   1 
ATOM   1140 O  O   . LEU A 1 125 ? 7.107   -5.039  -6.392  1.00 7.61  ? 125 LEU A O   1 
ATOM   1141 C  CB  . LEU A 1 125 ? 5.339   -4.026  -8.932  1.00 7.22  ? 125 LEU A CB  1 
ATOM   1142 C  CG  . LEU A 1 125 ? 3.992   -4.212  -9.624  1.00 7.96  ? 125 LEU A CG  1 
ATOM   1143 C  CD1 . LEU A 1 125 ? 4.251   -4.386  -11.108 1.00 13.97 ? 125 LEU A CD1 1 
ATOM   1144 C  CD2 . LEU A 1 125 ? 3.203   -5.388  -9.081  1.00 10.12 ? 125 LEU A CD2 1 
ATOM   1145 N  N   . TRP A 1 126 ? 7.393   -2.841  -6.767  1.00 7.59  ? 126 TRP A N   1 
ATOM   1146 C  CA  . TRP A 1 126 ? 8.782   -2.908  -6.311  1.00 6.12  ? 126 TRP A CA  1 
ATOM   1147 C  C   . TRP A 1 126 ? 8.907   -3.238  -4.828  1.00 6.12  ? 126 TRP A C   1 
ATOM   1148 O  O   . TRP A 1 126 ? 9.701   -4.098  -4.457  1.00 8.66  ? 126 TRP A O   1 
ATOM   1149 C  CB  . TRP A 1 126 ? 9.550   -1.626  -6.650  1.00 9.91  ? 126 TRP A CB  1 
ATOM   1150 C  CG  . TRP A 1 126 ? 10.015  -1.573  -8.079  1.00 8.23  ? 126 TRP A CG  1 
ATOM   1151 C  CD1 . TRP A 1 126 ? 9.586   -0.714  -9.046  1.00 13.22 ? 126 TRP A CD1 1 
ATOM   1152 C  CD2 . TRP A 1 126 ? 11.011  -2.406  -8.694  1.00 9.20  ? 126 TRP A CD2 1 
ATOM   1153 N  NE1 . TRP A 1 126 ? 10.244  -0.959  -10.223 1.00 12.50 ? 126 TRP A NE1 1 
ATOM   1154 C  CE2 . TRP A 1 126 ? 11.120  -1.996  -10.042 1.00 11.36 ? 126 TRP A CE2 1 
ATOM   1155 C  CE3 . TRP A 1 126 ? 11.816  -3.460  -8.235  1.00 8.86  ? 126 TRP A CE3 1 
ATOM   1156 C  CZ2 . TRP A 1 126 ? 12.004  -2.598  -10.938 1.00 14.11 ? 126 TRP A CZ2 1 
ATOM   1157 C  CZ3 . TRP A 1 126 ? 12.691  -4.062  -9.130  1.00 12.93 ? 126 TRP A CZ3 1 
ATOM   1158 C  CH2 . TRP A 1 126 ? 12.772  -3.628  -10.471 1.00 10.71 ? 126 TRP A CH2 1 
ATOM   1159 N  N   . PRO A 1 127 ? 8.137   -2.554  -3.969  1.00 6.20  ? 127 PRO A N   1 
ATOM   1160 C  CA  . PRO A 1 127 ? 8.231   -2.948  -2.558  1.00 7.00  ? 127 PRO A CA  1 
ATOM   1161 C  C   . PRO A 1 127 ? 7.775   -4.395  -2.328  1.00 7.68  ? 127 PRO A C   1 
ATOM   1162 O  O   . PRO A 1 127 ? 8.324   -5.117  -1.503  1.00 7.66  ? 127 PRO A O   1 
ATOM   1163 C  CB  . PRO A 1 127 ? 7.310   -1.942  -1.849  1.00 9.77  ? 127 PRO A CB  1 
ATOM   1164 C  CG  . PRO A 1 127 ? 7.243   -0.760  -2.797  1.00 11.50 ? 127 PRO A CG  1 
ATOM   1165 C  CD  . PRO A 1 127 ? 7.268   -1.380  -4.165  1.00 8.29  ? 127 PRO A CD  1 
ATOM   1166 N  N   . LEU A 1 128 ? 6.761   -4.824  -3.061  1.00 6.90  ? 128 LEU A N   1 
ATOM   1167 C  CA  . LEU A 1 128 ? 6.327   -6.210  -3.001  1.00 5.84  ? 128 LEU A CA  1 
ATOM   1168 C  C   . LEU A 1 128 ? 7.447   -7.177  -3.406  1.00 6.50  ? 128 LEU A C   1 
ATOM   1169 O  O   . LEU A 1 128 ? 7.678   -8.195  -2.758  1.00 6.41  ? 128 LEU A O   1 
ATOM   1170 C  CB  . LEU A 1 128 ? 5.115   -6.402  -3.908  1.00 7.52  ? 128 LEU A CB  1 
ATOM   1171 C  CG  . LEU A 1 128 ? 4.503   -7.799  -3.891  1.00 5.09  ? 128 LEU A CG  1 
ATOM   1172 C  CD1 . LEU A 1 128 ? 4.146   -8.226  -2.465  1.00 8.80  ? 128 LEU A CD1 1 
ATOM   1173 C  CD2 . LEU A 1 128 ? 3.275   -7.810  -4.804  1.00 8.21  ? 128 LEU A CD2 1 
ATOM   1174 N  N   . PHE A 1 129 ? 8.130   -6.845  -4.493  1.00 7.36  ? 129 PHE A N   1 
ATOM   1175 C  CA  . PHE A 1 129 ? 9.242   -7.659  -4.989  1.00 6.06  ? 129 PHE A CA  1 
ATOM   1176 C  C   . PHE A 1 129 ? 10.405  -7.747  -3.991  1.00 7.04  ? 129 PHE A C   1 
ATOM   1177 O  O   . PHE A 1 129 ? 11.077  -8.779  -3.906  1.00 7.00  ? 129 PHE A O   1 
ATOM   1178 C  CB  . PHE A 1 129 ? 9.720   -7.110  -6.337  1.00 8.27  ? 129 PHE A CB  1 
ATOM   1179 C  CG  . PHE A 1 129 ? 10.879  -7.865  -6.936  1.00 8.24  ? 129 PHE A CG  1 
ATOM   1180 C  CD1 . PHE A 1 129 ? 10.707  -9.132  -7.477  1.00 7.77  ? 129 PHE A CD1 1 
ATOM   1181 C  CD2 . PHE A 1 129 ? 12.138  -7.287  -6.979  1.00 10.89 ? 129 PHE A CD2 1 
ATOM   1182 C  CE1 . PHE A 1 129 ? 11.792  -9.821  -8.037  1.00 10.74 ? 129 PHE A CE1 1 
ATOM   1183 C  CE2 . PHE A 1 129 ? 13.221  -7.960  -7.539  1.00 10.01 ? 129 PHE A CE2 1 
ATOM   1184 C  CZ  . PHE A 1 129 ? 13.046  -9.230  -8.064  1.00 9.35  ? 129 PHE A CZ  1 
ATOM   1185 N  N   . GLU A 1 130 ? 10.622  -6.679  -3.225  1.00 7.82  ? 130 GLU A N   1 
ATOM   1186 C  CA  . GLU A 1 130 ? 11.633  -6.711  -2.169  1.00 6.68  ? 130 GLU A CA  1 
ATOM   1187 C  C   . GLU A 1 130 ? 11.341  -7.769  -1.101  1.00 6.36  ? 130 GLU A C   1 
ATOM   1188 O  O   . GLU A 1 130 ? 12.254  -8.444  -0.631  1.00 8.76  ? 130 GLU A O   1 
ATOM   1189 C  CB  . GLU A 1 130 ? 11.774  -5.341  -1.507  1.00 7.02  ? 130 GLU A CB  1 
ATOM   1190 C  CG  . GLU A 1 130 ? 12.887  -5.324  -0.462  1.00 7.77  ? 130 GLU A CG  1 
ATOM   1191 C  CD  . GLU A 1 130 ? 12.998  -4.003  0.264   1.00 12.18 ? 130 GLU A CD  1 
ATOM   1192 O  OE1 . GLU A 1 130 ? 12.081  -3.165  0.140   1.00 10.07 ? 130 GLU A OE1 1 
ATOM   1193 O  OE2 . GLU A 1 130 ? 14.011  -3.802  0.966   1.00 16.32 ? 130 GLU A OE2 1 
ATOM   1194 N  N   . ILE A 1 131 ? 10.077  -7.911  -0.714  1.00 6.28  ? 131 ILE A N   1 
ATOM   1195 C  CA  . ILE A 1 131 ? 9.723   -8.854  0.345   1.00 7.86  ? 131 ILE A CA  1 
ATOM   1196 C  C   . ILE A 1 131 ? 9.239   -10.227 -0.149  1.00 8.43  ? 131 ILE A C   1 
ATOM   1197 O  O   . ILE A 1 131 ? 9.206   -11.189 0.626   1.00 10.67 ? 131 ILE A O   1 
ATOM   1198 C  CB  . ILE A 1 131 ? 8.698   -8.250  1.348   1.00 8.88  ? 131 ILE A CB  1 
ATOM   1199 C  CG1 . ILE A 1 131 ? 7.368   -7.939  0.669   1.00 8.03  ? 131 ILE A CG1 1 
ATOM   1200 C  CG2 . ILE A 1 131 ? 9.263   -6.985  1.996   1.00 10.10 ? 131 ILE A CG2 1 
ATOM   1201 C  CD1 . ILE A 1 131 ? 6.317   -7.445  1.651   1.00 8.47  ? 131 ILE A CD1 1 
ATOM   1202 N  N   . ALA A 1 132 ? 8.873   -10.313 -1.426  1.00 6.80  ? 132 ALA A N   1 
ATOM   1203 C  CA  . ALA A 1 132 ? 8.388   -11.557 -2.021  1.00 8.91  ? 132 ALA A CA  1 
ATOM   1204 C  C   . ALA A 1 132 ? 8.853   -11.700 -3.467  1.00 9.60  ? 132 ALA A C   1 
ATOM   1205 O  O   . ALA A 1 132 ? 8.032   -11.717 -4.386  1.00 8.26  ? 132 ALA A O   1 
ATOM   1206 C  CB  . ALA A 1 132 ? 6.867   -11.607 -1.961  1.00 11.73 ? 132 ALA A CB  1 
ATOM   1207 N  N   . PRO A 1 133 ? 10.170  -11.824 -3.683  1.00 7.63  ? 133 PRO A N   1 
ATOM   1208 C  CA  . PRO A 1 133 ? 10.690  -11.852 -5.058  1.00 9.67  ? 133 PRO A CA  1 
ATOM   1209 C  C   . PRO A 1 133 ? 10.176  -13.031 -5.894  1.00 7.97  ? 133 PRO A C   1 
ATOM   1210 O  O   . PRO A 1 133 ? 10.139  -12.922 -7.118  1.00 8.85  ? 133 PRO A O   1 
ATOM   1211 C  CB  . PRO A 1 133 ? 12.216  -11.940 -4.854  1.00 8.90  ? 133 PRO A CB  1 
ATOM   1212 C  CG  . PRO A 1 133 ? 12.395  -12.465 -3.470  1.00 9.44  ? 133 PRO A CG  1 
ATOM   1213 C  CD  . PRO A 1 133 ? 11.260  -11.841 -2.690  1.00 9.18  ? 133 PRO A CD  1 
ATOM   1214 N  N   . GLU A 1 134 ? 9.769   -14.119 -5.252  1.00 8.87  ? 134 GLU A N   1 
ATOM   1215 C  CA  . GLU A 1 134 ? 9.334   -15.317 -5.970  1.00 7.83  ? 134 GLU A CA  1 
ATOM   1216 C  C   . GLU A 1 134 ? 7.822   -15.375 -6.120  1.00 8.32  ? 134 GLU A C   1 
ATOM   1217 O  O   . GLU A 1 134 ? 7.275   -16.412 -6.498  1.00 9.82  ? 134 GLU A O   1 
ATOM   1218 C  CB  . GLU A 1 134 ? 9.823   -16.572 -5.240  1.00 8.89  ? 134 GLU A CB  1 
ATOM   1219 C  CG  . GLU A 1 134 ? 11.317  -16.568 -4.902  1.00 12.38 ? 134 GLU A CG  1 
ATOM   1220 C  CD  . GLU A 1 134 ? 12.198  -16.203 -6.083  1.00 14.89 ? 134 GLU A CD  1 
ATOM   1221 O  OE1 . GLU A 1 134 ? 12.122  -16.891 -7.120  1.00 19.99 ? 134 GLU A OE1 1 
ATOM   1222 O  OE2 . GLU A 1 134 ? 12.976  -15.227 -5.973  1.00 16.66 ? 134 GLU A OE2 1 
ATOM   1223 N  N   . LEU A 1 135 ? 7.147   -14.270 -5.836  1.00 8.05  ? 135 LEU A N   1 
ATOM   1224 C  CA  . LEU A 1 135 ? 5.687   -14.256 -5.870  1.00 8.77  ? 135 LEU A CA  1 
ATOM   1225 C  C   . LEU A 1 135 ? 5.111   -14.575 -7.253  1.00 7.32  ? 135 LEU A C   1 
ATOM   1226 O  O   . LEU A 1 135 ? 5.604   -14.096 -8.278  1.00 7.87  ? 135 LEU A O   1 
ATOM   1227 C  CB  . LEU A 1 135 ? 5.150   -12.912 -5.351  1.00 8.56  ? 135 LEU A CB  1 
ATOM   1228 C  CG  . LEU A 1 135 ? 3.645   -12.816 -5.096  1.00 10.76 ? 135 LEU A CG  1 
ATOM   1229 C  CD1 . LEU A 1 135 ? 3.385   -11.970 -3.856  1.00 13.91 ? 135 LEU A CD1 1 
ATOM   1230 C  CD2 . LEU A 1 135 ? 2.915   -12.264 -6.310  1.00 13.07 ? 135 LEU A CD2 1 
ATOM   1231 N  N   . VAL A 1 136 ? 4.070   -15.404 -7.255  1.00 7.85  ? 136 VAL A N   1 
ATOM   1232 C  CA  . VAL A 1 136 ? 3.288   -15.701 -8.446  1.00 9.41  ? 136 VAL A CA  1 
ATOM   1233 C  C   . VAL A 1 136 ? 1.843   -15.296 -8.164  1.00 10.16 ? 136 VAL A C   1 
ATOM   1234 O  O   . VAL A 1 136 ? 1.296   -15.621 -7.102  1.00 11.98 ? 136 VAL A O   1 
ATOM   1235 C  CB  . VAL A 1 136 ? 3.353   -17.200 -8.791  1.00 13.44 ? 136 VAL A CB  1 
ATOM   1236 C  CG1 . VAL A 1 136 ? 2.535   -17.494 -10.038 1.00 15.49 ? 136 VAL A CG1 1 
ATOM   1237 C  CG2 . VAL A 1 136 ? 4.804   -17.639 -8.987  1.00 13.95 ? 136 VAL A CG2 1 
ATOM   1238 N  N   . PHE A 1 137 ? 1.242   -14.561 -9.094  1.00 8.04  ? 137 PHE A N   1 
ATOM   1239 C  CA  . PHE A 1 137 ? -0.134  -14.089 -8.935  1.00 9.48  ? 137 PHE A CA  1 
ATOM   1240 C  C   . PHE A 1 137 ? -1.114  -15.243 -9.106  1.00 10.73 ? 137 PHE A C   1 
ATOM   1241 O  O   . PHE A 1 137 ? -0.744  -16.293 -9.638  1.00 10.72 ? 137 PHE A O   1 
ATOM   1242 C  CB  . PHE A 1 137 ? -0.449  -12.995 -9.959  1.00 6.97  ? 137 PHE A CB  1 
ATOM   1243 C  CG  . PHE A 1 137 ? 0.178   -11.664 -9.645  1.00 8.02  ? 137 PHE A CG  1 
ATOM   1244 C  CD1 . PHE A 1 137 ? 1.505   -11.419 -9.948  1.00 9.30  ? 137 PHE A CD1 1 
ATOM   1245 C  CD2 . PHE A 1 137 ? -0.565  -10.661 -9.046  1.00 9.80  ? 137 PHE A CD2 1 
ATOM   1246 C  CE1 . PHE A 1 137 ? 2.084   -10.189 -9.662  1.00 8.54  ? 137 PHE A CE1 1 
ATOM   1247 C  CE2 . PHE A 1 137 ? 0.006   -9.428  -8.754  1.00 9.58  ? 137 PHE A CE2 1 
ATOM   1248 C  CZ  . PHE A 1 137 ? 1.334   -9.192  -9.068  1.00 8.73  ? 137 PHE A CZ  1 
ATOM   1249 N  N   . PRO A 1 138 ? -2.366  -15.060 -8.657  1.00 10.64 ? 138 PRO A N   1 
ATOM   1250 C  CA  . PRO A 1 138 ? -3.361  -16.130 -8.821  1.00 11.28 ? 138 PRO A CA  1 
ATOM   1251 C  C   . PRO A 1 138 ? -3.555  -16.586 -10.274 1.00 13.01 ? 138 PRO A C   1 
ATOM   1252 O  O   . PRO A 1 138 ? -3.865  -17.761 -10.492 1.00 16.58 ? 138 PRO A O   1 
ATOM   1253 C  CB  . PRO A 1 138 ? -4.650  -15.491 -8.286  1.00 14.11 ? 138 PRO A CB  1 
ATOM   1254 C  CG  . PRO A 1 138 ? -4.169  -14.495 -7.273  1.00 11.94 ? 138 PRO A CG  1 
ATOM   1255 C  CD  . PRO A 1 138 ? -2.891  -13.935 -7.861  1.00 11.51 ? 138 PRO A CD  1 
ATOM   1256 N  N   . ASP A 1 139 ? -3.382  -15.687 -11.241 1.00 11.94 ? 139 ASP A N   1 
ATOM   1257 C  CA  . ASP A 1 139 ? -3.547  -16.046 -12.649 1.00 11.96 ? 139 ASP A CA  1 
ATOM   1258 C  C   . ASP A 1 139 ? -2.309  -16.716 -13.243 1.00 15.77 ? 139 ASP A C   1 
ATOM   1259 O  O   . ASP A 1 139 ? -2.285  -17.055 -14.428 1.00 17.99 ? 139 ASP A O   1 
ATOM   1260 C  CB  . ASP A 1 139 ? -3.968  -14.830 -13.485 1.00 13.31 ? 139 ASP A CB  1 
ATOM   1261 C  CG  . ASP A 1 139 ? -2.870  -13.794 -13.626 1.00 18.96 ? 139 ASP A CG  1 
ATOM   1262 O  OD1 . ASP A 1 139 ? -1.765  -13.993 -13.078 1.00 13.89 ? 139 ASP A OD1 1 
ATOM   1263 O  OD2 . ASP A 1 139 ? -3.114  -12.774 -14.303 1.00 22.45 ? 139 ASP A OD2 1 
ATOM   1264 N  N   . GLY A 1 140 ? -1.279  -16.904 -12.423 1.00 12.93 ? 140 GLY A N   1 
ATOM   1265 C  CA  . GLY A 1 140 ? -0.096  -17.628 -12.860 1.00 14.44 ? 140 GLY A CA  1 
ATOM   1266 C  C   . GLY A 1 140 ? 1.062   -16.747 -13.288 1.00 13.60 ? 140 GLY A C   1 
ATOM   1267 O  O   . GLY A 1 140 ? 2.186   -17.228 -13.461 1.00 16.97 ? 140 GLY A O   1 
ATOM   1268 N  N   . GLU A 1 141 ? 0.795   -15.461 -13.479 1.00 12.43 ? 141 GLU A N   1 
ATOM   1269 C  CA  . GLU A 1 141 ? 1.848   -14.519 -13.849 1.00 10.86 ? 141 GLU A CA  1 
ATOM   1270 C  C   . GLU A 1 141 ? 2.853   -14.338 -12.712 1.00 12.64 ? 141 GLU A C   1 
ATOM   1271 O  O   . GLU A 1 141 ? 2.476   -14.237 -11.546 1.00 10.61 ? 141 GLU A O   1 
ATOM   1272 C  CB  . GLU A 1 141 ? 1.260   -13.160 -14.204 1.00 12.76 ? 141 GLU A CB  1 
ATOM   1273 C  CG  . GLU A 1 141 ? 0.706   -13.047 -15.605 1.00 21.00 ? 141 GLU A CG  1 
ATOM   1274 C  CD  . GLU A 1 141 ? 0.675   -11.607 -16.057 1.00 28.17 ? 141 GLU A CD  1 
ATOM   1275 O  OE1 . GLU A 1 141 ? -0.025  -10.799 -15.412 1.00 20.35 ? 141 GLU A OE1 1 
ATOM   1276 O  OE2 . GLU A 1 141 ? 1.370   -11.283 -17.043 1.00 42.07 ? 141 GLU A OE2 1 
ATOM   1277 N  N   . MET A 1 142 ? 4.131   -14.268 -13.058 1.00 10.60 ? 142 MET A N   1 
ATOM   1278 C  CA  . MET A 1 142 ? 5.178   -14.136 -12.061 1.00 10.78 ? 142 MET A CA  1 
ATOM   1279 C  C   . MET A 1 142 ? 5.504   -12.666 -11.849 1.00 8.00  ? 142 MET A C   1 
ATOM   1280 O  O   . MET A 1 142 ? 5.669   -11.923 -12.812 1.00 8.93  ? 142 MET A O   1 
ATOM   1281 C  CB  . MET A 1 142 ? 6.438   -14.870 -12.537 1.00 13.61 ? 142 MET A CB  1 
ATOM   1282 C  CG  . MET A 1 142 ? 6.208   -16.316 -12.951 1.00 13.76 ? 142 MET A CG  1 
ATOM   1283 S  SD  . MET A 1 142 ? 7.580   -16.952 -13.948 1.00 17.54 ? 142 MET A SD  1 
ATOM   1284 C  CE  . MET A 1 142 ? 7.239   -18.712 -13.910 1.00 27.24 ? 142 MET A CE  1 
ATOM   1285 N  N   . LEU A 1 143 ? 5.613   -12.253 -10.588 1.00 8.37  ? 143 LEU A N   1 
ATOM   1286 C  CA  . LEU A 1 143 ? 6.008   -10.881 -10.277 1.00 8.47  ? 143 LEU A CA  1 
ATOM   1287 C  C   . LEU A 1 143 ? 7.302   -10.488 -10.990 1.00 9.12  ? 143 LEU A C   1 
ATOM   1288 O  O   . LEU A 1 143 ? 7.396   -9.402  -11.558 1.00 8.28  ? 143 LEU A O   1 
ATOM   1289 C  CB  . LEU A 1 143 ? 6.142   -10.689 -8.759  1.00 8.71  ? 143 LEU A CB  1 
ATOM   1290 C  CG  . LEU A 1 143 ? 6.580   -9.314  -8.254  1.00 9.05  ? 143 LEU A CG  1 
ATOM   1291 C  CD1 . LEU A 1 143 ? 5.699   -8.200  -8.814  1.00 9.59  ? 143 LEU A CD1 1 
ATOM   1292 C  CD2 . LEU A 1 143 ? 6.561   -9.308  -6.731  1.00 9.39  ? 143 LEU A CD2 1 
ATOM   1293 N  N   . ARG A 1 144 ? 8.295   -11.374 -10.966 1.00 9.36  ? 144 ARG A N   1 
ATOM   1294 C  CA  . ARG A 1 144 ? 9.563   -11.103 -11.643 1.00 10.77 ? 144 ARG A CA  1 
ATOM   1295 C  C   . ARG A 1 144 ? 9.371   -10.821 -13.137 1.00 8.74  ? 144 ARG A C   1 
ATOM   1296 O  O   . ARG A 1 144 ? 10.031  -9.949  -13.692 1.00 10.42 ? 144 ARG A O   1 
ATOM   1297 C  CB  . ARG A 1 144 ? 10.543  -12.266 -11.450 1.00 10.00 ? 144 ARG A CB  1 
ATOM   1298 C  CG  . ARG A 1 144 ? 10.181  -13.533 -12.217 1.00 10.92 ? 144 ARG A CG  1 
ATOM   1299 C  CD  . ARG A 1 144 ? 11.190  -14.662 -12.021 1.00 12.05 ? 144 ARG A CD  1 
ATOM   1300 N  NE  . ARG A 1 144 ? 11.127  -15.259 -10.686 1.00 11.64 ? 144 ARG A NE  1 
ATOM   1301 C  CZ  . ARG A 1 144 ? 10.299  -16.240 -10.335 1.00 14.71 ? 144 ARG A CZ  1 
ATOM   1302 N  NH1 . ARG A 1 144 ? 9.437   -16.741 -11.209 1.00 11.49 ? 144 ARG A NH1 1 
ATOM   1303 N  NH2 . ARG A 1 144 ? 10.327  -16.725 -9.102  1.00 15.24 ? 144 ARG A NH2 1 
ATOM   1304 N  N   . GLN A 1 145 ? 8.466   -11.552 -13.785 1.00 10.01 ? 145 GLN A N   1 
ATOM   1305 C  CA  . GLN A 1 145 ? 8.235   -11.364 -15.219 1.00 11.53 ? 145 GLN A CA  1 
ATOM   1306 C  C   . GLN A 1 145 ? 7.544   -10.030 -15.508 1.00 13.25 ? 145 GLN A C   1 
ATOM   1307 O  O   . GLN A 1 145 ? 7.885   -9.332  -16.463 1.00 12.42 ? 145 GLN A O   1 
ATOM   1308 C  CB  . GLN A 1 145 ? 7.421   -12.530 -15.797 1.00 15.80 ? 145 GLN A CB  1 
ATOM   1309 C  CG  . GLN A 1 145 ? 7.384   -12.573 -17.322 1.00 24.93 ? 145 GLN A CG  1 
ATOM   1310 C  CD  . GLN A 1 145 ? 8.734   -12.901 -17.946 1.00 28.78 ? 145 GLN A CD  1 
ATOM   1311 O  OE1 . GLN A 1 145 ? 9.276   -13.993 -17.757 1.00 28.37 ? 145 GLN A OE1 1 
ATOM   1312 N  NE2 . GLN A 1 145 ? 9.275   -11.957 -18.710 1.00 39.94 ? 145 GLN A NE2 1 
ATOM   1313 N  N   . ILE A 1 146 ? 6.583   -9.666  -14.668 1.00 9.33  ? 146 ILE A N   1 
ATOM   1314 C  CA  . ILE A 1 146 ? 5.894   -8.385  -14.819 1.00 11.92 ? 146 ILE A CA  1 
ATOM   1315 C  C   . ILE A 1 146 ? 6.855   -7.191  -14.739 1.00 11.60 ? 146 ILE A C   1 
ATOM   1316 O  O   . ILE A 1 146 ? 6.835   -6.306  -15.605 1.00 12.54 ? 146 ILE A O   1 
ATOM   1317 C  CB  . ILE A 1 146 ? 4.743   -8.248  -13.795 1.00 13.09 ? 146 ILE A CB  1 
ATOM   1318 C  CG1 . ILE A 1 146 ? 3.660   -9.295  -14.100 1.00 13.59 ? 146 ILE A CG1 1 
ATOM   1319 C  CG2 . ILE A 1 146 ? 4.168   -6.835  -13.808 1.00 12.69 ? 146 ILE A CG2 1 
ATOM   1320 C  CD1 . ILE A 1 146 ? 2.718   -9.605  -12.944 1.00 16.87 ? 146 ILE A CD1 1 
ATOM   1321 N  N   . LEU A 1 147 ? 7.706   -7.165  -13.714 1.00 9.77  ? 147 LEU A N   1 
ATOM   1322 C  CA  . LEU A 1 147 ? 8.672   -6.081  -13.554 1.00 9.34  ? 147 LEU A CA  1 
ATOM   1323 C  C   . LEU A 1 147 ? 9.691   -6.044  -14.686 1.00 12.13 ? 147 LEU A C   1 
ATOM   1324 O  O   . LEU A 1 147 ? 10.090  -4.975  -15.147 1.00 10.81 ? 147 LEU A O   1 
ATOM   1325 C  CB  . LEU A 1 147 ? 9.409   -6.223  -12.222 1.00 8.30  ? 147 LEU A CB  1 
ATOM   1326 C  CG  . LEU A 1 147 ? 8.611   -5.826  -10.986 1.00 8.44  ? 147 LEU A CG  1 
ATOM   1327 C  CD1 . LEU A 1 147 ? 9.320   -6.292  -9.714  1.00 12.89 ? 147 LEU A CD1 1 
ATOM   1328 C  CD2 . LEU A 1 147 ? 8.381   -4.324  -10.984 1.00 11.87 ? 147 LEU A CD2 1 
ATOM   1329 N  N   . HIS A 1 148 ? 10.109  -7.224  -15.121 1.00 10.41 ? 148 HIS A N   1 
ATOM   1330 C  CA  . HIS A 1 148 ? 11.115  -7.344  -16.163 1.00 15.06 ? 148 HIS A CA  1 
ATOM   1331 C  C   . HIS A 1 148 ? 10.561  -6.986  -17.553 1.00 14.01 ? 148 HIS A C   1 
ATOM   1332 O  O   . HIS A 1 148 ? 11.103  -6.110  -18.232 1.00 18.21 ? 148 HIS A O   1 
ATOM   1333 C  CB  . HIS A 1 148 ? 11.697  -8.757  -16.144 1.00 14.83 ? 148 HIS A CB  1 
ATOM   1334 C  CG  . HIS A 1 148 ? 13.043  -8.865  -16.786 1.00 13.60 ? 148 HIS A CG  1 
ATOM   1335 N  ND1 . HIS A 1 148 ? 13.205  -8.983  -18.149 1.00 17.80 ? 148 HIS A ND1 1 
ATOM   1336 C  CD2 . HIS A 1 148 ? 14.287  -8.883  -16.254 1.00 13.61 ? 148 HIS A CD2 1 
ATOM   1337 C  CE1 . HIS A 1 148 ? 14.492  -9.065  -18.431 1.00 19.24 ? 148 HIS A CE1 1 
ATOM   1338 N  NE2 . HIS A 1 148 ? 15.170  -9.008  -17.299 1.00 17.40 ? 148 HIS A NE2 1 
ATOM   1339 N  N   . THR A 1 149 ? 9.484   -7.658  -17.970 1.00 12.10 ? 149 THR A N   1 
ATOM   1340 C  CA  . THR A 1 149 ? 8.872   -7.403  -19.275 1.00 18.67 ? 149 THR A CA  1 
ATOM   1341 C  C   . THR A 1 149 ? 8.365   -5.975  -19.423 1.00 17.72 ? 149 THR A C   1 
ATOM   1342 O  O   . THR A 1 149 ? 8.538   -5.353  -20.478 1.00 17.97 ? 149 THR A O   1 
ATOM   1343 C  CB  . THR A 1 149 ? 7.695   -8.355  -19.545 1.00 21.26 ? 149 THR A CB  1 
ATOM   1344 O  OG1 . THR A 1 149 ? 8.160   -9.708  -19.519 1.00 28.74 ? 149 THR A OG1 1 
ATOM   1345 C  CG2 . THR A 1 149 ? 7.079   -8.068  -20.909 1.00 26.09 ? 149 THR A CG2 1 
ATOM   1346 N  N   . ARG A 1 150 ? 7.720   -5.461  -18.382 1.00 14.13 ? 150 ARG A N   1 
ATOM   1347 C  CA  . ARG A 1 150 ? 7.104   -4.143  -18.451 1.00 12.85 ? 150 ARG A CA  1 
ATOM   1348 C  C   . ARG A 1 150 ? 8.122   -3.029  -18.211 1.00 15.49 ? 150 ARG A C   1 
ATOM   1349 O  O   . ARG A 1 150 ? 7.822   -1.849  -18.394 1.00 13.23 ? 150 ARG A O   1 
ATOM   1350 C  CB  . ARG A 1 150 ? 5.917   -4.052  -17.492 1.00 16.00 ? 150 ARG A CB  1 
ATOM   1351 C  CG  . ARG A 1 150 ? 4.860   -5.116  -17.783 1.00 16.27 ? 150 ARG A CG  1 
ATOM   1352 C  CD  . ARG A 1 150 ? 3.557   -4.849  -17.053 1.00 17.79 ? 150 ARG A CD  1 
ATOM   1353 N  NE  . ARG A 1 150 ? 2.615   -5.957  -17.212 1.00 18.90 ? 150 ARG A NE  1 
ATOM   1354 C  CZ  . ARG A 1 150 ? 1.319   -5.886  -16.922 1.00 15.10 ? 150 ARG A CZ  1 
ATOM   1355 N  NH1 . ARG A 1 150 ? 0.798   -4.756  -16.470 1.00 18.28 ? 150 ARG A NH1 1 
ATOM   1356 N  NH2 . ARG A 1 150 ? 0.543   -6.946  -17.103 1.00 23.92 ? 150 ARG A NH2 1 
ATOM   1357 N  N   . ALA A 1 151 ? 9.326   -3.426  -17.801 1.00 14.34 ? 151 ALA A N   1 
ATOM   1358 C  CA  . ALA A 1 151 ? 10.477  -2.527  -17.744 1.00 14.64 ? 151 ALA A CA  1 
ATOM   1359 C  C   . ALA A 1 151 ? 10.256  -1.296  -16.866 1.00 14.85 ? 151 ALA A C   1 
ATOM   1360 O  O   . ALA A 1 151 ? 10.598  -0.173  -17.254 1.00 13.58 ? 151 ALA A O   1 
ATOM   1361 C  CB  . ALA A 1 151 ? 10.890  -2.116  -19.148 1.00 14.84 ? 151 ALA A CB  1 
ATOM   1362 N  N   . PHE A 1 152 ? 9.701   -1.510  -15.674 1.00 14.04 ? 152 PHE A N   1 
ATOM   1363 C  CA  . PHE A 1 152 ? 9.499   -0.428  -14.716 1.00 16.26 ? 152 PHE A CA  1 
ATOM   1364 C  C   . PHE A 1 152 ? 10.817  0.194   -14.283 1.00 19.70 ? 152 PHE A C   1 
ATOM   1365 O  O   . PHE A 1 152 ? 11.822  -0.504  -14.137 1.00 21.05 ? 152 PHE A O   1 
ATOM   1366 C  CB  . PHE A 1 152 ? 8.792   -0.949  -13.462 1.00 21.34 ? 152 PHE A CB  1 
ATOM   1367 C  CG  . PHE A 1 152 ? 7.352   -1.296  -13.674 1.00 21.31 ? 152 PHE A CG  1 
ATOM   1368 C  CD1 . PHE A 1 152 ? 6.372   -0.336  -13.534 1.00 24.24 ? 152 PHE A CD1 1 
ATOM   1369 C  CD2 . PHE A 1 152 ? 6.979   -2.586  -14.003 1.00 19.28 ? 152 PHE A CD2 1 
ATOM   1370 C  CE1 . PHE A 1 152 ? 5.042   -0.652  -13.726 1.00 28.15 ? 152 PHE A CE1 1 
ATOM   1371 C  CE2 . PHE A 1 152 ? 5.652   -2.906  -14.195 1.00 19.70 ? 152 PHE A CE2 1 
ATOM   1372 C  CZ  . PHE A 1 152 ? 4.684   -1.939  -14.058 1.00 15.60 ? 152 PHE A CZ  1 
ATOM   1373 N  N   . ASP A 1 153 ? 10.800  1.508   -14.077 1.00 16.36 ? 153 ASP A N   1 
ATOM   1374 C  CA  . ASP A 1 153 ? 11.885  2.194   -13.391 1.00 17.74 ? 153 ASP A CA  1 
ATOM   1375 C  C   . ASP A 1 153 ? 11.829  1.802   -11.923 1.00 15.76 ? 153 ASP A C   1 
ATOM   1376 O  O   . ASP A 1 153 ? 10.753  1.634   -11.366 1.00 17.86 ? 153 ASP A O   1 
ATOM   1377 C  CB  . ASP A 1 153 ? 11.710  3.709   -13.487 1.00 20.01 ? 153 ASP A CB  1 
ATOM   1378 C  CG  . ASP A 1 153 ? 11.868  4.235   -14.897 1.00 23.90 ? 153 ASP A CG  1 
ATOM   1379 O  OD1 . ASP A 1 153 ? 12.695  3.683   -15.654 1.00 26.92 ? 153 ASP A OD1 1 
ATOM   1380 O  OD2 . ASP A 1 153 ? 11.175  5.219   -15.236 1.00 28.44 ? 153 ASP A OD2 1 
ATOM   1381 N  N   . LYS A 1 154 ? 12.987  1.674   -11.293 1.00 15.87 ? 154 LYS A N   1 
ATOM   1382 C  CA  . LYS A 1 154 ? 13.037  1.428   -9.859  1.00 17.03 ? 154 LYS A CA  1 
ATOM   1383 C  C   . LYS A 1 154 ? 12.644  2.671   -9.082  1.00 15.22 ? 154 LYS A C   1 
ATOM   1384 O  O   . LYS A 1 154 ? 12.629  3.775   -9.631  1.00 18.78 ? 154 LYS A O   1 
ATOM   1385 C  CB  . LYS A 1 154 ? 14.440  1.005   -9.444  1.00 16.38 ? 154 LYS A CB  1 
ATOM   1386 C  CG  . LYS A 1 154 ? 14.788  -0.388  -9.878  1.00 17.28 ? 154 LYS A CG  1 
ATOM   1387 C  CD  . LYS A 1 154 ? 16.192  -0.729  -9.463  1.00 19.33 ? 154 LYS A CD  1 
ATOM   1388 C  CE  A LYS A 1 154 ? 16.466  -2.197  -9.710  0.77 17.18 ? 154 LYS A CE  1 
ATOM   1389 C  CE  B LYS A 1 154 ? 16.502  -2.174  -9.784  0.23 17.19 ? 154 LYS A CE  1 
ATOM   1390 N  NZ  A LYS A 1 154 ? 17.865  -2.560  -9.367  0.77 17.03 ? 154 LYS A NZ  1 
ATOM   1391 N  NZ  B LYS A 1 154 ? 16.082  -2.508  -11.171 0.23 18.30 ? 154 LYS A NZ  1 
ATOM   1392 N  N   A LEU A 1 155 ? 12.335  2.487   -7.800  0.57 15.69 ? 155 LEU A N   1 
ATOM   1393 N  N   B LEU A 1 155 ? 12.310  2.486   -7.809  0.43 15.68 ? 155 LEU A N   1 
ATOM   1394 C  CA  A LEU A 1 155 ? 11.963  3.593   -6.923  0.57 14.06 ? 155 LEU A CA  1 
ATOM   1395 C  CA  B LEU A 1 155 ? 11.988  3.606   -6.938  0.43 14.12 ? 155 LEU A CA  1 
ATOM   1396 C  C   A LEU A 1 155 ? 13.128  3.990   -6.027  0.57 15.80 ? 155 LEU A C   1 
ATOM   1397 C  C   B LEU A 1 155 ? 13.208  4.022   -6.137  0.43 15.64 ? 155 LEU A C   1 
ATOM   1398 O  O   A LEU A 1 155 ? 13.910  3.138   -5.608  0.57 17.86 ? 155 LEU A O   1 
ATOM   1399 O  O   B LEU A 1 155 ? 14.115  3.225   -5.909  0.43 19.57 ? 155 LEU A O   1 
ATOM   1400 C  CB  A LEU A 1 155 ? 10.790  3.189   -6.033  0.57 18.05 ? 155 LEU A CB  1 
ATOM   1401 C  CB  B LEU A 1 155 ? 10.859  3.235   -5.977  0.43 17.94 ? 155 LEU A CB  1 
ATOM   1402 C  CG  A LEU A 1 155 ? 9.750   2.239   -6.619  0.57 14.30 ? 155 LEU A CG  1 
ATOM   1403 C  CG  B LEU A 1 155 ? 9.514   2.873   -6.604  0.43 19.74 ? 155 LEU A CG  1 
ATOM   1404 C  CD1 A LEU A 1 155 ? 8.778   1.831   -5.533  0.57 14.26 ? 155 LEU A CD1 1 
ATOM   1405 C  CD1 B LEU A 1 155 ? 8.464   2.678   -5.524  0.43 13.91 ? 155 LEU A CD1 1 
ATOM   1406 C  CD2 A LEU A 1 155 ? 9.015   2.896   -7.783  0.57 12.60 ? 155 LEU A CD2 1 
ATOM   1407 C  CD2 B LEU A 1 155 ? 9.088   3.947   -7.584  0.43 18.49 ? 155 LEU A CD2 1 
ATOM   1408 N  N   . ASN A 1 156 ? 13.225  5.278   -5.709  1.00 15.28 ? 156 ASN A N   1 
ATOM   1409 C  CA  . ASN A 1 156 ? 14.233  5.736   -4.762  1.00 16.97 ? 156 ASN A CA  1 
ATOM   1410 C  C   . ASN A 1 156 ? 13.757  5.410   -3.350  1.00 13.16 ? 156 ASN A C   1 
ATOM   1411 O  O   . ASN A 1 156 ? 12.560  5.439   -3.079  1.00 14.63 ? 156 ASN A O   1 
ATOM   1412 C  CB  . ASN A 1 156 ? 14.465  7.242   -4.898  1.00 21.03 ? 156 ASN A CB  1 
ATOM   1413 C  CG  . ASN A 1 156 ? 15.034  7.624   -6.251  1.00 25.30 ? 156 ASN A CG  1 
ATOM   1414 O  OD1 . ASN A 1 156 ? 14.528  8.528   -6.915  1.00 36.74 ? 156 ASN A OD1 1 
ATOM   1415 N  ND2 . ASN A 1 156 ? 16.082  6.927   -6.671  1.00 28.57 ? 156 ASN A ND2 1 
ATOM   1416 N  N   . LYS A 1 157 ? 14.689  5.086   -2.463  1.00 14.67 ? 157 LYS A N   1 
ATOM   1417 C  CA  . LYS A 1 157 ? 14.374  4.879   -1.058  1.00 13.37 ? 157 LYS A CA  1 
ATOM   1418 C  C   . LYS A 1 157 ? 13.956  6.200   -0.426  1.00 15.21 ? 157 LYS A C   1 
ATOM   1419 O  O   . LYS A 1 157 ? 14.410  7.265   -0.843  1.00 17.58 ? 157 LYS A O   1 
ATOM   1420 C  CB  . LYS A 1 157 ? 15.589  4.333   -0.309  1.00 20.27 ? 157 LYS A CB  1 
ATOM   1421 C  CG  . LYS A 1 157 ? 16.053  2.966   -0.770  1.00 23.82 ? 157 LYS A CG  1 
ATOM   1422 C  CD  A LYS A 1 157 ? 14.981  1.918   -0.552  0.49 21.58 ? 157 LYS A CD  1 
ATOM   1423 C  CD  B LYS A 1 157 ? 15.138  1.869   -0.269  0.51 21.81 ? 157 LYS A CD  1 
ATOM   1424 C  CE  A LYS A 1 157 ? 15.517  0.518   -0.811  0.49 26.81 ? 157 LYS A CE  1 
ATOM   1425 C  CE  B LYS A 1 157 ? 15.555  0.517   -0.826  0.51 26.81 ? 157 LYS A CE  1 
ATOM   1426 N  NZ  A LYS A 1 157 ? 16.547  0.120   0.189   0.49 20.04 ? 157 LYS A NZ  1 
ATOM   1427 N  NZ  B LYS A 1 157 ? 16.996  0.234   -0.577  0.51 21.25 ? 157 LYS A NZ  1 
ATOM   1428 N  N   . TRP A 1 158 ? 13.089  6.125   0.582   1.00 12.17 ? 158 TRP A N   1 
ATOM   1429 C  CA  . TRP A 1 158 ? 12.686  7.308   1.330   1.00 12.67 ? 158 TRP A CA  1 
ATOM   1430 C  C   . TRP A 1 158 ? 13.892  7.973   1.975   1.00 20.09 ? 158 TRP A C   1 
ATOM   1431 O  O   . TRP A 1 158 ? 14.019  9.197   1.952   1.00 21.10 ? 158 TRP A O   1 
ATOM   1432 C  CB  . TRP A 1 158 ? 11.681  6.948   2.420   1.00 11.83 ? 158 TRP A CB  1 
ATOM   1433 C  CG  . TRP A 1 158 ? 11.201  8.156   3.158   1.00 13.59 ? 158 TRP A CG  1 
ATOM   1434 C  CD1 . TRP A 1 158 ? 11.623  8.600   4.381   1.00 16.32 ? 158 TRP A CD1 1 
ATOM   1435 C  CD2 . TRP A 1 158 ? 10.223  9.095   2.705   1.00 12.00 ? 158 TRP A CD2 1 
ATOM   1436 N  NE1 . TRP A 1 158 ? 10.962  9.760   4.716   1.00 16.35 ? 158 TRP A NE1 1 
ATOM   1437 C  CE2 . TRP A 1 158 ? 10.096  10.084  3.704   1.00 13.58 ? 158 TRP A CE2 1 
ATOM   1438 C  CE3 . TRP A 1 158 ? 9.438   9.196   1.549   1.00 11.21 ? 158 TRP A CE3 1 
ATOM   1439 C  CZ2 . TRP A 1 158 ? 9.218   11.157  3.582   1.00 15.19 ? 158 TRP A CZ2 1 
ATOM   1440 C  CZ3 . TRP A 1 158 ? 8.561   10.258  1.432   1.00 12.92 ? 158 TRP A CZ3 1 
ATOM   1441 C  CH2 . TRP A 1 158 ? 8.458   11.226  2.447   1.00 12.16 ? 158 TRP A CH2 1 
ATOM   1442 O  OXT . TRP A 1 158 ? 14.750  7.294   2.535   1.00 20.22 ? 158 TRP A OXT 1 
HETATM 1443 CL CL  . CL  B 2 .   ? -3.954  -12.256 -10.877 1.00 18.61 ? 191 CL  A CL  1 
HETATM 1444 C  C   . TRS C 3 .   ? 9.461   13.519  15.613  1.00 18.41 ? 192 TRS A C   1 
HETATM 1445 C  C1  . TRS C 3 .   ? 10.143  12.167  15.799  1.00 27.14 ? 192 TRS A C1  1 
HETATM 1446 C  C2  . TRS C 3 .   ? 10.388  14.651  16.053  1.00 19.61 ? 192 TRS A C2  1 
HETATM 1447 C  C3  . TRS C 3 .   ? 8.999   13.738  14.170  1.00 18.73 ? 192 TRS A C3  1 
HETATM 1448 N  N   . TRS C 3 .   ? 8.272   13.492  16.473  1.00 19.76 ? 192 TRS A N   1 
HETATM 1449 O  O1  . TRS C 3 .   ? 9.389   11.150  15.181  1.00 23.93 ? 192 TRS A O1  1 
HETATM 1450 O  O2  . TRS C 3 .   ? 10.600  14.619  17.453  1.00 17.67 ? 192 TRS A O2  1 
HETATM 1451 O  O3  . TRS C 3 .   ? 7.848   14.558  14.101  1.00 16.44 ? 192 TRS A O3  1 
HETATM 1452 C  C   A ACT D 4 .   ? -1.251  8.991   7.494   0.35 14.38 ? 193 ACT A C   1 
HETATM 1453 O  O   A ACT D 4 .   ? -2.346  9.609   7.474   0.35 13.64 ? 193 ACT A O   1 
HETATM 1454 O  OXT A ACT D 4 .   ? -0.511  9.071   6.539   0.35 9.33  ? 193 ACT A OXT 1 
HETATM 1455 C  CH3 A ACT D 4 .   ? -0.823  8.184   8.678   0.35 20.91 ? 193 ACT A CH3 1 
HETATM 1456 O  O   . HOH E 5 .   ? 8.298   -13.610 -9.127  1.00 10.40 ? 201 HOH A O   1 
HETATM 1457 O  O   . HOH E 5 .   ? -4.622  -12.725 -3.906  1.00 9.07  ? 202 HOH A O   1 
HETATM 1458 O  O   . HOH E 5 .   ? -12.553 4.355   16.790  1.00 10.84 ? 203 HOH A O   1 
HETATM 1459 O  O   . HOH E 5 .   ? -4.165  12.600  8.393   1.00 13.43 ? 204 HOH A O   1 
HETATM 1460 O  O   . HOH E 5 .   ? -7.461  -4.511  -3.378  1.00 12.77 ? 205 HOH A O   1 
HETATM 1461 O  O   . HOH E 5 .   ? 9.377   -14.812 -2.356  1.00 15.47 ? 206 HOH A O   1 
HETATM 1462 O  O   . HOH E 5 .   ? -6.823  7.430   5.660   1.00 14.38 ? 207 HOH A O   1 
HETATM 1463 O  O   . HOH E 5 .   ? -2.721  -17.703 10.082  1.00 16.88 ? 208 HOH A O   1 
HETATM 1464 O  O   . HOH E 5 .   ? 12.313  -13.809 -8.560  1.00 12.88 ? 209 HOH A O   1 
HETATM 1465 O  O   . HOH E 5 .   ? -10.155 0.327   17.464  1.00 15.43 ? 210 HOH A O   1 
HETATM 1466 O  O   . HOH E 5 .   ? -1.982  1.734   -0.507  1.00 15.64 ? 211 HOH A O   1 
HETATM 1467 O  O   . HOH E 5 .   ? 4.673   14.736  15.250  1.00 15.53 ? 212 HOH A O   1 
HETATM 1468 O  O   . HOH E 5 .   ? -5.274  -2.392  14.882  1.00 14.11 ? 213 HOH A O   1 
HETATM 1469 O  O   . HOH E 5 .   ? 2.865   -8.226  14.272  1.00 15.34 ? 214 HOH A O   1 
HETATM 1470 O  O   . HOH E 5 .   ? 2.079   2.539   -1.683  1.00 15.70 ? 215 HOH A O   1 
HETATM 1471 O  O   . HOH E 5 .   ? 3.315   0.246   -2.113  1.00 18.45 ? 216 HOH A O   1 
HETATM 1472 O  O   . HOH E 5 .   ? -3.282  -4.905  -12.287 1.00 16.37 ? 217 HOH A O   1 
HETATM 1473 O  O   . HOH E 5 .   ? -0.271  -20.882 -14.928 1.00 36.40 ? 218 HOH A O   1 
HETATM 1474 O  O   . HOH E 5 .   ? -4.956  -18.803 -0.584  1.00 20.40 ? 219 HOH A O   1 
HETATM 1475 O  O   . HOH E 5 .   ? -5.788  5.915   -2.353  1.00 32.75 ? 220 HOH A O   1 
HETATM 1476 O  O   . HOH E 5 .   ? -14.113 9.581   6.385   1.00 17.94 ? 221 HOH A O   1 
HETATM 1477 O  O   . HOH E 5 .   ? -2.591  -15.826 12.005  1.00 17.31 ? 222 HOH A O   1 
HETATM 1478 O  O   . HOH E 5 .   ? -9.870  -9.971  -9.030  1.00 17.37 ? 223 HOH A O   1 
HETATM 1479 O  O   . HOH E 5 .   ? -0.815  -17.699 1.835   1.00 21.69 ? 224 HOH A O   1 
HETATM 1480 O  O   . HOH E 5 .   ? -7.546  6.814   -0.479  1.00 26.48 ? 225 HOH A O   1 
HETATM 1481 O  O   . HOH E 5 .   ? 13.534  -4.901  -18.644 1.00 18.55 ? 226 HOH A O   1 
HETATM 1482 O  O   . HOH E 5 .   ? 12.492  -4.133  -4.852  1.00 15.93 ? 227 HOH A O   1 
HETATM 1483 O  O   . HOH E 5 .   ? -11.816 12.483  7.246   1.00 20.46 ? 228 HOH A O   1 
HETATM 1484 O  O   . HOH E 5 .   ? -5.713  2.399   14.130  1.00 13.37 ? 229 HOH A O   1 
HETATM 1485 O  O   . HOH E 5 .   ? 14.712  -9.015  -1.625  1.00 15.49 ? 230 HOH A O   1 
HETATM 1486 O  O   . HOH E 5 .   ? -2.103  6.024   -8.434  1.00 38.61 ? 231 HOH A O   1 
HETATM 1487 O  O   . HOH E 5 .   ? 14.461  -16.243 -8.428  1.00 18.42 ? 232 HOH A O   1 
HETATM 1488 O  O   . HOH E 5 .   ? 20.282  -0.965  -10.291 1.00 18.43 ? 233 HOH A O   1 
HETATM 1489 O  O   . HOH E 5 .   ? -7.579  -18.524 -6.927  1.00 21.09 ? 234 HOH A O   1 
HETATM 1490 O  O   . HOH E 5 .   ? -0.523  -15.352 13.441  1.00 20.61 ? 235 HOH A O   1 
HETATM 1491 O  O   . HOH E 5 .   ? 3.862   -2.366  -2.238  1.00 16.34 ? 236 HOH A O   1 
HETATM 1492 O  O   . HOH E 5 .   ? -18.289 -7.696  4.247   1.00 20.11 ? 237 HOH A O   1 
HETATM 1493 O  O   . HOH E 5 .   ? 15.333  2.215   -12.808 1.00 20.58 ? 238 HOH A O   1 
HETATM 1494 O  O   . HOH E 5 .   ? -8.169  -8.088  -9.871  1.00 18.87 ? 239 HOH A O   1 
HETATM 1495 O  O   . HOH E 5 .   ? 13.473  1.803   4.963   1.00 18.67 ? 240 HOH A O   1 
HETATM 1496 O  O   . HOH E 5 .   ? 3.337   -17.450 7.477   1.00 19.48 ? 241 HOH A O   1 
HETATM 1497 O  O   . HOH E 5 .   ? 8.335   2.984   -14.392 1.00 23.24 ? 242 HOH A O   1 
HETATM 1498 O  O   . HOH E 5 .   ? 0.126   -18.750 5.267   1.00 25.16 ? 243 HOH A O   1 
HETATM 1499 O  O   . HOH E 5 .   ? 4.446   2.744   -12.343 1.00 22.34 ? 244 HOH A O   1 
HETATM 1500 O  O   . HOH E 5 .   ? 12.743  -0.127  -6.667  1.00 19.50 ? 245 HOH A O   1 
HETATM 1501 O  O   . HOH E 5 .   ? -4.016  -7.113  -10.668 1.00 17.26 ? 246 HOH A O   1 
HETATM 1502 O  O   . HOH E 5 .   ? -5.771  -11.862 -14.235 1.00 29.18 ? 247 HOH A O   1 
HETATM 1503 O  O   . HOH E 5 .   ? -9.365  -17.451 3.716   1.00 28.47 ? 248 HOH A O   1 
HETATM 1504 O  O   . HOH E 5 .   ? -3.873  1.754   -15.217 1.00 35.84 ? 249 HOH A O   1 
HETATM 1505 O  O   . HOH E 5 .   ? 3.394   -15.466 -0.377  1.00 26.02 ? 250 HOH A O   1 
HETATM 1506 O  O   . HOH E 5 .   ? -10.006 -17.726 -5.218  1.00 19.68 ? 251 HOH A O   1 
HETATM 1507 O  O   . HOH E 5 .   ? 14.124  3.676   3.174   1.00 21.97 ? 252 HOH A O   1 
HETATM 1508 O  O   . HOH E 5 .   ? 7.465   15.306  0.650   1.00 21.76 ? 253 HOH A O   1 
HETATM 1509 O  O   . HOH E 5 .   ? -14.513 -13.532 -8.903  1.00 19.18 ? 254 HOH A O   1 
HETATM 1510 O  O   . HOH E 5 .   ? -20.871 -8.329  -3.961  1.00 25.09 ? 255 HOH A O   1 
HETATM 1511 O  O   . HOH E 5 .   ? 5.168   -9.727  13.924  1.00 24.64 ? 256 HOH A O   1 
HETATM 1512 O  O   . HOH E 5 .   ? -15.551 -13.123 -5.546  1.00 22.97 ? 257 HOH A O   1 
HETATM 1513 O  O   . HOH E 5 .   ? 5.802   13.578  1.821   1.00 18.68 ? 258 HOH A O   1 
HETATM 1514 O  O   . HOH E 5 .   ? 4.850   -14.655 -15.923 1.00 24.35 ? 259 HOH A O   1 
HETATM 1515 O  O   . HOH E 5 .   ? -1.134  2.922   15.931  1.00 23.83 ? 260 HOH A O   1 
HETATM 1516 O  O   . HOH E 5 .   ? 11.659  11.510  7.060   1.00 21.40 ? 261 HOH A O   1 
HETATM 1517 O  O   . HOH E 5 .   ? -7.721  1.767   0.391   1.00 27.47 ? 262 HOH A O   1 
HETATM 1518 O  O   . HOH E 5 .   ? -0.821  -15.844 -5.672  1.00 24.28 ? 263 HOH A O   1 
HETATM 1519 O  O   . HOH E 5 .   ? -11.510 -9.473  13.893  1.00 25.09 ? 264 HOH A O   1 
HETATM 1520 O  O   . HOH E 5 .   ? 14.749  -15.065 -3.985  1.00 20.48 ? 265 HOH A O   1 
HETATM 1521 O  O   . HOH E 5 .   ? 0.658   -9.389  15.965  1.00 24.35 ? 266 HOH A O   1 
HETATM 1522 O  O   . HOH E 5 .   ? -4.258  -19.909 6.721   1.00 29.18 ? 267 HOH A O   1 
HETATM 1523 O  O   . HOH E 5 .   ? -6.350  2.137   -5.269  1.00 28.48 ? 268 HOH A O   1 
HETATM 1524 O  O   . HOH E 5 .   ? -7.396  -16.639 6.267   1.00 26.67 ? 269 HOH A O   1 
HETATM 1525 O  O   . HOH E 5 .   ? -1.859  -9.137  15.764  1.00 20.41 ? 270 HOH A O   1 
HETATM 1526 O  O   . HOH E 5 .   ? 14.196  -2.579  -3.918  1.00 26.41 ? 271 HOH A O   1 
HETATM 1527 O  O   . HOH E 5 .   ? -2.089  -5.709  -16.732 1.00 28.32 ? 272 HOH A O   1 
HETATM 1528 O  O   . HOH E 5 .   ? 11.070  6.968   -6.770  1.00 21.38 ? 273 HOH A O   1 
HETATM 1529 O  O   . HOH E 5 .   ? -9.676  0.800   2.046   1.00 26.51 ? 274 HOH A O   1 
HETATM 1530 O  O   . HOH E 5 .   ? 5.541   1.215   14.504  1.00 30.80 ? 275 HOH A O   1 
HETATM 1531 O  O   . HOH E 5 .   ? -7.903  1.941   -2.241  1.00 23.71 ? 276 HOH A O   1 
HETATM 1532 O  O   . HOH E 5 .   ? 17.517  4.715   -3.226  1.00 24.23 ? 277 HOH A O   1 
HETATM 1533 O  O   . HOH E 5 .   ? 11.354  -9.816  -20.186 1.00 25.87 ? 278 HOH A O   1 
HETATM 1534 O  O   . HOH E 5 .   ? -6.241  -18.383 1.709   1.00 26.60 ? 279 HOH A O   1 
HETATM 1535 O  O   . HOH E 5 .   ? -13.485 -7.756  11.265  1.00 29.10 ? 280 HOH A O   1 
HETATM 1536 O  O   . HOH E 5 .   ? 10.264  2.178   10.899  1.00 24.90 ? 281 HOH A O   1 
HETATM 1537 O  O   . HOH E 5 .   ? 7.629   16.655  -3.723  1.00 26.69 ? 282 HOH A O   1 
HETATM 1538 O  O   . HOH E 5 .   ? -12.142 -16.613 1.583   1.00 27.62 ? 283 HOH A O   1 
HETATM 1539 O  O   . HOH E 5 .   ? 1.585   6.500   -4.573  1.00 28.49 ? 284 HOH A O   1 
HETATM 1540 O  O   . HOH E 5 .   ? -6.776  -18.694 -9.638  1.00 24.79 ? 285 HOH A O   1 
HETATM 1541 O  O   . HOH E 5 .   ? 8.093   2.538   -11.178 1.00 21.37 ? 286 HOH A O   1 
HETATM 1542 O  O   . HOH E 5 .   ? -2.010  -13.685 -4.626  1.00 26.72 ? 287 HOH A O   1 
HETATM 1543 O  O   . HOH E 5 .   ? -4.354  -19.786 13.640  1.00 39.87 ? 288 HOH A O   1 
HETATM 1544 O  O   . HOH E 5 .   ? -24.577 -3.959  -0.585  1.00 30.59 ? 289 HOH A O   1 
HETATM 1545 O  O   . HOH E 5 .   ? -9.004  4.823   0.873   1.00 28.84 ? 290 HOH A O   1 
HETATM 1546 O  O   . HOH E 5 .   ? 1.151   14.773  -2.859  1.00 30.79 ? 291 HOH A O   1 
HETATM 1547 O  O   . HOH E 5 .   ? -5.307  -12.342 18.217  1.00 27.94 ? 292 HOH A O   1 
HETATM 1548 O  O   . HOH E 5 .   ? -20.993 -2.065  -0.489  1.00 24.92 ? 293 HOH A O   1 
HETATM 1549 O  O   . HOH E 5 .   ? -5.174  0.185   16.030  1.00 15.35 ? 294 HOH A O   1 
HETATM 1550 O  O   . HOH E 5 .   ? 0.149   -17.929 12.853  1.00 18.20 ? 295 HOH A O   1 
HETATM 1551 O  O   . HOH E 5 .   ? 14.519  -5.926  -4.692  1.00 18.63 ? 296 HOH A O   1 
HETATM 1552 O  O   . HOH E 5 .   ? 5.256   -17.202 5.556   1.00 24.84 ? 297 HOH A O   1 
HETATM 1553 O  O   . HOH E 5 .   ? -13.446 -10.305 12.362  1.00 28.15 ? 298 HOH A O   1 
HETATM 1554 O  O   . HOH E 5 .   ? -0.120  17.190  4.146   1.00 21.41 ? 299 HOH A O   1 
HETATM 1555 O  O   . HOH E 5 .   ? 8.223   -18.642 -7.801  1.00 17.82 ? 300 HOH A O   1 
HETATM 1556 O  O   . HOH E 5 .   ? -8.851  -11.622 -11.196 1.00 21.95 ? 301 HOH A O   1 
HETATM 1557 O  O   . HOH E 5 .   ? 10.983  -5.942  -21.905 1.00 27.54 ? 302 HOH A O   1 
HETATM 1558 O  O   . HOH E 5 .   ? 9.554   14.497  -6.398  1.00 38.10 ? 303 HOH A O   1 
HETATM 1559 O  O   . HOH E 5 .   ? -9.476  -19.500 -3.256  1.00 26.56 ? 304 HOH A O   1 
HETATM 1560 O  O   . HOH E 5 .   ? -0.593  2.988   -2.272  1.00 21.63 ? 305 HOH A O   1 
HETATM 1561 O  O   . HOH E 5 .   ? -0.699  -15.032 16.006  1.00 31.31 ? 306 HOH A O   1 
HETATM 1562 O  O   . HOH E 5 .   ? -10.069 16.951  -8.459  1.00 26.06 ? 307 HOH A O   1 
HETATM 1563 O  O   . HOH E 5 .   ? -2.713  8.133   0.278   1.00 25.46 ? 308 HOH A O   1 
HETATM 1564 O  O   . HOH E 5 .   ? -7.371  0.130   18.092  1.00 28.48 ? 309 HOH A O   1 
HETATM 1565 O  O   . HOH E 5 .   ? -1.149  -8.199  13.402  1.00 24.98 ? 310 HOH A O   1 
HETATM 1566 O  O   . HOH E 5 .   ? 4.694   -15.535 -2.665  1.00 29.76 ? 311 HOH A O   1 
HETATM 1567 O  O   . HOH E 5 .   ? -8.117  -1.542  2.378   1.00 26.00 ? 312 HOH A O   1 
HETATM 1568 O  O   . HOH E 5 .   ? -11.011 1.387   19.859  1.00 21.51 ? 313 HOH A O   1 
HETATM 1569 O  O   . HOH E 5 .   ? -10.769 14.356  -8.421  1.00 24.80 ? 314 HOH A O   1 
HETATM 1570 O  O   . HOH E 5 .   ? 15.313  3.655   -14.829 1.00 27.92 ? 315 HOH A O   1 
HETATM 1571 O  O   . HOH E 5 .   ? -14.493 -11.388 0.577   1.00 26.44 ? 316 HOH A O   1 
HETATM 1572 O  O   . HOH E 5 .   ? 5.959   -13.582 2.260   1.00 28.31 ? 317 HOH A O   1 
HETATM 1573 O  O   . HOH E 5 .   ? -0.018  -13.935 -3.058  1.00 32.32 ? 318 HOH A O   1 
HETATM 1574 O  O   . HOH E 5 .   ? 12.144  -19.453 -7.150  1.00 32.54 ? 319 HOH A O   1 
HETATM 1575 O  O   . HOH E 5 .   ? -9.913  12.193  0.679   1.00 30.84 ? 320 HOH A O   1 
HETATM 1576 O  O   . HOH E 5 .   ? 7.755   -19.323 -10.343 1.00 20.92 ? 321 HOH A O   1 
HETATM 1577 O  O   . HOH E 5 .   ? -7.795  19.104  4.583   1.00 33.19 ? 322 HOH A O   1 
HETATM 1578 O  O   . HOH E 5 .   ? 0.959   -16.662 -3.761  1.00 26.05 ? 323 HOH A O   1 
HETATM 1579 O  O   . HOH E 5 .   ? 0.787   8.137   -6.223  1.00 36.26 ? 324 HOH A O   1 
HETATM 1580 O  O   . HOH E 5 .   ? 15.546  1.408   -4.353  1.00 28.06 ? 325 HOH A O   1 
HETATM 1581 O  O   . HOH E 5 .   ? -7.774  -5.307  -13.296 1.00 34.02 ? 326 HOH A O   1 
HETATM 1582 O  O   . HOH E 5 .   ? 10.826  -7.050  7.875   1.00 25.11 ? 327 HOH A O   1 
HETATM 1583 O  O   . HOH E 5 .   ? -0.431  -16.941 -16.612 1.00 36.24 ? 328 HOH A O   1 
HETATM 1584 O  O   . HOH E 5 .   ? -12.572 -7.526  15.566  1.00 28.55 ? 329 HOH A O   1 
HETATM 1585 O  O   . HOH E 5 .   ? -8.057  20.354  1.454   1.00 38.97 ? 330 HOH A O   1 
HETATM 1586 O  O   . HOH E 5 .   ? 16.693  -2.981  -0.264  1.00 33.72 ? 331 HOH A O   1 
HETATM 1587 O  O   . HOH E 5 .   ? -12.115 0.435   1.553   1.00 27.94 ? 332 HOH A O   1 
HETATM 1588 O  O   . HOH E 5 .   ? -7.397  3.176   -7.646  1.00 37.28 ? 333 HOH A O   1 
HETATM 1589 O  O   . HOH E 5 .   ? 5.675   4.003   -9.936  1.00 33.16 ? 334 HOH A O   1 
HETATM 1590 O  O   . HOH E 5 .   ? -3.867  -5.565  -14.897 1.00 28.57 ? 335 HOH A O   1 
HETATM 1591 O  O   . HOH E 5 .   ? 1.724   -3.586  16.922  1.00 29.03 ? 336 HOH A O   1 
HETATM 1592 O  O   . HOH E 5 .   ? -17.790 -0.655  -3.961  1.00 28.63 ? 337 HOH A O   1 
HETATM 1593 O  O   . HOH E 5 .   ? -0.108  -20.197 8.574   1.00 30.94 ? 338 HOH A O   1 
HETATM 1594 O  O   . HOH E 5 .   ? 13.686  -3.536  -21.224 1.00 28.45 ? 339 HOH A O   1 
HETATM 1595 O  O   . HOH E 5 .   ? -5.033  3.352   -3.199  1.00 31.34 ? 340 HOH A O   1 
HETATM 1596 O  O   . HOH E 5 .   ? -9.623  -4.283  16.482  1.00 27.50 ? 341 HOH A O   1 
HETATM 1597 O  O   . HOH E 5 .   ? -2.657  0.432   17.133  1.00 29.43 ? 342 HOH A O   1 
HETATM 1598 O  O   . HOH E 5 .   ? -17.738 -10.868 -9.896  1.00 30.46 ? 343 HOH A O   1 
HETATM 1599 O  O   . HOH E 5 .   ? -11.826 -16.584 -2.069  1.00 39.79 ? 344 HOH A O   1 
HETATM 1600 O  O   . HOH E 5 .   ? -1.967  12.315  11.018  1.00 40.99 ? 345 HOH A O   1 
HETATM 1601 O  O   . HOH E 5 .   ? 12.637  -8.143  -21.731 1.00 30.13 ? 346 HOH A O   1 
HETATM 1602 O  O   . HOH E 5 .   ? -6.907  -21.363 -6.443  1.00 29.76 ? 347 HOH A O   1 
HETATM 1603 O  O   . HOH E 5 .   ? 16.684  -7.094  -1.083  1.00 34.66 ? 348 HOH A O   1 
HETATM 1604 O  O   . HOH E 5 .   ? -19.163 -7.005  -0.447  1.00 25.15 ? 349 HOH A O   1 
HETATM 1605 O  O   . HOH E 5 .   ? -6.801  -13.427 -11.178 1.00 20.84 ? 350 HOH A O   1 
HETATM 1606 O  O   . HOH E 5 .   ? 9.477   10.510  12.750  1.00 20.65 ? 351 HOH A O   1 
HETATM 1607 O  O   . HOH E 5 .   ? -3.688  -16.210 16.011  1.00 31.46 ? 352 HOH A O   1 
HETATM 1608 O  O   . HOH E 5 .   ? -3.843  -19.980 -9.054  1.00 28.66 ? 353 HOH A O   1 
HETATM 1609 O  O   . HOH E 5 .   ? -3.256  7.088   -2.004  1.00 29.67 ? 354 HOH A O   1 
HETATM 1610 O  O   . HOH E 5 .   ? -21.129 -3.145  1.820   1.00 31.79 ? 355 HOH A O   1 
HETATM 1611 O  O   . HOH E 5 .   ? 11.900  9.725   -6.241  1.00 29.97 ? 356 HOH A O   1 
HETATM 1612 O  O   . HOH E 5 .   ? -10.506 8.387   -3.935  1.00 35.01 ? 357 HOH A O   1 
HETATM 1613 O  O   . HOH E 5 .   ? 7.211   -11.422 2.573   1.00 30.46 ? 358 HOH A O   1 
HETATM 1614 O  O   . HOH E 5 .   ? -2.516  3.340   -4.454  1.00 28.24 ? 359 HOH A O   1 
HETATM 1615 O  O   . HOH E 5 .   ? 7.646   -11.247 12.491  1.00 37.65 ? 360 HOH A O   1 
HETATM 1616 O  O   . HOH E 5 .   ? 11.176  -0.845  6.984   1.00 28.90 ? 361 HOH A O   1 
HETATM 1617 O  O   . HOH E 5 .   ? -15.247 -13.478 -1.167  1.00 32.97 ? 362 HOH A O   1 
HETATM 1618 O  O   . HOH E 5 .   ? 16.431  -0.305  3.647   1.00 30.36 ? 363 HOH A O   1 
HETATM 1619 O  O   . HOH E 5 .   ? -21.153 -5.713  1.107   1.00 23.35 ? 364 HOH A O   1 
HETATM 1620 O  O   . HOH E 5 .   ? -1.463  -9.002  -16.910 1.00 30.52 ? 365 HOH A O   1 
HETATM 1621 O  O   . HOH E 5 .   ? -9.734  4.232   -6.945  1.00 31.82 ? 366 HOH A O   1 
HETATM 1622 O  O   . HOH E 5 .   ? -13.931 -14.657 -6.492  1.00 37.52 ? 367 HOH A O   1 
HETATM 1623 O  O   . HOH E 5 .   ? -6.801  -3.824  16.952  1.00 30.23 ? 368 HOH A O   1 
HETATM 1624 O  O   . HOH E 5 .   ? -4.606  -19.676 9.251   1.00 35.99 ? 369 HOH A O   1 
HETATM 1625 O  O   . HOH E 5 .   ? 7.018   17.239  2.457   1.00 27.41 ? 370 HOH A O   1 
HETATM 1626 O  O   . HOH E 5 .   ? 10.999  6.576   -17.538 1.00 31.77 ? 371 HOH A O   1 
HETATM 1627 O  O   . HOH E 5 .   ? -5.398  -9.321  -11.366 1.00 26.61 ? 372 HOH A O   1 
HETATM 1628 O  O   . HOH E 5 .   ? -1.968  2.924   -13.853 1.00 28.69 ? 373 HOH A O   1 
HETATM 1629 O  O   . HOH E 5 .   ? -7.928  6.245   -8.222  1.00 28.88 ? 374 HOH A O   1 
HETATM 1630 O  O   . HOH E 5 .   ? -18.224 -12.702 -5.979  1.00 34.44 ? 375 HOH A O   1 
HETATM 1631 O  O   . HOH E 5 .   ? 5.062   -1.206  15.758  1.00 30.93 ? 376 HOH A O   1 
HETATM 1632 O  O   . HOH E 5 .   ? 15.103  9.296   5.240   1.00 31.05 ? 377 HOH A O   1 
HETATM 1633 O  O   . HOH E 5 .   ? 18.689  1.220   -2.763  1.00 34.16 ? 378 HOH A O   1 
HETATM 1634 O  O   . HOH E 5 .   ? -4.488  -17.210 13.744  1.00 28.09 ? 379 HOH A O   1 
HETATM 1635 O  O   . HOH E 5 .   ? 4.427   -17.507 1.136   1.00 39.10 ? 380 HOH A O   1 
HETATM 1636 O  O   . HOH E 5 .   ? -14.338 -15.243 2.623   1.00 33.54 ? 381 HOH A O   1 
HETATM 1637 O  O   . HOH E 5 .   ? 13.823  -15.440 -1.520  1.00 31.07 ? 382 HOH A O   1 
HETATM 1638 O  O   . HOH E 5 .   ? 16.317  -1.168  -4.695  1.00 34.16 ? 383 HOH A O   1 
HETATM 1639 O  O   . HOH E 5 .   ? -5.064  13.223  0.027   1.00 32.99 ? 384 HOH A O   1 
HETATM 1640 O  O   . HOH E 5 .   ? -9.556  -6.473  -11.426 1.00 31.03 ? 385 HOH A O   1 
HETATM 1641 O  O   . HOH E 5 .   ? 5.414   -20.448 -11.261 1.00 28.32 ? 386 HOH A O   1 
HETATM 1642 O  O   . HOH E 5 .   ? -2.226  -19.362 -0.533  1.00 41.17 ? 387 HOH A O   1 
HETATM 1643 O  O   . HOH E 5 .   ? -0.235  14.148  -5.332  1.00 37.85 ? 388 HOH A O   1 
HETATM 1644 O  O   . HOH E 5 .   ? 5.204   2.868   17.012  1.00 35.16 ? 389 HOH A O   1 
HETATM 1645 O  O   . HOH E 5 .   ? 1.028   -15.601 -1.199  1.00 38.80 ? 390 HOH A O   1 
HETATM 1646 O  O   . HOH E 5 .   ? -20.871 -6.749  3.777   1.00 36.53 ? 391 HOH A O   1 
HETATM 1647 O  O   . HOH E 5 .   ? 9.114   7.723   12.836  1.00 33.94 ? 392 HOH A O   1 
HETATM 1648 O  O   . HOH E 5 .   ? 16.165  -4.833  -2.502  1.00 40.36 ? 393 HOH A O   1 
HETATM 1649 O  O   . HOH E 5 .   ? 7.378   7.087   14.940  1.00 38.93 ? 394 HOH A O   1 
HETATM 1650 O  O   . HOH E 5 .   ? -12.218 -7.130  -11.410 1.00 29.45 ? 395 HOH A O   1 
HETATM 1651 O  O   . HOH E 5 .   ? 16.032  -5.540  1.326   1.00 36.15 ? 396 HOH A O   1 
HETATM 1652 O  O   . HOH E 5 .   ? -14.478 -1.321  0.290   1.00 30.41 ? 397 HOH A O   1 
HETATM 1653 O  O   . HOH E 5 .   ? 14.883  -0.708  5.924   1.00 29.89 ? 398 HOH A O   1 
HETATM 1654 O  O   . HOH E 5 .   ? -14.425 22.227  0.216   1.00 38.69 ? 399 HOH A O   1 
HETATM 1655 O  O   . HOH E 5 .   ? -5.454  4.802   -6.857  1.00 42.93 ? 400 HOH A O   1 
HETATM 1656 O  O   . HOH E 5 .   ? 16.277  10.614  0.903   1.00 34.02 ? 401 HOH A O   1 
HETATM 1657 O  O   . HOH E 5 .   ? -13.729 1.267   -0.152  1.00 29.41 ? 402 HOH A O   1 
HETATM 1658 O  O   . HOH E 5 .   ? -3.121  8.486   -4.601  1.00 34.88 ? 403 HOH A O   1 
HETATM 1659 O  O   . HOH E 5 .   ? 11.174  -11.294 2.608   1.00 30.09 ? 404 HOH A O   1 
HETATM 1660 O  O   . HOH E 5 .   ? -13.696 22.202  -3.080  1.00 38.96 ? 405 HOH A O   1 
HETATM 1661 O  O   . HOH E 5 .   ? -6.346  -1.682  -14.262 1.00 29.88 ? 406 HOH A O   1 
HETATM 1662 O  O   . HOH E 5 .   ? 5.870   -16.214 3.062   1.00 37.61 ? 407 HOH A O   1 
HETATM 1663 O  O   . HOH E 5 .   ? 13.367  -13.092 0.116   1.00 27.48 ? 408 HOH A O   1 
HETATM 1664 O  O   . HOH E 5 .   ? 11.074  -9.465  9.113   1.00 36.95 ? 409 HOH A O   1 
HETATM 1665 O  O   . HOH E 5 .   ? 7.630   -15.580 1.011   1.00 42.47 ? 410 HOH A O   1 
HETATM 1666 O  O   . HOH E 5 .   ? 10.328  5.103   -10.653 1.00 34.55 ? 411 HOH A O   1 
HETATM 1667 O  O   . HOH E 5 .   ? 0.657   4.779   17.359  1.00 33.64 ? 412 HOH A O   1 
HETATM 1668 O  O   . HOH E 5 .   ? 9.762   18.621  -8.367  1.00 37.13 ? 413 HOH A O   1 
HETATM 1669 O  O   . HOH E 5 .   ? 12.193  -8.946  3.649   1.00 32.55 ? 414 HOH A O   1 
HETATM 1670 O  O   . HOH E 5 .   ? 3.522   13.553  12.241  1.00 26.70 ? 415 HOH A O   1 
HETATM 1671 O  O   . HOH E 5 .   ? -10.984 -11.564 15.549  1.00 35.00 ? 416 HOH A O   1 
HETATM 1672 O  O   . HOH E 5 .   ? 9.871   7.745   15.730  1.00 38.71 ? 417 HOH A O   1 
HETATM 1673 O  O   . HOH E 5 .   ? -0.924  6.715   11.326  1.00 28.49 ? 418 HOH A O   1 
HETATM 1674 O  O   . HOH E 5 .   ? 3.331   8.572   -6.586  1.00 27.63 ? 419 HOH A O   1 
HETATM 1675 O  O   . HOH E 5 .   ? -4.135  -9.405  -14.718 1.00 37.68 ? 420 HOH A O   1 
HETATM 1676 O  O   . HOH E 5 .   ? 3.746   -8.540  -17.755 1.00 28.36 ? 421 HOH A O   1 
HETATM 1677 O  O   . HOH E 5 .   ? 0.796   -9.337  -18.404 1.00 32.43 ? 422 HOH A O   1 
HETATM 1678 O  O   . HOH E 5 .   ? 3.871   7.333   -9.047  1.00 37.27 ? 423 HOH A O   1 
HETATM 1679 O  O   . HOH E 5 .   ? -12.092 -17.114 4.419   1.00 32.25 ? 424 HOH A O   1 
HETATM 1680 O  O   . HOH E 5 .   ? 8.933   17.372  -6.060  1.00 43.77 ? 425 HOH A O   1 
HETATM 1681 O  O   . HOH E 5 .   ? -2.088  7.591   16.628  1.00 35.49 ? 426 HOH A O   1 
HETATM 1682 O  O   . HOH E 5 .   ? 15.451  -4.249  -6.867  1.00 33.88 ? 427 HOH A O   1 
HETATM 1683 O  O   . HOH E 5 .   ? -0.298  5.708   -2.039  1.00 38.08 ? 428 HOH A O   1 
HETATM 1684 O  O   . HOH E 5 .   ? 11.991  -3.080  7.926   1.00 39.35 ? 429 HOH A O   1 
HETATM 1685 O  O   . HOH E 5 .   ? -8.801  1.225   21.528  1.00 42.94 ? 430 HOH A O   1 
HETATM 1686 O  O   . HOH E 5 .   ? -13.251 -16.707 -5.087  1.00 33.55 ? 431 HOH A O   1 
HETATM 1687 O  O   . HOH E 5 .   ? -0.657  18.474  0.424   1.00 40.59 ? 432 HOH A O   1 
HETATM 1688 O  O   . HOH E 5 .   ? 12.725  -4.999  4.336   1.00 35.13 ? 433 HOH A O   1 
HETATM 1689 O  O   . HOH E 5 .   ? 4.484   2.284   19.631  1.00 36.00 ? 434 HOH A O   1 
HETATM 1690 O  O   . HOH E 5 .   ? 0.472   -7.717  18.090  1.00 35.38 ? 435 HOH A O   1 
HETATM 1691 O  O   . HOH E 5 .   ? 12.134  14.580  -3.454  1.00 34.67 ? 436 HOH A O   1 
HETATM 1692 O  O   . HOH E 5 .   ? -2.261  5.921   -5.789  1.00 34.62 ? 437 HOH A O   1 
HETATM 1693 O  O   . HOH E 5 .   ? 5.791   -22.744 -12.836 1.00 31.31 ? 438 HOH A O   1 
HETATM 1694 O  O   . HOH E 5 .   ? -3.116  -11.975 16.707  1.00 37.85 ? 439 HOH A O   1 
HETATM 1695 O  O   . HOH E 5 .   ? 4.113   -11.853 -17.300 1.00 34.60 ? 440 HOH A O   1 
HETATM 1696 O  O   . HOH E 5 .   ? -8.335  -12.676 19.008  1.00 42.59 ? 441 HOH A O   1 
HETATM 1697 O  O   . HOH E 5 .   ? -25.851 -6.168  -3.594  1.00 42.39 ? 442 HOH A O   1 
HETATM 1698 O  O   . HOH E 5 .   ? -15.151 17.927  -0.781  1.00 33.13 ? 443 HOH A O   1 
HETATM 1699 O  O   . HOH E 5 .   ? -10.437 18.911  -6.433  1.00 41.08 ? 444 HOH A O   1 
HETATM 1700 O  O   . HOH E 5 .   ? 10.303  11.551  -5.361  1.00 36.58 ? 445 HOH A O   1 
HETATM 1701 O  O   . HOH E 5 .   ? 12.847  -5.486  8.754   1.00 40.99 ? 446 HOH A O   1 
HETATM 1702 O  O   . HOH E 5 .   ? -20.538 -11.159 -5.142  1.00 41.46 ? 447 HOH A O   1 
HETATM 1703 O  O   . HOH E 5 .   ? -2.512  13.298  -4.082  1.00 36.52 ? 448 HOH A O   1 
HETATM 1704 O  O   . HOH E 5 .   ? -5.993  6.595   -5.015  1.00 42.15 ? 449 HOH A O   1 
HETATM 1705 O  O   . HOH E 5 .   ? 11.616  16.307  -5.517  1.00 43.05 ? 450 HOH A O   1 
HETATM 1706 O  O   . HOH E 5 .   ? 14.536  -3.131  4.696   1.00 30.80 ? 451 HOH A O   1 
HETATM 1707 O  O   . HOH E 5 .   ? -7.246  7.688   16.086  1.00 31.81 ? 452 HOH A O   1 
HETATM 1708 O  O   . HOH E 5 .   ? -2.200  -8.440  18.185  1.00 39.70 ? 453 HOH A O   1 
HETATM 1709 O  O   . HOH E 5 .   ? -17.490 -8.639  9.174   1.00 36.33 ? 454 HOH A O   1 
HETATM 1710 O  O   . HOH E 5 .   ? -6.719  -19.829 -2.548  1.00 37.75 ? 455 HOH A O   1 
HETATM 1711 O  O   . HOH E 5 .   ? -4.232  7.681   -8.840  1.00 38.86 ? 456 HOH A O   1 
HETATM 1712 O  O   . HOH E 5 .   ? -7.781  5.271   17.149  1.00 33.15 ? 457 HOH A O   1 
HETATM 1713 O  O   . HOH E 5 .   ? 2.196   4.535   -11.675 1.00 43.19 ? 458 HOH A O   1 
HETATM 1714 O  O   . HOH E 5 .   ? 11.308  -15.303 -0.603  1.00 36.83 ? 459 HOH A O   1 
HETATM 1715 O  O   . HOH E 5 .   ? -4.170  0.862   -17.784 1.00 35.69 ? 460 HOH A O   1 
HETATM 1716 O  O   . HOH E 5 .   ? 17.441  -2.470  -6.700  1.00 33.82 ? 461 HOH A O   1 
HETATM 1717 O  O   . HOH E 5 .   ? -6.872  2.991   18.475  1.00 40.94 ? 462 HOH A O   1 
HETATM 1718 O  O   . HOH E 5 .   ? -10.604 -10.920 18.097  1.00 44.20 ? 463 HOH A O   1 
HETATM 1719 O  O   . HOH E 5 .   ? -8.468  0.040   -14.915 1.00 39.58 ? 464 HOH A O   1 
HETATM 1720 O  O   . HOH E 5 .   ? 9.889   -13.127 4.710   1.00 40.57 ? 465 HOH A O   1 
HETATM 1721 O  O   . HOH E 5 .   ? -4.330  -19.413 -12.864 1.00 32.05 ? 466 HOH A O   1 
HETATM 1722 O  O   . HOH E 5 .   ? -11.989 10.080  7.883   1.00 33.76 ? 467 HOH A O   1 
HETATM 1723 O  O   . HOH E 5 .   ? 8.843   12.289  10.976  1.00 29.96 ? 468 HOH A O   1 
HETATM 1724 O  O   . HOH E 5 .   ? -1.974  -20.411 -12.736 1.00 38.82 ? 469 HOH A O   1 
HETATM 1725 O  O   . HOH E 5 .   ? -7.185  14.419  11.511  1.00 32.39 ? 470 HOH A O   1 
HETATM 1726 O  O   . HOH E 5 .   ? -0.585  -13.413 -0.823  1.00 27.90 ? 471 HOH A O   1 
HETATM 1727 O  O   . HOH E 5 .   ? -0.676  15.546  -0.525  1.00 26.54 ? 472 HOH A O   1 
HETATM 1728 O  O   . HOH E 5 .   ? 7.169   -16.251 -2.180  1.00 32.67 ? 473 HOH A O   1 
HETATM 1729 O  O   . HOH E 5 .   ? 7.297   -12.994 4.418   1.00 31.96 ? 474 HOH A O   1 
HETATM 1730 O  O   . HOH E 5 .   ? -11.092 19.601  -4.132  1.00 48.93 ? 475 HOH A O   1 
HETATM 1731 O  O   . HOH E 5 .   ? -0.488  -19.934 11.104  1.00 43.51 ? 476 HOH A O   1 
HETATM 1732 O  O   . HOH E 5 .   ? 0.183   -17.853 -0.460  1.00 40.97 ? 477 HOH A O   1 
HETATM 1733 O  O   . HOH E 5 .   ? -0.806  -12.742 16.640  1.00 34.63 ? 478 HOH A O   1 
HETATM 1734 O  O   A HOH E 5 .   ? -15.799 -9.179  0.106   0.54 16.89 ? 479 HOH A O   1 
HETATM 1735 O  O   A HOH E 5 .   ? -18.013 -8.359  1.643   0.52 24.45 ? 480 HOH A O   1 
HETATM 1736 O  O   A HOH E 5 .   ? 5.612   12.358  10.843  0.49 15.70 ? 481 HOH A O   1 
HETATM 1737 O  O   A HOH E 5 .   ? 1.992   16.245  7.432   0.51 16.93 ? 482 HOH A O   1 
HETATM 1738 O  O   A HOH E 5 .   ? 2.166   15.085  10.123  0.59 22.23 ? 483 HOH A O   1 
HETATM 1739 O  O   A HOH E 5 .   ? 7.598   12.772  8.722   0.60 15.66 ? 484 HOH A O   1 
HETATM 1740 O  O   A HOH E 5 .   ? 0.582   20.087  -13.090 0.55 22.78 ? 485 HOH A O   1 
HETATM 1741 O  O   A HOH E 5 .   ? 0.056   22.816  -7.680  0.56 20.56 ? 486 HOH A O   1 
HETATM 1742 O  O   A HOH E 5 .   ? -1.806  22.561  -9.990  0.57 23.22 ? 487 HOH A O   1 
HETATM 1743 O  O   A HOH E 5 .   ? 9.012   21.297  -7.584  0.73 23.76 ? 488 HOH A O   1 
HETATM 1744 O  O   A HOH E 5 .   ? -1.766  20.915  -11.933 0.54 26.66 ? 489 HOH A O   1 
HETATM 1745 O  O   B HOH E 5 .   ? 2.610   11.632  10.003  0.45 13.47 ? 490 HOH A O   1 
HETATM 1746 O  O   B HOH E 5 .   ? -12.815 -11.981 -9.910  0.53 23.88 ? 491 HOH A O   1 
HETATM 1747 O  O   B HOH E 5 .   ? -12.278 -9.454  -9.876  0.58 18.31 ? 492 HOH A O   1 
HETATM 1748 O  O   B HOH E 5 .   ? -14.203 -12.635 2.948   0.50 13.74 ? 493 HOH A O   1 
# 
loop_
_pdbx_poly_seq_scheme.asym_id 
_pdbx_poly_seq_scheme.entity_id 
_pdbx_poly_seq_scheme.seq_id 
_pdbx_poly_seq_scheme.mon_id 
_pdbx_poly_seq_scheme.ndb_seq_num 
_pdbx_poly_seq_scheme.pdb_seq_num 
_pdbx_poly_seq_scheme.auth_seq_num 
_pdbx_poly_seq_scheme.pdb_mon_id 
_pdbx_poly_seq_scheme.auth_mon_id 
_pdbx_poly_seq_scheme.pdb_strand_id 
_pdbx_poly_seq_scheme.pdb_ins_code 
_pdbx_poly_seq_scheme.hetero 
A 1 1   THR 1   1   1   THR THR A . n 
A 1 2   VAL 2   2   2   VAL VAL A . n 
A 1 3   ALA 3   3   3   ALA ALA A . n 
A 1 4   TYR 4   4   4   TYR TYR A . n 
A 1 5   ILE 5   5   5   ILE ILE A . n 
A 1 6   ALA 6   6   6   ALA ALA A . n 
A 1 7   ILE 7   7   7   ILE ILE A . n 
A 1 8   GLY 8   8   8   GLY GLY A . n 
A 1 9   SER 9   9   9   SER SER A . n 
A 1 10  ASN 10  10  10  ASN ASN A . n 
A 1 11  LEU 11  11  11  LEU LEU A . n 
A 1 12  ALA 12  12  12  ALA ALA A . n 
A 1 13  SER 13  13  13  SER SER A . n 
A 1 14  PRO 14  14  14  PRO PRO A . n 
A 1 15  LEU 15  15  15  LEU LEU A . n 
A 1 16  GLU 16  16  16  GLU GLU A . n 
A 1 17  GLN 17  17  17  GLN GLN A . n 
A 1 18  VAL 18  18  18  VAL VAL A . n 
A 1 19  ASN 19  19  19  ASN ASN A . n 
A 1 20  ALA 20  20  20  ALA ALA A . n 
A 1 21  ALA 21  21  21  ALA ALA A . n 
A 1 22  LEU 22  22  22  LEU LEU A . n 
A 1 23  LYS 23  23  23  LYS LYS A . n 
A 1 24  ALA 24  24  24  ALA ALA A . n 
A 1 25  LEU 25  25  25  LEU LEU A . n 
A 1 26  GLY 26  26  26  GLY GLY A . n 
A 1 27  ASP 27  27  27  ASP ASP A . n 
A 1 28  ILE 28  28  28  ILE ILE A . n 
A 1 29  PRO 29  29  29  PRO PRO A . n 
A 1 30  GLU 30  30  30  GLU GLU A . n 
A 1 31  SER 31  31  31  SER SER A . n 
A 1 32  HIS 32  32  32  HIS HIS A . n 
A 1 33  ILE 33  33  33  ILE ILE A . n 
A 1 34  LEU 34  34  34  LEU LEU A . n 
A 1 35  THR 35  35  35  THR THR A . n 
A 1 36  VAL 36  36  36  VAL VAL A . n 
A 1 37  SER 37  37  37  SER SER A . n 
A 1 38  SER 38  38  38  SER SER A . n 
A 1 39  PHE 39  39  39  PHE PHE A . n 
A 1 40  TYR 40  40  40  TYR TYR A . n 
A 1 41  ARG 41  41  41  ARG ARG A . n 
A 1 42  THR 42  42  42  THR THR A . n 
A 1 43  PRO 43  43  43  PRO PRO A . n 
A 1 44  PRO 44  44  44  PRO PRO A . n 
A 1 45  LEU 45  45  45  LEU LEU A . n 
A 1 46  GLY 46  46  46  GLY GLY A . n 
A 1 47  PRO 47  47  47  PRO PRO A . n 
A 1 48  GLN 48  48  48  GLN GLN A . n 
A 1 49  ASP 49  49  49  ASP ASP A . n 
A 1 50  GLN 50  50  50  GLN GLN A . n 
A 1 51  PRO 51  51  51  PRO PRO A . n 
A 1 52  ASP 52  52  52  ASP ASP A . n 
A 1 53  TYR 53  53  53  TYR TYR A . n 
A 1 54  LEU 54  54  54  LEU LEU A . n 
A 1 55  ASN 55  55  55  ASN ASN A . n 
A 1 56  ALA 56  56  56  ALA ALA A . n 
A 1 57  ALA 57  57  57  ALA ALA A . n 
A 1 58  VAL 58  58  58  VAL VAL A . n 
A 1 59  ALA 59  59  59  ALA ALA A . n 
A 1 60  LEU 60  60  60  LEU LEU A . n 
A 1 61  GLU 61  61  61  GLU GLU A . n 
A 1 62  THR 62  62  62  THR THR A . n 
A 1 63  SER 63  63  63  SER SER A . n 
A 1 64  LEU 64  64  64  LEU LEU A . n 
A 1 65  ALA 65  65  65  ALA ALA A . n 
A 1 66  PRO 66  66  66  PRO PRO A . n 
A 1 67  GLU 67  67  67  GLU GLU A . n 
A 1 68  GLU 68  68  68  GLU GLU A . n 
A 1 69  LEU 69  69  69  LEU LEU A . n 
A 1 70  LEU 70  70  70  LEU LEU A . n 
A 1 71  ASN 71  71  71  ASN ASN A . n 
A 1 72  HIS 72  72  72  HIS HIS A . n 
A 1 73  THR 73  73  73  THR THR A . n 
A 1 74  GLN 74  74  74  GLN GLN A . n 
A 1 75  ARG 75  75  75  ARG ARG A . n 
A 1 76  ILE 76  76  76  ILE ILE A . n 
A 1 77  GLU 77  77  77  GLU GLU A . n 
A 1 78  LEU 78  78  78  LEU LEU A . n 
A 1 79  GLN 79  79  79  GLN GLN A . n 
A 1 80  GLN 80  80  80  GLN GLN A . n 
A 1 81  GLY 81  81  81  GLY GLY A . n 
A 1 82  ARG 82  82  82  ARG ARG A . n 
A 1 83  VAL 83  83  83  VAL VAL A . n 
A 1 84  ARG 84  84  84  ARG ARG A . n 
A 1 85  LYS 85  85  85  LYS LYS A . n 
A 1 86  ALA 86  86  86  ALA ALA A . n 
A 1 87  GLU 87  87  87  GLU GLU A . n 
A 1 88  ARG 88  88  88  ARG ARG A . n 
A 1 89  TRP 89  89  89  TRP TRP A . n 
A 1 90  GLY 90  90  90  GLY GLY A . n 
A 1 91  PRO 91  91  91  PRO PRO A . n 
A 1 92  ARG 92  92  92  ARG ARG A . n 
A 1 93  THR 93  93  93  THR THR A . n 
A 1 94  LEU 94  94  94  LEU LEU A . n 
A 1 95  ALA 95  95  95  ALA ALA A . n 
A 1 96  LEU 96  96  96  LEU LEU A . n 
A 1 97  ASP 97  97  97  ASP ASP A . n 
A 1 98  ILE 98  98  98  ILE ILE A . n 
A 1 99  MET 99  99  99  MET MET A . n 
A 1 100 LEU 100 100 100 LEU LEU A . n 
A 1 101 PHE 101 101 101 PHE PHE A . n 
A 1 102 GLY 102 102 102 GLY GLY A . n 
A 1 103 ASN 103 103 103 ASN ASN A . n 
A 1 104 GLU 104 104 104 GLU GLU A . n 
A 1 105 VAL 105 105 105 VAL VAL A . n 
A 1 106 ILE 106 106 106 ILE ILE A . n 
A 1 107 ASN 107 107 107 ASN ASN A . n 
A 1 108 THR 108 108 108 THR THR A . n 
A 1 109 GLU 109 109 109 GLU GLU A . n 
A 1 110 ARG 110 110 110 ARG ARG A . n 
A 1 111 LEU 111 111 111 LEU LEU A . n 
A 1 112 THR 112 112 112 THR THR A . n 
A 1 113 VAL 113 113 113 VAL VAL A . n 
A 1 114 PRO 114 114 114 PRO PRO A . n 
A 1 115 HIS 115 115 115 HIS HIS A . n 
A 1 116 TYR 116 116 116 TYR TYR A . n 
A 1 117 ASP 117 117 117 ASP ASP A . n 
A 1 118 MET 118 118 118 MET MET A . n 
A 1 119 LYS 119 119 119 LYS LYS A . n 
A 1 120 ASN 120 120 120 ASN ASN A . n 
A 1 121 ARG 121 121 121 ARG ARG A . n 
A 1 122 GLY 122 122 122 GLY GLY A . n 
A 1 123 PHE 123 123 123 PHE PHE A . n 
A 1 124 MET 124 124 124 MET MET A . n 
A 1 125 LEU 125 125 125 LEU LEU A . n 
A 1 126 TRP 126 126 126 TRP TRP A . n 
A 1 127 PRO 127 127 127 PRO PRO A . n 
A 1 128 LEU 128 128 128 LEU LEU A . n 
A 1 129 PHE 129 129 129 PHE PHE A . n 
A 1 130 GLU 130 130 130 GLU GLU A . n 
A 1 131 ILE 131 131 131 ILE ILE A . n 
A 1 132 ALA 132 132 132 ALA ALA A . n 
A 1 133 PRO 133 133 133 PRO PRO A . n 
A 1 134 GLU 134 134 134 GLU GLU A . n 
A 1 135 LEU 135 135 135 LEU LEU A . n 
A 1 136 VAL 136 136 136 VAL VAL A . n 
A 1 137 PHE 137 137 137 PHE PHE A . n 
A 1 138 PRO 138 138 138 PRO PRO A . n 
A 1 139 ASP 139 139 139 ASP ASP A . n 
A 1 140 GLY 140 140 140 GLY GLY A . n 
A 1 141 GLU 141 141 141 GLU GLU A . n 
A 1 142 MET 142 142 142 MET MET A . n 
A 1 143 LEU 143 143 143 LEU LEU A . n 
A 1 144 ARG 144 144 144 ARG ARG A . n 
A 1 145 GLN 145 145 145 GLN GLN A . n 
A 1 146 ILE 146 146 146 ILE ILE A . n 
A 1 147 LEU 147 147 147 LEU LEU A . n 
A 1 148 HIS 148 148 148 HIS HIS A . n 
A 1 149 THR 149 149 149 THR THR A . n 
A 1 150 ARG 150 150 150 ARG ARG A . n 
A 1 151 ALA 151 151 151 ALA ALA A . n 
A 1 152 PHE 152 152 152 PHE PHE A . n 
A 1 153 ASP 153 153 153 ASP ASP A . n 
A 1 154 LYS 154 154 154 LYS LYS A . n 
A 1 155 LEU 155 155 155 LEU LEU A . n 
A 1 156 ASN 156 156 156 ASN ASN A . n 
A 1 157 LYS 157 157 157 LYS LYS A . n 
A 1 158 TRP 158 158 158 TRP TRP A . n 
# 
loop_
_pdbx_nonpoly_scheme.asym_id 
_pdbx_nonpoly_scheme.entity_id 
_pdbx_nonpoly_scheme.mon_id 
_pdbx_nonpoly_scheme.ndb_seq_num 
_pdbx_nonpoly_scheme.pdb_seq_num 
_pdbx_nonpoly_scheme.auth_seq_num 
_pdbx_nonpoly_scheme.pdb_mon_id 
_pdbx_nonpoly_scheme.auth_mon_id 
_pdbx_nonpoly_scheme.pdb_strand_id 
_pdbx_nonpoly_scheme.pdb_ins_code 
B 2 CL  1   191 191 CL  CL  A . 
C 3 TRS 1   192 192 TRS TRS A . 
D 4 ACT 1   193 193 ACT ACT A . 
E 5 HOH 1   201 201 HOH HOH A . 
E 5 HOH 2   202 202 HOH HOH A . 
E 5 HOH 3   203 203 HOH HOH A . 
E 5 HOH 4   204 204 HOH HOH A . 
E 5 HOH 5   205 205 HOH HOH A . 
E 5 HOH 6   206 206 HOH HOH A . 
E 5 HOH 7   207 207 HOH HOH A . 
E 5 HOH 8   208 208 HOH HOH A . 
E 5 HOH 9   209 209 HOH HOH A . 
E 5 HOH 10  210 210 HOH HOH A . 
E 5 HOH 11  211 211 HOH HOH A . 
E 5 HOH 12  212 212 HOH HOH A . 
E 5 HOH 13  213 213 HOH HOH A . 
E 5 HOH 14  214 214 HOH HOH A . 
E 5 HOH 15  215 215 HOH HOH A . 
E 5 HOH 16  216 216 HOH HOH A . 
E 5 HOH 17  217 217 HOH HOH A . 
E 5 HOH 18  218 218 HOH HOH A . 
E 5 HOH 19  219 219 HOH HOH A . 
E 5 HOH 20  220 220 HOH HOH A . 
E 5 HOH 21  221 221 HOH HOH A . 
E 5 HOH 22  222 222 HOH HOH A . 
E 5 HOH 23  223 223 HOH HOH A . 
E 5 HOH 24  224 224 HOH HOH A . 
E 5 HOH 25  225 225 HOH HOH A . 
E 5 HOH 26  226 226 HOH HOH A . 
E 5 HOH 27  227 227 HOH HOH A . 
E 5 HOH 28  228 228 HOH HOH A . 
E 5 HOH 29  229 229 HOH HOH A . 
E 5 HOH 30  230 230 HOH HOH A . 
E 5 HOH 31  231 231 HOH HOH A . 
E 5 HOH 32  232 232 HOH HOH A . 
E 5 HOH 33  233 233 HOH HOH A . 
E 5 HOH 34  234 234 HOH HOH A . 
E 5 HOH 35  235 235 HOH HOH A . 
E 5 HOH 36  236 236 HOH HOH A . 
E 5 HOH 37  237 237 HOH HOH A . 
E 5 HOH 38  238 238 HOH HOH A . 
E 5 HOH 39  239 239 HOH HOH A . 
E 5 HOH 40  240 240 HOH HOH A . 
E 5 HOH 41  241 241 HOH HOH A . 
E 5 HOH 42  242 242 HOH HOH A . 
E 5 HOH 43  243 243 HOH HOH A . 
E 5 HOH 44  244 244 HOH HOH A . 
E 5 HOH 45  245 245 HOH HOH A . 
E 5 HOH 46  246 246 HOH HOH A . 
E 5 HOH 47  247 247 HOH HOH A . 
E 5 HOH 48  248 248 HOH HOH A . 
E 5 HOH 49  249 249 HOH HOH A . 
E 5 HOH 50  250 250 HOH HOH A . 
E 5 HOH 51  251 251 HOH HOH A . 
E 5 HOH 52  252 252 HOH HOH A . 
E 5 HOH 53  253 253 HOH HOH A . 
E 5 HOH 54  254 254 HOH HOH A . 
E 5 HOH 55  255 255 HOH HOH A . 
E 5 HOH 56  256 256 HOH HOH A . 
E 5 HOH 57  257 257 HOH HOH A . 
E 5 HOH 58  258 258 HOH HOH A . 
E 5 HOH 59  259 259 HOH HOH A . 
E 5 HOH 60  260 260 HOH HOH A . 
E 5 HOH 61  261 261 HOH HOH A . 
E 5 HOH 62  262 262 HOH HOH A . 
E 5 HOH 63  263 263 HOH HOH A . 
E 5 HOH 64  264 264 HOH HOH A . 
E 5 HOH 65  265 265 HOH HOH A . 
E 5 HOH 66  266 266 HOH HOH A . 
E 5 HOH 67  267 267 HOH HOH A . 
E 5 HOH 68  268 268 HOH HOH A . 
E 5 HOH 69  269 269 HOH HOH A . 
E 5 HOH 70  270 270 HOH HOH A . 
E 5 HOH 71  271 271 HOH HOH A . 
E 5 HOH 72  272 272 HOH HOH A . 
E 5 HOH 73  273 273 HOH HOH A . 
E 5 HOH 74  274 274 HOH HOH A . 
E 5 HOH 75  275 275 HOH HOH A . 
E 5 HOH 76  276 276 HOH HOH A . 
E 5 HOH 77  277 277 HOH HOH A . 
E 5 HOH 78  278 278 HOH HOH A . 
E 5 HOH 79  279 279 HOH HOH A . 
E 5 HOH 80  280 280 HOH HOH A . 
E 5 HOH 81  281 281 HOH HOH A . 
E 5 HOH 82  282 282 HOH HOH A . 
E 5 HOH 83  283 283 HOH HOH A . 
E 5 HOH 84  284 284 HOH HOH A . 
E 5 HOH 85  285 285 HOH HOH A . 
E 5 HOH 86  286 286 HOH HOH A . 
E 5 HOH 87  287 287 HOH HOH A . 
E 5 HOH 88  288 288 HOH HOH A . 
E 5 HOH 89  289 289 HOH HOH A . 
E 5 HOH 90  290 290 HOH HOH A . 
E 5 HOH 91  291 291 HOH HOH A . 
E 5 HOH 92  292 292 HOH HOH A . 
E 5 HOH 93  293 293 HOH HOH A . 
E 5 HOH 94  294 294 HOH HOH A . 
E 5 HOH 95  295 295 HOH HOH A . 
E 5 HOH 96  296 296 HOH HOH A . 
E 5 HOH 97  297 297 HOH HOH A . 
E 5 HOH 98  298 298 HOH HOH A . 
E 5 HOH 99  299 299 HOH HOH A . 
E 5 HOH 100 300 300 HOH HOH A . 
E 5 HOH 101 301 301 HOH HOH A . 
E 5 HOH 102 302 302 HOH HOH A . 
E 5 HOH 103 303 303 HOH HOH A . 
E 5 HOH 104 304 304 HOH HOH A . 
E 5 HOH 105 305 305 HOH HOH A . 
E 5 HOH 106 306 306 HOH HOH A . 
E 5 HOH 107 307 307 HOH HOH A . 
E 5 HOH 108 308 308 HOH HOH A . 
E 5 HOH 109 309 309 HOH HOH A . 
E 5 HOH 110 310 310 HOH HOH A . 
E 5 HOH 111 311 311 HOH HOH A . 
E 5 HOH 112 312 312 HOH HOH A . 
E 5 HOH 113 313 313 HOH HOH A . 
E 5 HOH 114 314 314 HOH HOH A . 
E 5 HOH 115 315 315 HOH HOH A . 
E 5 HOH 116 316 316 HOH HOH A . 
E 5 HOH 117 317 317 HOH HOH A . 
E 5 HOH 118 318 318 HOH HOH A . 
E 5 HOH 119 319 319 HOH HOH A . 
E 5 HOH 120 320 320 HOH HOH A . 
E 5 HOH 121 321 321 HOH HOH A . 
E 5 HOH 122 322 322 HOH HOH A . 
E 5 HOH 123 323 323 HOH HOH A . 
E 5 HOH 124 324 324 HOH HOH A . 
E 5 HOH 125 325 325 HOH HOH A . 
E 5 HOH 126 326 326 HOH HOH A . 
E 5 HOH 127 327 327 HOH HOH A . 
E 5 HOH 128 328 328 HOH HOH A . 
E 5 HOH 129 329 329 HOH HOH A . 
E 5 HOH 130 330 330 HOH HOH A . 
E 5 HOH 131 331 331 HOH HOH A . 
E 5 HOH 132 332 332 HOH HOH A . 
E 5 HOH 133 333 333 HOH HOH A . 
E 5 HOH 134 334 334 HOH HOH A . 
E 5 HOH 135 335 335 HOH HOH A . 
E 5 HOH 136 336 336 HOH HOH A . 
E 5 HOH 137 337 337 HOH HOH A . 
E 5 HOH 138 338 338 HOH HOH A . 
E 5 HOH 139 339 339 HOH HOH A . 
E 5 HOH 140 340 340 HOH HOH A . 
E 5 HOH 141 341 341 HOH HOH A . 
E 5 HOH 142 342 342 HOH HOH A . 
E 5 HOH 143 343 343 HOH HOH A . 
E 5 HOH 144 344 344 HOH HOH A . 
E 5 HOH 145 345 345 HOH HOH A . 
E 5 HOH 146 346 346 HOH HOH A . 
E 5 HOH 147 347 347 HOH HOH A . 
E 5 HOH 148 348 348 HOH HOH A . 
E 5 HOH 149 349 349 HOH HOH A . 
E 5 HOH 150 350 350 HOH HOH A . 
E 5 HOH 151 351 351 HOH HOH A . 
E 5 HOH 152 352 352 HOH HOH A . 
E 5 HOH 153 353 353 HOH HOH A . 
E 5 HOH 154 354 354 HOH HOH A . 
E 5 HOH 155 355 355 HOH HOH A . 
E 5 HOH 156 356 356 HOH HOH A . 
E 5 HOH 157 357 357 HOH HOH A . 
E 5 HOH 158 358 358 HOH HOH A . 
E 5 HOH 159 359 359 HOH HOH A . 
E 5 HOH 160 360 360 HOH HOH A . 
E 5 HOH 161 361 361 HOH HOH A . 
E 5 HOH 162 362 362 HOH HOH A . 
E 5 HOH 163 363 363 HOH HOH A . 
E 5 HOH 164 364 364 HOH HOH A . 
E 5 HOH 165 365 365 HOH HOH A . 
E 5 HOH 166 366 366 HOH HOH A . 
E 5 HOH 167 367 367 HOH HOH A . 
E 5 HOH 168 368 368 HOH HOH A . 
E 5 HOH 169 369 369 HOH HOH A . 
E 5 HOH 170 370 370 HOH HOH A . 
E 5 HOH 171 371 371 HOH HOH A . 
E 5 HOH 172 372 372 HOH HOH A . 
E 5 HOH 173 373 373 HOH HOH A . 
E 5 HOH 174 374 374 HOH HOH A . 
E 5 HOH 175 375 375 HOH HOH A . 
E 5 HOH 176 376 376 HOH HOH A . 
E 5 HOH 177 377 377 HOH HOH A . 
E 5 HOH 178 378 378 HOH HOH A . 
E 5 HOH 179 379 379 HOH HOH A . 
E 5 HOH 180 380 380 HOH HOH A . 
E 5 HOH 181 381 381 HOH HOH A . 
E 5 HOH 182 382 382 HOH HOH A . 
E 5 HOH 183 383 383 HOH HOH A . 
E 5 HOH 184 384 384 HOH HOH A . 
E 5 HOH 185 385 385 HOH HOH A . 
E 5 HOH 186 386 386 HOH HOH A . 
E 5 HOH 187 387 387 HOH HOH A . 
E 5 HOH 188 388 388 HOH HOH A . 
E 5 HOH 189 389 389 HOH HOH A . 
E 5 HOH 190 390 390 HOH HOH A . 
E 5 HOH 191 391 391 HOH HOH A . 
E 5 HOH 192 392 392 HOH HOH A . 
E 5 HOH 193 393 393 HOH HOH A . 
E 5 HOH 194 394 394 HOH HOH A . 
E 5 HOH 195 395 395 HOH HOH A . 
E 5 HOH 196 396 396 HOH HOH A . 
E 5 HOH 197 397 397 HOH HOH A . 
E 5 HOH 198 398 398 HOH HOH A . 
E 5 HOH 199 399 399 HOH HOH A . 
E 5 HOH 200 400 400 HOH HOH A . 
E 5 HOH 201 401 401 HOH HOH A . 
E 5 HOH 202 402 402 HOH HOH A . 
E 5 HOH 203 403 403 HOH HOH A . 
E 5 HOH 204 404 404 HOH HOH A . 
E 5 HOH 205 405 405 HOH HOH A . 
E 5 HOH 206 406 406 HOH HOH A . 
E 5 HOH 207 407 407 HOH HOH A . 
E 5 HOH 208 408 408 HOH HOH A . 
E 5 HOH 209 409 409 HOH HOH A . 
E 5 HOH 210 410 410 HOH HOH A . 
E 5 HOH 211 411 411 HOH HOH A . 
E 5 HOH 212 412 412 HOH HOH A . 
E 5 HOH 213 413 413 HOH HOH A . 
E 5 HOH 214 414 414 HOH HOH A . 
E 5 HOH 215 415 415 HOH HOH A . 
E 5 HOH 216 416 416 HOH HOH A . 
E 5 HOH 217 417 417 HOH HOH A . 
E 5 HOH 218 418 418 HOH HOH A . 
E 5 HOH 219 419 419 HOH HOH A . 
E 5 HOH 220 420 420 HOH HOH A . 
E 5 HOH 221 421 421 HOH HOH A . 
E 5 HOH 222 422 422 HOH HOH A . 
E 5 HOH 223 423 423 HOH HOH A . 
E 5 HOH 224 424 424 HOH HOH A . 
E 5 HOH 225 425 425 HOH HOH A . 
E 5 HOH 226 426 426 HOH HOH A . 
E 5 HOH 227 427 427 HOH HOH A . 
E 5 HOH 228 428 428 HOH HOH A . 
E 5 HOH 229 429 429 HOH HOH A . 
E 5 HOH 230 430 430 HOH HOH A . 
E 5 HOH 231 431 431 HOH HOH A . 
E 5 HOH 232 432 432 HOH HOH A . 
E 5 HOH 233 433 433 HOH HOH A . 
E 5 HOH 234 434 434 HOH HOH A . 
E 5 HOH 235 435 435 HOH HOH A . 
E 5 HOH 236 436 436 HOH HOH A . 
E 5 HOH 237 437 437 HOH HOH A . 
E 5 HOH 238 438 438 HOH HOH A . 
E 5 HOH 239 439 439 HOH HOH A . 
E 5 HOH 240 440 440 HOH HOH A . 
E 5 HOH 241 441 441 HOH HOH A . 
E 5 HOH 242 442 442 HOH HOH A . 
E 5 HOH 243 443 443 HOH HOH A . 
E 5 HOH 244 444 444 HOH HOH A . 
E 5 HOH 245 445 445 HOH HOH A . 
E 5 HOH 246 446 446 HOH HOH A . 
E 5 HOH 247 447 447 HOH HOH A . 
E 5 HOH 248 448 448 HOH HOH A . 
E 5 HOH 249 449 449 HOH HOH A . 
E 5 HOH 250 450 450 HOH HOH A . 
E 5 HOH 251 451 451 HOH HOH A . 
E 5 HOH 252 452 452 HOH HOH A . 
E 5 HOH 253 453 453 HOH HOH A . 
E 5 HOH 254 454 454 HOH HOH A . 
E 5 HOH 255 455 455 HOH HOH A . 
E 5 HOH 256 456 456 HOH HOH A . 
E 5 HOH 257 457 457 HOH HOH A . 
E 5 HOH 258 458 458 HOH HOH A . 
E 5 HOH 259 459 459 HOH HOH A . 
E 5 HOH 260 460 460 HOH HOH A . 
E 5 HOH 261 461 461 HOH HOH A . 
E 5 HOH 262 462 462 HOH HOH A . 
E 5 HOH 263 463 463 HOH HOH A . 
E 5 HOH 264 464 464 HOH HOH A . 
E 5 HOH 265 465 465 HOH HOH A . 
E 5 HOH 266 466 466 HOH HOH A . 
E 5 HOH 267 467 467 HOH HOH A . 
E 5 HOH 268 468 468 HOH HOH A . 
E 5 HOH 269 469 469 HOH HOH A . 
E 5 HOH 270 470 470 HOH HOH A . 
E 5 HOH 271 471 471 HOH HOH A . 
E 5 HOH 272 472 472 HOH HOH A . 
E 5 HOH 273 473 473 HOH HOH A . 
E 5 HOH 274 474 474 HOH HOH A . 
E 5 HOH 275 475 475 HOH HOH A . 
E 5 HOH 276 476 476 HOH HOH A . 
E 5 HOH 277 477 477 HOH HOH A . 
E 5 HOH 278 478 478 HOH HOH A . 
E 5 HOH 279 479 479 HOH HOH A . 
E 5 HOH 280 480 480 HOH HOH A . 
E 5 HOH 281 481 481 HOH HOH A . 
E 5 HOH 282 482 482 HOH HOH A . 
E 5 HOH 283 483 483 HOH HOH A . 
E 5 HOH 284 484 484 HOH HOH A . 
E 5 HOH 285 485 485 HOH HOH A . 
E 5 HOH 286 486 486 HOH HOH A . 
E 5 HOH 287 487 487 HOH HOH A . 
E 5 HOH 288 488 488 HOH HOH A . 
E 5 HOH 289 489 489 HOH HOH A . 
E 5 HOH 290 490 490 HOH HOH A . 
E 5 HOH 291 491 491 HOH HOH A . 
E 5 HOH 292 492 492 HOH HOH A . 
E 5 HOH 293 493 493 HOH HOH A . 
# 
_pdbx_struct_assembly.id                   1 
_pdbx_struct_assembly.details              author_and_software_defined_assembly 
_pdbx_struct_assembly.method_details       PISA 
_pdbx_struct_assembly.oligomeric_details   monomeric 
_pdbx_struct_assembly.oligomeric_count     1 
# 
_pdbx_struct_assembly_gen.assembly_id       1 
_pdbx_struct_assembly_gen.oper_expression   1 
_pdbx_struct_assembly_gen.asym_id_list      A,B,C,D,E 
# 
_pdbx_struct_oper_list.id                   1 
_pdbx_struct_oper_list.type                 'identity operation' 
_pdbx_struct_oper_list.name                 1_555 
_pdbx_struct_oper_list.symmetry_operation   x,y,z 
_pdbx_struct_oper_list.matrix[1][1]         1.0000000000 
_pdbx_struct_oper_list.matrix[1][2]         0.0000000000 
_pdbx_struct_oper_list.matrix[1][3]         0.0000000000 
_pdbx_struct_oper_list.vector[1]            0.0000000000 
_pdbx_struct_oper_list.matrix[2][1]         0.0000000000 
_pdbx_struct_oper_list.matrix[2][2]         1.0000000000 
_pdbx_struct_oper_list.matrix[2][3]         0.0000000000 
_pdbx_struct_oper_list.vector[2]            0.0000000000 
_pdbx_struct_oper_list.matrix[3][1]         0.0000000000 
_pdbx_struct_oper_list.matrix[3][2]         0.0000000000 
_pdbx_struct_oper_list.matrix[3][3]         1.0000000000 
_pdbx_struct_oper_list.vector[3]            0.0000000000 
# 
loop_
_pdbx_audit_revision_history.ordinal 
_pdbx_audit_revision_history.data_content_type 
_pdbx_audit_revision_history.major_revision 
_pdbx_audit_revision_history.minor_revision 
_pdbx_audit_revision_history.revision_date 
1 'Structure model' 1 0 2010-08-11 
2 'Structure model' 1 1 2011-07-13 
3 'Structure model' 1 2 2017-11-01 
4 'Structure model' 1 3 2021-10-13 
5 'Structure model' 1 4 2023-08-30 
6 'Structure model' 1 5 2023-09-06 
# 
_pdbx_audit_revision_details.ordinal             1 
_pdbx_audit_revision_details.revision_ordinal    1 
_pdbx_audit_revision_details.data_content_type   'Structure model' 
_pdbx_audit_revision_details.provider            repository 
_pdbx_audit_revision_details.type                'Initial release' 
_pdbx_audit_revision_details.description         ? 
_pdbx_audit_revision_details.details             ? 
# 
loop_
_pdbx_audit_revision_group.ordinal 
_pdbx_audit_revision_group.revision_ordinal 
_pdbx_audit_revision_group.data_content_type 
_pdbx_audit_revision_group.group 
1 2 'Structure model' 'Version format compliance' 
2 3 'Structure model' 'Refinement description'    
3 4 'Structure model' 'Database references'       
4 4 'Structure model' 'Derived calculations'      
5 5 'Structure model' 'Data collection'           
6 5 'Structure model' 'Database references'       
7 5 'Structure model' 'Structure summary'         
8 6 'Structure model' 'Refinement description'    
# 
loop_
_pdbx_audit_revision_category.ordinal 
_pdbx_audit_revision_category.revision_ordinal 
_pdbx_audit_revision_category.data_content_type 
_pdbx_audit_revision_category.category 
1 3 'Structure model' software                      
2 4 'Structure model' database_2                    
3 4 'Structure model' struct_ref_seq_dif            
4 4 'Structure model' struct_site                   
5 5 'Structure model' audit_author                  
6 5 'Structure model' chem_comp_atom                
7 5 'Structure model' chem_comp_bond                
8 5 'Structure model' citation_author               
9 6 'Structure model' pdbx_initial_refinement_model 
# 
loop_
_pdbx_audit_revision_item.ordinal 
_pdbx_audit_revision_item.revision_ordinal 
_pdbx_audit_revision_item.data_content_type 
_pdbx_audit_revision_item.item 
1 4 'Structure model' '_database_2.pdbx_DOI'                
2 4 'Structure model' '_database_2.pdbx_database_accession' 
3 4 'Structure model' '_struct_ref_seq_dif.details'         
4 4 'Structure model' '_struct_site.pdbx_auth_asym_id'      
5 4 'Structure model' '_struct_site.pdbx_auth_comp_id'      
6 4 'Structure model' '_struct_site.pdbx_auth_seq_id'       
7 5 'Structure model' '_audit_author.identifier_ORCID'      
8 5 'Structure model' '_citation_author.identifier_ORCID'   
# 
loop_
_software.pdbx_ordinal 
_software.name 
_software.version 
_software.date 
_software.type 
_software.contact_author 
_software.contact_author_email 
_software.classification 
_software.location 
_software.language 
_software.citation_id 
1 DENZO       .       ?               package 'Zbyszek Otwinowski' hkl@hkl-xray.com      'data reduction'  
http://www.hkl-xray.com/                  ?   ? 
2 SCALEPACK   .       ?               package 'Zbyszek Otwinowski' hkl@hkl-xray.com      'data scaling'    
http://www.hkl-xray.com/                  ?   ? 
3 PHENIX      .       ?               package 'Paul D. Adams'      PDAdams@lbl.gov       refinement        
http://www.phenix-online.org/             C++ ? 
4 PDB_EXTRACT 3.005   'June 11, 2008' package PDB                  help@deposit.rcsb.org 'data extraction' 
http://sw-tools.pdb.org/apps/PDB_EXTRACT/ C++ ? 
5 ADSC        Quantum ?               ?       ?                    ?                     'data collection' ? ?   ? 
6 CNS         .       ?               ?       ?                    ?                     phasing           ? ?   ? 
# 
_pdbx_validate_torsion.id              1 
_pdbx_validate_torsion.PDB_model_num   1 
_pdbx_validate_torsion.auth_comp_id    ALA 
_pdbx_validate_torsion.auth_asym_id    A 
_pdbx_validate_torsion.auth_seq_id     12 
_pdbx_validate_torsion.PDB_ins_code    ? 
_pdbx_validate_torsion.label_alt_id    B 
_pdbx_validate_torsion.phi             40.71 
_pdbx_validate_torsion.psi             -119.49 
# 
loop_
_chem_comp_atom.comp_id 
_chem_comp_atom.atom_id 
_chem_comp_atom.type_symbol 
_chem_comp_atom.pdbx_aromatic_flag 
_chem_comp_atom.pdbx_stereo_config 
_chem_comp_atom.pdbx_ordinal 
ACT C    C  N N 1   
ACT O    O  N N 2   
ACT OXT  O  N N 3   
ACT CH3  C  N N 4   
ACT H1   H  N N 5   
ACT H2   H  N N 6   
ACT H3   H  N N 7   
ALA N    N  N N 8   
ALA CA   C  N S 9   
ALA C    C  N N 10  
ALA O    O  N N 11  
ALA CB   C  N N 12  
ALA OXT  O  N N 13  
ALA H    H  N N 14  
ALA H2   H  N N 15  
ALA HA   H  N N 16  
ALA HB1  H  N N 17  
ALA HB2  H  N N 18  
ALA HB3  H  N N 19  
ALA HXT  H  N N 20  
ARG N    N  N N 21  
ARG CA   C  N S 22  
ARG C    C  N N 23  
ARG O    O  N N 24  
ARG CB   C  N N 25  
ARG CG   C  N N 26  
ARG CD   C  N N 27  
ARG NE   N  N N 28  
ARG CZ   C  N N 29  
ARG NH1  N  N N 30  
ARG NH2  N  N N 31  
ARG OXT  O  N N 32  
ARG H    H  N N 33  
ARG H2   H  N N 34  
ARG HA   H  N N 35  
ARG HB2  H  N N 36  
ARG HB3  H  N N 37  
ARG HG2  H  N N 38  
ARG HG3  H  N N 39  
ARG HD2  H  N N 40  
ARG HD3  H  N N 41  
ARG HE   H  N N 42  
ARG HH11 H  N N 43  
ARG HH12 H  N N 44  
ARG HH21 H  N N 45  
ARG HH22 H  N N 46  
ARG HXT  H  N N 47  
ASN N    N  N N 48  
ASN CA   C  N S 49  
ASN C    C  N N 50  
ASN O    O  N N 51  
ASN CB   C  N N 52  
ASN CG   C  N N 53  
ASN OD1  O  N N 54  
ASN ND2  N  N N 55  
ASN OXT  O  N N 56  
ASN H    H  N N 57  
ASN H2   H  N N 58  
ASN HA   H  N N 59  
ASN HB2  H  N N 60  
ASN HB3  H  N N 61  
ASN HD21 H  N N 62  
ASN HD22 H  N N 63  
ASN HXT  H  N N 64  
ASP N    N  N N 65  
ASP CA   C  N S 66  
ASP C    C  N N 67  
ASP O    O  N N 68  
ASP CB   C  N N 69  
ASP CG   C  N N 70  
ASP OD1  O  N N 71  
ASP OD2  O  N N 72  
ASP OXT  O  N N 73  
ASP H    H  N N 74  
ASP H2   H  N N 75  
ASP HA   H  N N 76  
ASP HB2  H  N N 77  
ASP HB3  H  N N 78  
ASP HD2  H  N N 79  
ASP HXT  H  N N 80  
CL  CL   CL N N 81  
GLN N    N  N N 82  
GLN CA   C  N S 83  
GLN C    C  N N 84  
GLN O    O  N N 85  
GLN CB   C  N N 86  
GLN CG   C  N N 87  
GLN CD   C  N N 88  
GLN OE1  O  N N 89  
GLN NE2  N  N N 90  
GLN OXT  O  N N 91  
GLN H    H  N N 92  
GLN H2   H  N N 93  
GLN HA   H  N N 94  
GLN HB2  H  N N 95  
GLN HB3  H  N N 96  
GLN HG2  H  N N 97  
GLN HG3  H  N N 98  
GLN HE21 H  N N 99  
GLN HE22 H  N N 100 
GLN HXT  H  N N 101 
GLU N    N  N N 102 
GLU CA   C  N S 103 
GLU C    C  N N 104 
GLU O    O  N N 105 
GLU CB   C  N N 106 
GLU CG   C  N N 107 
GLU CD   C  N N 108 
GLU OE1  O  N N 109 
GLU OE2  O  N N 110 
GLU OXT  O  N N 111 
GLU H    H  N N 112 
GLU H2   H  N N 113 
GLU HA   H  N N 114 
GLU HB2  H  N N 115 
GLU HB3  H  N N 116 
GLU HG2  H  N N 117 
GLU HG3  H  N N 118 
GLU HE2  H  N N 119 
GLU HXT  H  N N 120 
GLY N    N  N N 121 
GLY CA   C  N N 122 
GLY C    C  N N 123 
GLY O    O  N N 124 
GLY OXT  O  N N 125 
GLY H    H  N N 126 
GLY H2   H  N N 127 
GLY HA2  H  N N 128 
GLY HA3  H  N N 129 
GLY HXT  H  N N 130 
HIS N    N  N N 131 
HIS CA   C  N S 132 
HIS C    C  N N 133 
HIS O    O  N N 134 
HIS CB   C  N N 135 
HIS CG   C  Y N 136 
HIS ND1  N  Y N 137 
HIS CD2  C  Y N 138 
HIS CE1  C  Y N 139 
HIS NE2  N  Y N 140 
HIS OXT  O  N N 141 
HIS H    H  N N 142 
HIS H2   H  N N 143 
HIS HA   H  N N 144 
HIS HB2  H  N N 145 
HIS HB3  H  N N 146 
HIS HD1  H  N N 147 
HIS HD2  H  N N 148 
HIS HE1  H  N N 149 
HIS HE2  H  N N 150 
HIS HXT  H  N N 151 
HOH O    O  N N 152 
HOH H1   H  N N 153 
HOH H2   H  N N 154 
ILE N    N  N N 155 
ILE CA   C  N S 156 
ILE C    C  N N 157 
ILE O    O  N N 158 
ILE CB   C  N S 159 
ILE CG1  C  N N 160 
ILE CG2  C  N N 161 
ILE CD1  C  N N 162 
ILE OXT  O  N N 163 
ILE H    H  N N 164 
ILE H2   H  N N 165 
ILE HA   H  N N 166 
ILE HB   H  N N 167 
ILE HG12 H  N N 168 
ILE HG13 H  N N 169 
ILE HG21 H  N N 170 
ILE HG22 H  N N 171 
ILE HG23 H  N N 172 
ILE HD11 H  N N 173 
ILE HD12 H  N N 174 
ILE HD13 H  N N 175 
ILE HXT  H  N N 176 
LEU N    N  N N 177 
LEU CA   C  N S 178 
LEU C    C  N N 179 
LEU O    O  N N 180 
LEU CB   C  N N 181 
LEU CG   C  N N 182 
LEU CD1  C  N N 183 
LEU CD2  C  N N 184 
LEU OXT  O  N N 185 
LEU H    H  N N 186 
LEU H2   H  N N 187 
LEU HA   H  N N 188 
LEU HB2  H  N N 189 
LEU HB3  H  N N 190 
LEU HG   H  N N 191 
LEU HD11 H  N N 192 
LEU HD12 H  N N 193 
LEU HD13 H  N N 194 
LEU HD21 H  N N 195 
LEU HD22 H  N N 196 
LEU HD23 H  N N 197 
LEU HXT  H  N N 198 
LYS N    N  N N 199 
LYS CA   C  N S 200 
LYS C    C  N N 201 
LYS O    O  N N 202 
LYS CB   C  N N 203 
LYS CG   C  N N 204 
LYS CD   C  N N 205 
LYS CE   C  N N 206 
LYS NZ   N  N N 207 
LYS OXT  O  N N 208 
LYS H    H  N N 209 
LYS H2   H  N N 210 
LYS HA   H  N N 211 
LYS HB2  H  N N 212 
LYS HB3  H  N N 213 
LYS HG2  H  N N 214 
LYS HG3  H  N N 215 
LYS HD2  H  N N 216 
LYS HD3  H  N N 217 
LYS HE2  H  N N 218 
LYS HE3  H  N N 219 
LYS HZ1  H  N N 220 
LYS HZ2  H  N N 221 
LYS HZ3  H  N N 222 
LYS HXT  H  N N 223 
MET N    N  N N 224 
MET CA   C  N S 225 
MET C    C  N N 226 
MET O    O  N N 227 
MET CB   C  N N 228 
MET CG   C  N N 229 
MET SD   S  N N 230 
MET CE   C  N N 231 
MET OXT  O  N N 232 
MET H    H  N N 233 
MET H2   H  N N 234 
MET HA   H  N N 235 
MET HB2  H  N N 236 
MET HB3  H  N N 237 
MET HG2  H  N N 238 
MET HG3  H  N N 239 
MET HE1  H  N N 240 
MET HE2  H  N N 241 
MET HE3  H  N N 242 
MET HXT  H  N N 243 
PHE N    N  N N 244 
PHE CA   C  N S 245 
PHE C    C  N N 246 
PHE O    O  N N 247 
PHE CB   C  N N 248 
PHE CG   C  Y N 249 
PHE CD1  C  Y N 250 
PHE CD2  C  Y N 251 
PHE CE1  C  Y N 252 
PHE CE2  C  Y N 253 
PHE CZ   C  Y N 254 
PHE OXT  O  N N 255 
PHE H    H  N N 256 
PHE H2   H  N N 257 
PHE HA   H  N N 258 
PHE HB2  H  N N 259 
PHE HB3  H  N N 260 
PHE HD1  H  N N 261 
PHE HD2  H  N N 262 
PHE HE1  H  N N 263 
PHE HE2  H  N N 264 
PHE HZ   H  N N 265 
PHE HXT  H  N N 266 
PRO N    N  N N 267 
PRO CA   C  N S 268 
PRO C    C  N N 269 
PRO O    O  N N 270 
PRO CB   C  N N 271 
PRO CG   C  N N 272 
PRO CD   C  N N 273 
PRO OXT  O  N N 274 
PRO H    H  N N 275 
PRO HA   H  N N 276 
PRO HB2  H  N N 277 
PRO HB3  H  N N 278 
PRO HG2  H  N N 279 
PRO HG3  H  N N 280 
PRO HD2  H  N N 281 
PRO HD3  H  N N 282 
PRO HXT  H  N N 283 
SER N    N  N N 284 
SER CA   C  N S 285 
SER C    C  N N 286 
SER O    O  N N 287 
SER CB   C  N N 288 
SER OG   O  N N 289 
SER OXT  O  N N 290 
SER H    H  N N 291 
SER H2   H  N N 292 
SER HA   H  N N 293 
SER HB2  H  N N 294 
SER HB3  H  N N 295 
SER HG   H  N N 296 
SER HXT  H  N N 297 
THR N    N  N N 298 
THR CA   C  N S 299 
THR C    C  N N 300 
THR O    O  N N 301 
THR CB   C  N R 302 
THR OG1  O  N N 303 
THR CG2  C  N N 304 
THR OXT  O  N N 305 
THR H    H  N N 306 
THR H2   H  N N 307 
THR HA   H  N N 308 
THR HB   H  N N 309 
THR HG1  H  N N 310 
THR HG21 H  N N 311 
THR HG22 H  N N 312 
THR HG23 H  N N 313 
THR HXT  H  N N 314 
TRP N    N  N N 315 
TRP CA   C  N S 316 
TRP C    C  N N 317 
TRP O    O  N N 318 
TRP CB   C  N N 319 
TRP CG   C  Y N 320 
TRP CD1  C  Y N 321 
TRP CD2  C  Y N 322 
TRP NE1  N  Y N 323 
TRP CE2  C  Y N 324 
TRP CE3  C  Y N 325 
TRP CZ2  C  Y N 326 
TRP CZ3  C  Y N 327 
TRP CH2  C  Y N 328 
TRP OXT  O  N N 329 
TRP H    H  N N 330 
TRP H2   H  N N 331 
TRP HA   H  N N 332 
TRP HB2  H  N N 333 
TRP HB3  H  N N 334 
TRP HD1  H  N N 335 
TRP HE1  H  N N 336 
TRP HE3  H  N N 337 
TRP HZ2  H  N N 338 
TRP HZ3  H  N N 339 
TRP HH2  H  N N 340 
TRP HXT  H  N N 341 
TRS C    C  N N 342 
TRS C1   C  N N 343 
TRS C2   C  N N 344 
TRS C3   C  N N 345 
TRS N    N  N N 346 
TRS O1   O  N N 347 
TRS O2   O  N N 348 
TRS O3   O  N N 349 
TRS H11  H  N N 350 
TRS H12  H  N N 351 
TRS H21  H  N N 352 
TRS H22  H  N N 353 
TRS H31  H  N N 354 
TRS H32  H  N N 355 
TRS HN1  H  N N 356 
TRS HN2  H  N N 357 
TRS HN3  H  N N 358 
TRS HO1  H  N N 359 
TRS HO2  H  N N 360 
TRS HO3  H  N N 361 
TYR N    N  N N 362 
TYR CA   C  N S 363 
TYR C    C  N N 364 
TYR O    O  N N 365 
TYR CB   C  N N 366 
TYR CG   C  Y N 367 
TYR CD1  C  Y N 368 
TYR CD2  C  Y N 369 
TYR CE1  C  Y N 370 
TYR CE2  C  Y N 371 
TYR CZ   C  Y N 372 
TYR OH   O  N N 373 
TYR OXT  O  N N 374 
TYR H    H  N N 375 
TYR H2   H  N N 376 
TYR HA   H  N N 377 
TYR HB2  H  N N 378 
TYR HB3  H  N N 379 
TYR HD1  H  N N 380 
TYR HD2  H  N N 381 
TYR HE1  H  N N 382 
TYR HE2  H  N N 383 
TYR HH   H  N N 384 
TYR HXT  H  N N 385 
VAL N    N  N N 386 
VAL CA   C  N S 387 
VAL C    C  N N 388 
VAL O    O  N N 389 
VAL CB   C  N N 390 
VAL CG1  C  N N 391 
VAL CG2  C  N N 392 
VAL OXT  O  N N 393 
VAL H    H  N N 394 
VAL H2   H  N N 395 
VAL HA   H  N N 396 
VAL HB   H  N N 397 
VAL HG11 H  N N 398 
VAL HG12 H  N N 399 
VAL HG13 H  N N 400 
VAL HG21 H  N N 401 
VAL HG22 H  N N 402 
VAL HG23 H  N N 403 
VAL HXT  H  N N 404 
# 
loop_
_chem_comp_bond.comp_id 
_chem_comp_bond.atom_id_1 
_chem_comp_bond.atom_id_2 
_chem_comp_bond.value_order 
_chem_comp_bond.pdbx_aromatic_flag 
_chem_comp_bond.pdbx_stereo_config 
_chem_comp_bond.pdbx_ordinal 
ACT C   O    doub N N 1   
ACT C   OXT  sing N N 2   
ACT C   CH3  sing N N 3   
ACT CH3 H1   sing N N 4   
ACT CH3 H2   sing N N 5   
ACT CH3 H3   sing N N 6   
ALA N   CA   sing N N 7   
ALA N   H    sing N N 8   
ALA N   H2   sing N N 9   
ALA CA  C    sing N N 10  
ALA CA  CB   sing N N 11  
ALA CA  HA   sing N N 12  
ALA C   O    doub N N 13  
ALA C   OXT  sing N N 14  
ALA CB  HB1  sing N N 15  
ALA CB  HB2  sing N N 16  
ALA CB  HB3  sing N N 17  
ALA OXT HXT  sing N N 18  
ARG N   CA   sing N N 19  
ARG N   H    sing N N 20  
ARG N   H2   sing N N 21  
ARG CA  C    sing N N 22  
ARG CA  CB   sing N N 23  
ARG CA  HA   sing N N 24  
ARG C   O    doub N N 25  
ARG C   OXT  sing N N 26  
ARG CB  CG   sing N N 27  
ARG CB  HB2  sing N N 28  
ARG CB  HB3  sing N N 29  
ARG CG  CD   sing N N 30  
ARG CG  HG2  sing N N 31  
ARG CG  HG3  sing N N 32  
ARG CD  NE   sing N N 33  
ARG CD  HD2  sing N N 34  
ARG CD  HD3  sing N N 35  
ARG NE  CZ   sing N N 36  
ARG NE  HE   sing N N 37  
ARG CZ  NH1  sing N N 38  
ARG CZ  NH2  doub N N 39  
ARG NH1 HH11 sing N N 40  
ARG NH1 HH12 sing N N 41  
ARG NH2 HH21 sing N N 42  
ARG NH2 HH22 sing N N 43  
ARG OXT HXT  sing N N 44  
ASN N   CA   sing N N 45  
ASN N   H    sing N N 46  
ASN N   H2   sing N N 47  
ASN CA  C    sing N N 48  
ASN CA  CB   sing N N 49  
ASN CA  HA   sing N N 50  
ASN C   O    doub N N 51  
ASN C   OXT  sing N N 52  
ASN CB  CG   sing N N 53  
ASN CB  HB2  sing N N 54  
ASN CB  HB3  sing N N 55  
ASN CG  OD1  doub N N 56  
ASN CG  ND2  sing N N 57  
ASN ND2 HD21 sing N N 58  
ASN ND2 HD22 sing N N 59  
ASN OXT HXT  sing N N 60  
ASP N   CA   sing N N 61  
ASP N   H    sing N N 62  
ASP N   H2   sing N N 63  
ASP CA  C    sing N N 64  
ASP CA  CB   sing N N 65  
ASP CA  HA   sing N N 66  
ASP C   O    doub N N 67  
ASP C   OXT  sing N N 68  
ASP CB  CG   sing N N 69  
ASP CB  HB2  sing N N 70  
ASP CB  HB3  sing N N 71  
ASP CG  OD1  doub N N 72  
ASP CG  OD2  sing N N 73  
ASP OD2 HD2  sing N N 74  
ASP OXT HXT  sing N N 75  
GLN N   CA   sing N N 76  
GLN N   H    sing N N 77  
GLN N   H2   sing N N 78  
GLN CA  C    sing N N 79  
GLN CA  CB   sing N N 80  
GLN CA  HA   sing N N 81  
GLN C   O    doub N N 82  
GLN C   OXT  sing N N 83  
GLN CB  CG   sing N N 84  
GLN CB  HB2  sing N N 85  
GLN CB  HB3  sing N N 86  
GLN CG  CD   sing N N 87  
GLN CG  HG2  sing N N 88  
GLN CG  HG3  sing N N 89  
GLN CD  OE1  doub N N 90  
GLN CD  NE2  sing N N 91  
GLN NE2 HE21 sing N N 92  
GLN NE2 HE22 sing N N 93  
GLN OXT HXT  sing N N 94  
GLU N   CA   sing N N 95  
GLU N   H    sing N N 96  
GLU N   H2   sing N N 97  
GLU CA  C    sing N N 98  
GLU CA  CB   sing N N 99  
GLU CA  HA   sing N N 100 
GLU C   O    doub N N 101 
GLU C   OXT  sing N N 102 
GLU CB  CG   sing N N 103 
GLU CB  HB2  sing N N 104 
GLU CB  HB3  sing N N 105 
GLU CG  CD   sing N N 106 
GLU CG  HG2  sing N N 107 
GLU CG  HG3  sing N N 108 
GLU CD  OE1  doub N N 109 
GLU CD  OE2  sing N N 110 
GLU OE2 HE2  sing N N 111 
GLU OXT HXT  sing N N 112 
GLY N   CA   sing N N 113 
GLY N   H    sing N N 114 
GLY N   H2   sing N N 115 
GLY CA  C    sing N N 116 
GLY CA  HA2  sing N N 117 
GLY CA  HA3  sing N N 118 
GLY C   O    doub N N 119 
GLY C   OXT  sing N N 120 
GLY OXT HXT  sing N N 121 
HIS N   CA   sing N N 122 
HIS N   H    sing N N 123 
HIS N   H2   sing N N 124 
HIS CA  C    sing N N 125 
HIS CA  CB   sing N N 126 
HIS CA  HA   sing N N 127 
HIS C   O    doub N N 128 
HIS C   OXT  sing N N 129 
HIS CB  CG   sing N N 130 
HIS CB  HB2  sing N N 131 
HIS CB  HB3  sing N N 132 
HIS CG  ND1  sing Y N 133 
HIS CG  CD2  doub Y N 134 
HIS ND1 CE1  doub Y N 135 
HIS ND1 HD1  sing N N 136 
HIS CD2 NE2  sing Y N 137 
HIS CD2 HD2  sing N N 138 
HIS CE1 NE2  sing Y N 139 
HIS CE1 HE1  sing N N 140 
HIS NE2 HE2  sing N N 141 
HIS OXT HXT  sing N N 142 
HOH O   H1   sing N N 143 
HOH O   H2   sing N N 144 
ILE N   CA   sing N N 145 
ILE N   H    sing N N 146 
ILE N   H2   sing N N 147 
ILE CA  C    sing N N 148 
ILE CA  CB   sing N N 149 
ILE CA  HA   sing N N 150 
ILE C   O    doub N N 151 
ILE C   OXT  sing N N 152 
ILE CB  CG1  sing N N 153 
ILE CB  CG2  sing N N 154 
ILE CB  HB   sing N N 155 
ILE CG1 CD1  sing N N 156 
ILE CG1 HG12 sing N N 157 
ILE CG1 HG13 sing N N 158 
ILE CG2 HG21 sing N N 159 
ILE CG2 HG22 sing N N 160 
ILE CG2 HG23 sing N N 161 
ILE CD1 HD11 sing N N 162 
ILE CD1 HD12 sing N N 163 
ILE CD1 HD13 sing N N 164 
ILE OXT HXT  sing N N 165 
LEU N   CA   sing N N 166 
LEU N   H    sing N N 167 
LEU N   H2   sing N N 168 
LEU CA  C    sing N N 169 
LEU CA  CB   sing N N 170 
LEU CA  HA   sing N N 171 
LEU C   O    doub N N 172 
LEU C   OXT  sing N N 173 
LEU CB  CG   sing N N 174 
LEU CB  HB2  sing N N 175 
LEU CB  HB3  sing N N 176 
LEU CG  CD1  sing N N 177 
LEU CG  CD2  sing N N 178 
LEU CG  HG   sing N N 179 
LEU CD1 HD11 sing N N 180 
LEU CD1 HD12 sing N N 181 
LEU CD1 HD13 sing N N 182 
LEU CD2 HD21 sing N N 183 
LEU CD2 HD22 sing N N 184 
LEU CD2 HD23 sing N N 185 
LEU OXT HXT  sing N N 186 
LYS N   CA   sing N N 187 
LYS N   H    sing N N 188 
LYS N   H2   sing N N 189 
LYS CA  C    sing N N 190 
LYS CA  CB   sing N N 191 
LYS CA  HA   sing N N 192 
LYS C   O    doub N N 193 
LYS C   OXT  sing N N 194 
LYS CB  CG   sing N N 195 
LYS CB  HB2  sing N N 196 
LYS CB  HB3  sing N N 197 
LYS CG  CD   sing N N 198 
LYS CG  HG2  sing N N 199 
LYS CG  HG3  sing N N 200 
LYS CD  CE   sing N N 201 
LYS CD  HD2  sing N N 202 
LYS CD  HD3  sing N N 203 
LYS CE  NZ   sing N N 204 
LYS CE  HE2  sing N N 205 
LYS CE  HE3  sing N N 206 
LYS NZ  HZ1  sing N N 207 
LYS NZ  HZ2  sing N N 208 
LYS NZ  HZ3  sing N N 209 
LYS OXT HXT  sing N N 210 
MET N   CA   sing N N 211 
MET N   H    sing N N 212 
MET N   H2   sing N N 213 
MET CA  C    sing N N 214 
MET CA  CB   sing N N 215 
MET CA  HA   sing N N 216 
MET C   O    doub N N 217 
MET C   OXT  sing N N 218 
MET CB  CG   sing N N 219 
MET CB  HB2  sing N N 220 
MET CB  HB3  sing N N 221 
MET CG  SD   sing N N 222 
MET CG  HG2  sing N N 223 
MET CG  HG3  sing N N 224 
MET SD  CE   sing N N 225 
MET CE  HE1  sing N N 226 
MET CE  HE2  sing N N 227 
MET CE  HE3  sing N N 228 
MET OXT HXT  sing N N 229 
PHE N   CA   sing N N 230 
PHE N   H    sing N N 231 
PHE N   H2   sing N N 232 
PHE CA  C    sing N N 233 
PHE CA  CB   sing N N 234 
PHE CA  HA   sing N N 235 
PHE C   O    doub N N 236 
PHE C   OXT  sing N N 237 
PHE CB  CG   sing N N 238 
PHE CB  HB2  sing N N 239 
PHE CB  HB3  sing N N 240 
PHE CG  CD1  doub Y N 241 
PHE CG  CD2  sing Y N 242 
PHE CD1 CE1  sing Y N 243 
PHE CD1 HD1  sing N N 244 
PHE CD2 CE2  doub Y N 245 
PHE CD2 HD2  sing N N 246 
PHE CE1 CZ   doub Y N 247 
PHE CE1 HE1  sing N N 248 
PHE CE2 CZ   sing Y N 249 
PHE CE2 HE2  sing N N 250 
PHE CZ  HZ   sing N N 251 
PHE OXT HXT  sing N N 252 
PRO N   CA   sing N N 253 
PRO N   CD   sing N N 254 
PRO N   H    sing N N 255 
PRO CA  C    sing N N 256 
PRO CA  CB   sing N N 257 
PRO CA  HA   sing N N 258 
PRO C   O    doub N N 259 
PRO C   OXT  sing N N 260 
PRO CB  CG   sing N N 261 
PRO CB  HB2  sing N N 262 
PRO CB  HB3  sing N N 263 
PRO CG  CD   sing N N 264 
PRO CG  HG2  sing N N 265 
PRO CG  HG3  sing N N 266 
PRO CD  HD2  sing N N 267 
PRO CD  HD3  sing N N 268 
PRO OXT HXT  sing N N 269 
SER N   CA   sing N N 270 
SER N   H    sing N N 271 
SER N   H2   sing N N 272 
SER CA  C    sing N N 273 
SER CA  CB   sing N N 274 
SER CA  HA   sing N N 275 
SER C   O    doub N N 276 
SER C   OXT  sing N N 277 
SER CB  OG   sing N N 278 
SER CB  HB2  sing N N 279 
SER CB  HB3  sing N N 280 
SER OG  HG   sing N N 281 
SER OXT HXT  sing N N 282 
THR N   CA   sing N N 283 
THR N   H    sing N N 284 
THR N   H2   sing N N 285 
THR CA  C    sing N N 286 
THR CA  CB   sing N N 287 
THR CA  HA   sing N N 288 
THR C   O    doub N N 289 
THR C   OXT  sing N N 290 
THR CB  OG1  sing N N 291 
THR CB  CG2  sing N N 292 
THR CB  HB   sing N N 293 
THR OG1 HG1  sing N N 294 
THR CG2 HG21 sing N N 295 
THR CG2 HG22 sing N N 296 
THR CG2 HG23 sing N N 297 
THR OXT HXT  sing N N 298 
TRP N   CA   sing N N 299 
TRP N   H    sing N N 300 
TRP N   H2   sing N N 301 
TRP CA  C    sing N N 302 
TRP CA  CB   sing N N 303 
TRP CA  HA   sing N N 304 
TRP C   O    doub N N 305 
TRP C   OXT  sing N N 306 
TRP CB  CG   sing N N 307 
TRP CB  HB2  sing N N 308 
TRP CB  HB3  sing N N 309 
TRP CG  CD1  doub Y N 310 
TRP CG  CD2  sing Y N 311 
TRP CD1 NE1  sing Y N 312 
TRP CD1 HD1  sing N N 313 
TRP CD2 CE2  doub Y N 314 
TRP CD2 CE3  sing Y N 315 
TRP NE1 CE2  sing Y N 316 
TRP NE1 HE1  sing N N 317 
TRP CE2 CZ2  sing Y N 318 
TRP CE3 CZ3  doub Y N 319 
TRP CE3 HE3  sing N N 320 
TRP CZ2 CH2  doub Y N 321 
TRP CZ2 HZ2  sing N N 322 
TRP CZ3 CH2  sing Y N 323 
TRP CZ3 HZ3  sing N N 324 
TRP CH2 HH2  sing N N 325 
TRP OXT HXT  sing N N 326 
TRS C   C1   sing N N 327 
TRS C   C2   sing N N 328 
TRS C   C3   sing N N 329 
TRS C   N    sing N N 330 
TRS C1  O1   sing N N 331 
TRS C1  H11  sing N N 332 
TRS C1  H12  sing N N 333 
TRS C2  O2   sing N N 334 
TRS C2  H21  sing N N 335 
TRS C2  H22  sing N N 336 
TRS C3  O3   sing N N 337 
TRS C3  H31  sing N N 338 
TRS C3  H32  sing N N 339 
TRS N   HN1  sing N N 340 
TRS N   HN2  sing N N 341 
TRS N   HN3  sing N N 342 
TRS O1  HO1  sing N N 343 
TRS O2  HO2  sing N N 344 
TRS O3  HO3  sing N N 345 
TYR N   CA   sing N N 346 
TYR N   H    sing N N 347 
TYR N   H2   sing N N 348 
TYR CA  C    sing N N 349 
TYR CA  CB   sing N N 350 
TYR CA  HA   sing N N 351 
TYR C   O    doub N N 352 
TYR C   OXT  sing N N 353 
TYR CB  CG   sing N N 354 
TYR CB  HB2  sing N N 355 
TYR CB  HB3  sing N N 356 
TYR CG  CD1  doub Y N 357 
TYR CG  CD2  sing Y N 358 
TYR CD1 CE1  sing Y N 359 
TYR CD1 HD1  sing N N 360 
TYR CD2 CE2  doub Y N 361 
TYR CD2 HD2  sing N N 362 
TYR CE1 CZ   doub Y N 363 
TYR CE1 HE1  sing N N 364 
TYR CE2 CZ   sing Y N 365 
TYR CE2 HE2  sing N N 366 
TYR CZ  OH   sing N N 367 
TYR OH  HH   sing N N 368 
TYR OXT HXT  sing N N 369 
VAL N   CA   sing N N 370 
VAL N   H    sing N N 371 
VAL N   H2   sing N N 372 
VAL CA  C    sing N N 373 
VAL CA  CB   sing N N 374 
VAL CA  HA   sing N N 375 
VAL C   O    doub N N 376 
VAL C   OXT  sing N N 377 
VAL CB  CG1  sing N N 378 
VAL CB  CG2  sing N N 379 
VAL CB  HB   sing N N 380 
VAL CG1 HG11 sing N N 381 
VAL CG1 HG12 sing N N 382 
VAL CG1 HG13 sing N N 383 
VAL CG2 HG21 sing N N 384 
VAL CG2 HG22 sing N N 385 
VAL CG2 HG23 sing N N 386 
VAL OXT HXT  sing N N 387 
# 
loop_
_pdbx_entity_nonpoly.entity_id 
_pdbx_entity_nonpoly.name 
_pdbx_entity_nonpoly.comp_id 
2 'CHLORIDE ION'                           CL  
3 2-AMINO-2-HYDROXYMETHYL-PROPANE-1,3-DIOL TRS 
4 'ACETATE ION'                            ACT 
5 water                                    HOH 
# 
_pdbx_initial_refinement_model.id               1 
_pdbx_initial_refinement_model.entity_id_list   ? 
_pdbx_initial_refinement_model.type             'experimental model' 
_pdbx_initial_refinement_model.source_name      PDB 
_pdbx_initial_refinement_model.accession_code   1HKA 
_pdbx_initial_refinement_model.details          'PDB entry 1HKA' 
# 
